data_1NPO
# 
_entry.id   1NPO 
# 
_audit_conform.dict_name       mmcif_pdbx.dic 
_audit_conform.dict_version    5.398 
_audit_conform.dict_location   http://mmcif.pdb.org/dictionaries/ascii/mmcif_pdbx.dic 
# 
loop_
_database_2.database_id 
_database_2.database_code 
_database_2.pdbx_database_accession 
_database_2.pdbx_DOI 
PDB   1NPO         pdb_00001npo 10.2210/pdb1npo/pdb 
WWPDB D_1000175364 ?            ?                   
# 
loop_
_pdbx_audit_revision_history.ordinal 
_pdbx_audit_revision_history.data_content_type 
_pdbx_audit_revision_history.major_revision 
_pdbx_audit_revision_history.minor_revision 
_pdbx_audit_revision_history.revision_date 
1 'Structure model' 1 0 1997-02-12 
2 'Structure model' 1 1 2008-03-24 
3 'Structure model' 1 2 2011-07-13 
4 'Structure model' 1 3 2024-06-05 
5 'Structure model' 1 4 2024-10-30 
# 
_pdbx_audit_revision_details.ordinal             1 
_pdbx_audit_revision_details.revision_ordinal    1 
_pdbx_audit_revision_details.data_content_type   'Structure model' 
_pdbx_audit_revision_details.provider            repository 
_pdbx_audit_revision_details.type                'Initial release' 
_pdbx_audit_revision_details.description         ? 
_pdbx_audit_revision_details.details             ? 
# 
loop_
_pdbx_audit_revision_group.ordinal 
_pdbx_audit_revision_group.revision_ordinal 
_pdbx_audit_revision_group.data_content_type 
_pdbx_audit_revision_group.group 
1 2 'Structure model' 'Version format compliance' 
2 3 'Structure model' 'Version format compliance' 
3 4 'Structure model' 'Data collection'           
4 4 'Structure model' 'Database references'       
5 4 'Structure model' Other                       
6 5 'Structure model' 'Structure summary'         
# 
loop_
_pdbx_audit_revision_category.ordinal 
_pdbx_audit_revision_category.revision_ordinal 
_pdbx_audit_revision_category.data_content_type 
_pdbx_audit_revision_category.category 
1 4 'Structure model' chem_comp_atom            
2 4 'Structure model' chem_comp_bond            
3 4 'Structure model' database_2                
4 4 'Structure model' pdbx_database_status      
5 4 'Structure model' struct_ref_seq_dif        
6 5 'Structure model' pdbx_entry_details        
7 5 'Structure model' pdbx_modification_feature 
# 
loop_
_pdbx_audit_revision_item.ordinal 
_pdbx_audit_revision_item.revision_ordinal 
_pdbx_audit_revision_item.data_content_type 
_pdbx_audit_revision_item.item 
1 4 'Structure model' '_database_2.pdbx_DOI'                
2 4 'Structure model' '_database_2.pdbx_database_accession' 
3 4 'Structure model' '_pdbx_database_status.process_site'  
4 4 'Structure model' '_struct_ref_seq_dif.details'         
# 
_pdbx_database_status.status_code                     REL 
_pdbx_database_status.entry_id                        1NPO 
_pdbx_database_status.recvd_initial_deposition_date   1996-02-01 
_pdbx_database_status.deposit_site                    ? 
_pdbx_database_status.process_site                    BNL 
_pdbx_database_status.SG_entry                        . 
_pdbx_database_status.pdb_format_compatible           Y 
_pdbx_database_status.status_code_mr                  ? 
_pdbx_database_status.status_code_sf                  ? 
_pdbx_database_status.status_code_cs                  ? 
_pdbx_database_status.status_code_nmr_data            ? 
_pdbx_database_status.methods_development_category    ? 
# 
loop_
_audit_author.name 
_audit_author.pdbx_ordinal 
'Rose, J.P.'  1 
'Wang, B.-C.' 2 
# 
loop_
_citation.id 
_citation.title 
_citation.journal_abbrev 
_citation.journal_volume 
_citation.page_first 
_citation.page_last 
_citation.year 
_citation.journal_id_ASTM 
_citation.country 
_citation.journal_id_ISSN 
_citation.journal_id_CSD 
_citation.book_publisher 
_citation.pdbx_database_id_PubMed 
_citation.pdbx_database_id_DOI 
primary 'Crystal structure of the neurophysin-oxytocin complex.' Nat.Struct.Biol.       3   163  169 1996 NSBIEW US 1072-8368 2024 
? 8564543 10.1038/nsb0296-163 
1       
;Crystal Structure of a Bovine Neurophysin II Dipeptide Complex at 2.8 A Determined from the Single-Wavelength Anomalous Scattering Signal of an Incorporated Iodine Atom
;
Proc.Natl.Acad.Sci.USA 88  4240 ?   1991 PNASA6 US 0027-8424 0040 ? ?       ?                   
2       'Crystals of Modified Bovine Neurophysin II' Eur.J.Biochem.         174 145  ?   1988 EJBCAI IX 0014-2956 0262 ? ?       ? 
3       'Crystals of a Bovine Neurophysin II-Dipeptide Amide Complex' J.Mol.Biol.            127 241  ?   1979 JMOBAK UK 0022-2836 
0070 ? ?       ?                   
# 
loop_
_citation_author.citation_id 
_citation_author.name 
_citation_author.ordinal 
_citation_author.identifier_ORCID 
primary 'Rose, J.P.'         1  ? 
primary 'Wu, C.K.'           2  ? 
primary 'Hsiao, C.D.'        3  ? 
primary 'Breslow, E.'        4  ? 
primary 'Wang, B.C.'         5  ? 
1       'Chen, L.Q.'         6  ? 
1       'Rose, J.P.'         7  ? 
1       'Breslow, E.'        8  ? 
1       'Yang, D.'           9  ? 
1       'Chang, W.R.'        10 ? 
1       'Furey Junior, W.F.' 11 ? 
1       'Sax, M.'            12 ? 
1       'Wang, B.C.'         13 ? 
2       'Rose, J.P.'         14 ? 
2       'Yang, D.'           15 ? 
2       'Yoo, C.S.'          16 ? 
2       'Sax, M.'            17 ? 
2       'Breslow, E.'        18 ? 
2       'Wang, B.C.'         19 ? 
3       'Yoo, C.S.'          20 ? 
3       'Wang, B.C.'         21 ? 
3       'Sax, M.'            22 ? 
3       'Breslow, E.'        23 ? 
# 
loop_
_entity.id 
_entity.type 
_entity.src_method 
_entity.pdbx_description 
_entity.formula_weight 
_entity.pdbx_number_of_molecules 
_entity.pdbx_ec 
_entity.pdbx_mutation 
_entity.pdbx_fragment 
_entity.details 
1 polymer nat 'NEUROPHYSIN II' 9890.252 1 ? ? ? ? 
2 polymer man OXYTOCIN         1010.188 2 ? ? ? ? 
3 polymer nat 'NEUROPHYSIN II' 9832.150 1 ? ? ? ? 
# 
loop_
_entity_name_com.entity_id 
_entity_name_com.name 
1 BNPII 
2 OT    
3 BNPII 
# 
loop_
_entity_poly.entity_id 
_entity_poly.type 
_entity_poly.nstd_linkage 
_entity_poly.nstd_monomer 
_entity_poly.pdbx_seq_one_letter_code 
_entity_poly.pdbx_seq_one_letter_code_can 
_entity_poly.pdbx_strand_id 
_entity_poly.pdbx_target_identifier 
1 'polypeptide(L)' no no 
;AMSDLELRQCLPCGPGGKGRCFGPSICCGDELGCFVGTAEALRCQEENYLPSPCQSGQKPCGSGGRCAAAGICCNDESCV
TEPECREGVGFPRRV
;
;AMSDLELRQCLPCGPGGKGRCFGPSICCGDELGCFVGTAEALRCQEENYLPSPCQSGQKPCGSGGRCAAAGICCNDESCV
TEPECREGVGFPRRV
;
A   ? 
2 'polypeptide(L)' no no CYIQNCPLG                                                                                          
CYIQNCPLG                                                                                          B,D ? 
3 'polypeptide(L)' no no 
;AMSDLELRQCLPCGPGGAGRCFGPSICCGDELGCFVGTAEALRCQEENYLPSPCQSGQKPCGSGGRCAAAGICCNDESCV
TEPECREGVGFPRRV
;
;AMSDLELRQCLPCGPGGAGRCFGPSICCGDELGCFVGTAEALRCQEENYLPSPCQSGQKPCGSGGRCAAAGICCNDESCV
TEPECREGVGFPRRV
;
C   ? 
# 
loop_
_entity_poly_seq.entity_id 
_entity_poly_seq.num 
_entity_poly_seq.mon_id 
_entity_poly_seq.hetero 
1 1  ALA n 
1 2  MET n 
1 3  SER n 
1 4  ASP n 
1 5  LEU n 
1 6  GLU n 
1 7  LEU n 
1 8  ARG n 
1 9  GLN n 
1 10 CYS n 
1 11 LEU n 
1 12 PRO n 
1 13 CYS n 
1 14 GLY n 
1 15 PRO n 
1 16 GLY n 
1 17 GLY n 
1 18 LYS n 
1 19 GLY n 
1 20 ARG n 
1 21 CYS n 
1 22 PHE n 
1 23 GLY n 
1 24 PRO n 
1 25 SER n 
1 26 ILE n 
1 27 CYS n 
1 28 CYS n 
1 29 GLY n 
1 30 ASP n 
1 31 GLU n 
1 32 LEU n 
1 33 GLY n 
1 34 CYS n 
1 35 PHE n 
1 36 VAL n 
1 37 GLY n 
1 38 THR n 
1 39 ALA n 
1 40 GLU n 
1 41 ALA n 
1 42 LEU n 
1 43 ARG n 
1 44 CYS n 
1 45 GLN n 
1 46 GLU n 
1 47 GLU n 
1 48 ASN n 
1 49 TYR n 
1 50 LEU n 
1 51 PRO n 
1 52 SER n 
1 53 PRO n 
1 54 CYS n 
1 55 GLN n 
1 56 SER n 
1 57 GLY n 
1 58 GLN n 
1 59 LYS n 
1 60 PRO n 
1 61 CYS n 
1 62 GLY n 
1 63 SER n 
1 64 GLY n 
1 65 GLY n 
1 66 ARG n 
1 67 CYS n 
1 68 ALA n 
1 69 ALA n 
1 70 ALA n 
1 71 GLY n 
1 72 ILE n 
1 73 CYS n 
1 74 CYS n 
1 75 ASN n 
1 76 ASP n 
1 77 GLU n 
1 78 SER n 
1 79 CYS n 
1 80 VAL n 
1 81 THR n 
1 82 GLU n 
1 83 PRO n 
1 84 GLU n 
1 85 CYS n 
1 86 ARG n 
1 87 GLU n 
1 88 GLY n 
1 89 VAL n 
1 90 GLY n 
1 91 PHE n 
1 92 PRO n 
1 93 ARG n 
1 94 ARG n 
1 95 VAL n 
2 1  CYS n 
2 2  TYR n 
2 3  ILE n 
2 4  GLN n 
2 5  ASN n 
2 6  CYS n 
2 7  PRO n 
2 8  LEU n 
2 9  GLY n 
3 1  ALA n 
3 2  MET n 
3 3  SER n 
3 4  ASP n 
3 5  LEU n 
3 6  GLU n 
3 7  LEU n 
3 8  ARG n 
3 9  GLN n 
3 10 CYS n 
3 11 LEU n 
3 12 PRO n 
3 13 CYS n 
3 14 GLY n 
3 15 PRO n 
3 16 GLY n 
3 17 GLY n 
3 18 ALA n 
3 19 GLY n 
3 20 ARG n 
3 21 CYS n 
3 22 PHE n 
3 23 GLY n 
3 24 PRO n 
3 25 SER n 
3 26 ILE n 
3 27 CYS n 
3 28 CYS n 
3 29 GLY n 
3 30 ASP n 
3 31 GLU n 
3 32 LEU n 
3 33 GLY n 
3 34 CYS n 
3 35 PHE n 
3 36 VAL n 
3 37 GLY n 
3 38 THR n 
3 39 ALA n 
3 40 GLU n 
3 41 ALA n 
3 42 LEU n 
3 43 ARG n 
3 44 CYS n 
3 45 GLN n 
3 46 GLU n 
3 47 GLU n 
3 48 ASN n 
3 49 TYR n 
3 50 LEU n 
3 51 PRO n 
3 52 SER n 
3 53 PRO n 
3 54 CYS n 
3 55 GLN n 
3 56 SER n 
3 57 GLY n 
3 58 GLN n 
3 59 LYS n 
3 60 PRO n 
3 61 CYS n 
3 62 GLY n 
3 63 SER n 
3 64 GLY n 
3 65 GLY n 
3 66 ARG n 
3 67 CYS n 
3 68 ALA n 
3 69 ALA n 
3 70 ALA n 
3 71 GLY n 
3 72 ILE n 
3 73 CYS n 
3 74 CYS n 
3 75 ASN n 
3 76 ASP n 
3 77 GLU n 
3 78 SER n 
3 79 CYS n 
3 80 VAL n 
3 81 THR n 
3 82 GLU n 
3 83 PRO n 
3 84 GLU n 
3 85 CYS n 
3 86 ARG n 
3 87 GLU n 
3 88 GLY n 
3 89 VAL n 
3 90 GLY n 
3 91 PHE n 
3 92 PRO n 
3 93 ARG n 
3 94 ARG n 
3 95 VAL n 
# 
loop_
_entity_src_nat.entity_id 
_entity_src_nat.pdbx_src_id 
_entity_src_nat.pdbx_alt_source_flag 
_entity_src_nat.pdbx_beg_seq_num 
_entity_src_nat.pdbx_end_seq_num 
_entity_src_nat.common_name 
_entity_src_nat.pdbx_organism_scientific 
_entity_src_nat.pdbx_ncbi_taxonomy_id 
_entity_src_nat.genus 
_entity_src_nat.species 
_entity_src_nat.strain 
_entity_src_nat.tissue 
_entity_src_nat.tissue_fraction 
_entity_src_nat.pdbx_secretion 
_entity_src_nat.pdbx_fragment 
_entity_src_nat.pdbx_variant 
_entity_src_nat.pdbx_cell_line 
_entity_src_nat.pdbx_atcc 
_entity_src_nat.pdbx_cellular_location 
_entity_src_nat.pdbx_organ 
_entity_src_nat.pdbx_organelle 
_entity_src_nat.pdbx_cell 
_entity_src_nat.pdbx_plasmid_name 
_entity_src_nat.pdbx_plasmid_details 
_entity_src_nat.details 
1 1 sample ? ? cattle 'Bos taurus' 9913 Bos ? ? ? ? ? ? ? ? ? ? 'POSTERIOR PITUITARY GLAND' ? ? ? ? ? 
3 1 sample ? ? cattle 'Bos taurus' 9913 Bos ? ? ? ? ? ? ? ? ? ? 'POSTERIOR PITUITARY GLAND' ? ? ? ? ? 
# 
loop_
_chem_comp.id 
_chem_comp.type 
_chem_comp.mon_nstd_flag 
_chem_comp.name 
_chem_comp.pdbx_synonyms 
_chem_comp.formula 
_chem_comp.formula_weight 
ALA 'L-peptide linking' y ALANINE         ? 'C3 H7 N O2'     89.093  
ARG 'L-peptide linking' y ARGININE        ? 'C6 H15 N4 O2 1' 175.209 
ASN 'L-peptide linking' y ASPARAGINE      ? 'C4 H8 N2 O3'    132.118 
ASP 'L-peptide linking' y 'ASPARTIC ACID' ? 'C4 H7 N O4'     133.103 
CYS 'L-peptide linking' y CYSTEINE        ? 'C3 H7 N O2 S'   121.158 
GLN 'L-peptide linking' y GLUTAMINE       ? 'C5 H10 N2 O3'   146.144 
GLU 'L-peptide linking' y 'GLUTAMIC ACID' ? 'C5 H9 N O4'     147.129 
GLY 'peptide linking'   y GLYCINE         ? 'C2 H5 N O2'     75.067  
ILE 'L-peptide linking' y ISOLEUCINE      ? 'C6 H13 N O2'    131.173 
LEU 'L-peptide linking' y LEUCINE         ? 'C6 H13 N O2'    131.173 
LYS 'L-peptide linking' y LYSINE          ? 'C6 H15 N2 O2 1' 147.195 
MET 'L-peptide linking' y METHIONINE      ? 'C5 H11 N O2 S'  149.211 
PHE 'L-peptide linking' y PHENYLALANINE   ? 'C9 H11 N O2'    165.189 
PRO 'L-peptide linking' y PROLINE         ? 'C5 H9 N O2'     115.130 
SER 'L-peptide linking' y SERINE          ? 'C3 H7 N O3'     105.093 
THR 'L-peptide linking' y THREONINE       ? 'C4 H9 N O3'     119.119 
TYR 'L-peptide linking' y TYROSINE        ? 'C9 H11 N O3'    181.189 
VAL 'L-peptide linking' y VALINE          ? 'C5 H11 N O2'    117.146 
# 
loop_
_pdbx_poly_seq_scheme.asym_id 
_pdbx_poly_seq_scheme.entity_id 
_pdbx_poly_seq_scheme.seq_id 
_pdbx_poly_seq_scheme.mon_id 
_pdbx_poly_seq_scheme.ndb_seq_num 
_pdbx_poly_seq_scheme.pdb_seq_num 
_pdbx_poly_seq_scheme.auth_seq_num 
_pdbx_poly_seq_scheme.pdb_mon_id 
_pdbx_poly_seq_scheme.auth_mon_id 
_pdbx_poly_seq_scheme.pdb_strand_id 
_pdbx_poly_seq_scheme.pdb_ins_code 
_pdbx_poly_seq_scheme.hetero 
A 1 1  ALA 1  1  ?  ?   ?   A . n 
A 1 2  MET 2  2  ?  ?   ?   A . n 
A 1 3  SER 3  3  ?  ?   ?   A . n 
A 1 4  ASP 4  4  ?  ?   ?   A . n 
A 1 5  LEU 5  5  5  LEU LEU A . n 
A 1 6  GLU 6  6  6  GLU GLU A . n 
A 1 7  LEU 7  7  7  LEU LEU A . n 
A 1 8  ARG 8  8  8  ARG ARG A . n 
A 1 9  GLN 9  9  9  GLN GLN A . n 
A 1 10 CYS 10 10 10 CYS CYS A . n 
A 1 11 LEU 11 11 11 LEU LEU A . n 
A 1 12 PRO 12 12 12 PRO PRO A . n 
A 1 13 CYS 13 13 13 CYS CYS A . n 
A 1 14 GLY 14 14 14 GLY GLY A . n 
A 1 15 PRO 15 15 15 PRO PRO A . n 
A 1 16 GLY 16 16 16 GLY GLY A . n 
A 1 17 GLY 17 17 17 GLY GLY A . n 
A 1 18 LYS 18 18 18 LYS LYS A . n 
A 1 19 GLY 19 19 19 GLY GLY A . n 
A 1 20 ARG 20 20 20 ARG ARG A . n 
A 1 21 CYS 21 21 21 CYS CYS A . n 
A 1 22 PHE 22 22 22 PHE PHE A . n 
A 1 23 GLY 23 23 23 GLY GLY A . n 
A 1 24 PRO 24 24 24 PRO PRO A . n 
A 1 25 SER 25 25 25 SER SER A . n 
A 1 26 ILE 26 26 26 ILE ILE A . n 
A 1 27 CYS 27 27 27 CYS CYS A . n 
A 1 28 CYS 28 28 28 CYS CYS A . n 
A 1 29 GLY 29 29 29 GLY GLY A . n 
A 1 30 ASP 30 30 30 ASP ASP A . n 
A 1 31 GLU 31 31 31 GLU GLU A . n 
A 1 32 LEU 32 32 32 LEU LEU A . n 
A 1 33 GLY 33 33 33 GLY GLY A . n 
A 1 34 CYS 34 34 34 CYS CYS A . n 
A 1 35 PHE 35 35 35 PHE PHE A . n 
A 1 36 VAL 36 36 36 VAL VAL A . n 
A 1 37 GLY 37 37 37 GLY GLY A . n 
A 1 38 THR 38 38 38 THR THR A . n 
A 1 39 ALA 39 39 39 ALA ALA A . n 
A 1 40 GLU 40 40 40 GLU GLU A . n 
A 1 41 ALA 41 41 41 ALA ALA A . n 
A 1 42 LEU 42 42 42 LEU LEU A . n 
A 1 43 ARG 43 43 43 ARG ARG A . n 
A 1 44 CYS 44 44 44 CYS CYS A . n 
A 1 45 GLN 45 45 45 GLN GLN A . n 
A 1 46 GLU 46 46 46 GLU GLU A . n 
A 1 47 GLU 47 47 47 GLU GLU A . n 
A 1 48 ASN 48 48 48 ASN ASN A . n 
A 1 49 TYR 49 49 49 TYR TYR A . n 
A 1 50 LEU 50 50 50 LEU LEU A . n 
A 1 51 PRO 51 51 51 PRO PRO A . n 
A 1 52 SER 52 52 52 SER SER A . n 
A 1 53 PRO 53 53 53 PRO PRO A . n 
A 1 54 CYS 54 54 54 CYS CYS A . n 
A 1 55 GLN 55 55 55 GLN GLN A . n 
A 1 56 SER 56 56 56 SER SER A . n 
A 1 57 GLY 57 57 57 GLY GLY A . n 
A 1 58 GLN 58 58 58 GLN GLN A . n 
A 1 59 LYS 59 59 59 LYS LYS A . n 
A 1 60 PRO 60 60 60 PRO PRO A . n 
A 1 61 CYS 61 61 61 CYS CYS A . n 
A 1 62 GLY 62 62 62 GLY GLY A . n 
A 1 63 SER 63 63 63 SER SER A . n 
A 1 64 GLY 64 64 64 GLY GLY A . n 
A 1 65 GLY 65 65 65 GLY GLY A . n 
A 1 66 ARG 66 66 66 ARG ARG A . n 
A 1 67 CYS 67 67 67 CYS CYS A . n 
A 1 68 ALA 68 68 68 ALA ALA A . n 
A 1 69 ALA 69 69 69 ALA ALA A . n 
A 1 70 ALA 70 70 70 ALA ALA A . n 
A 1 71 GLY 71 71 71 GLY GLY A . n 
A 1 72 ILE 72 72 72 ILE ILE A . n 
A 1 73 CYS 73 73 73 CYS CYS A . n 
A 1 74 CYS 74 74 74 CYS CYS A . n 
A 1 75 ASN 75 75 75 ASN ASN A . n 
A 1 76 ASP 76 76 76 ASP ASP A . n 
A 1 77 GLU 77 77 77 GLU GLU A . n 
A 1 78 SER 78 78 78 SER SER A . n 
A 1 79 CYS 79 79 79 CYS CYS A . n 
A 1 80 VAL 80 80 80 VAL VAL A . n 
A 1 81 THR 81 81 81 THR THR A . n 
A 1 82 GLU 82 82 82 GLU GLU A . n 
A 1 83 PRO 83 83 83 PRO PRO A . n 
A 1 84 GLU 84 84 84 GLU GLU A . n 
A 1 85 CYS 85 85 85 CYS CYS A . n 
A 1 86 ARG 86 86 ?  ?   ?   A . n 
A 1 87 GLU 87 87 ?  ?   ?   A . n 
A 1 88 GLY 88 88 ?  ?   ?   A . n 
A 1 89 VAL 89 89 ?  ?   ?   A . n 
A 1 90 GLY 90 90 ?  ?   ?   A . n 
A 1 91 PHE 91 91 ?  ?   ?   A . n 
A 1 92 PRO 92 92 ?  ?   ?   A . n 
A 1 93 ARG 93 93 ?  ?   ?   A . n 
A 1 94 ARG 94 94 ?  ?   ?   A . n 
A 1 95 VAL 95 95 ?  ?   ?   A . n 
B 2 1  CYS 1  1  1  CYS CYS B . n 
B 2 2  TYR 2  2  2  TYR TYR B . n 
B 2 3  ILE 3  3  3  ILE ILE B . n 
B 2 4  GLN 4  4  4  GLN GLN B . n 
B 2 5  ASN 5  5  5  ASN ASN B . n 
B 2 6  CYS 6  6  6  CYS CYS B . n 
B 2 7  PRO 7  7  7  PRO PRO B . n 
B 2 8  LEU 8  8  8  LEU LEU B . n 
B 2 9  GLY 9  9  9  GLY GLY B . n 
C 3 1  ALA 1  1  ?  ?   ?   C . n 
C 3 2  MET 2  2  ?  ?   ?   C . n 
C 3 3  SER 3  3  ?  ?   ?   C . n 
C 3 4  ASP 4  4  ?  ?   ?   C . n 
C 3 5  LEU 5  5  ?  ?   ?   C . n 
C 3 6  GLU 6  6  ?  ?   ?   C . n 
C 3 7  LEU 7  7  7  LEU LEU C . n 
C 3 8  ARG 8  8  8  ARG ARG C . n 
C 3 9  GLN 9  9  9  GLN GLN C . n 
C 3 10 CYS 10 10 10 CYS CYS C . n 
C 3 11 LEU 11 11 11 LEU LEU C . n 
C 3 12 PRO 12 12 12 PRO PRO C . n 
C 3 13 CYS 13 13 13 CYS CYS C . n 
C 3 14 GLY 14 14 14 GLY GLY C . n 
C 3 15 PRO 15 15 15 PRO PRO C . n 
C 3 16 GLY 16 16 16 GLY GLY C . n 
C 3 17 GLY 17 17 17 GLY GLY C . n 
C 3 18 ALA 18 18 18 ALA ALA C . n 
C 3 19 GLY 19 19 19 GLY GLY C . n 
C 3 20 ARG 20 20 20 ARG ARG C . n 
C 3 21 CYS 21 21 21 CYS CYS C . n 
C 3 22 PHE 22 22 22 PHE PHE C . n 
C 3 23 GLY 23 23 23 GLY GLY C . n 
C 3 24 PRO 24 24 24 PRO PRO C . n 
C 3 25 SER 25 25 25 SER SER C . n 
C 3 26 ILE 26 26 26 ILE ILE C . n 
C 3 27 CYS 27 27 27 CYS CYS C . n 
C 3 28 CYS 28 28 28 CYS CYS C . n 
C 3 29 GLY 29 29 29 GLY GLY C . n 
C 3 30 ASP 30 30 30 ASP ASP C . n 
C 3 31 GLU 31 31 31 GLU GLU C . n 
C 3 32 LEU 32 32 32 LEU LEU C . n 
C 3 33 GLY 33 33 33 GLY GLY C . n 
C 3 34 CYS 34 34 34 CYS CYS C . n 
C 3 35 PHE 35 35 35 PHE PHE C . n 
C 3 36 VAL 36 36 36 VAL VAL C . n 
C 3 37 GLY 37 37 37 GLY GLY C . n 
C 3 38 THR 38 38 38 THR THR C . n 
C 3 39 ALA 39 39 39 ALA ALA C . n 
C 3 40 GLU 40 40 40 GLU GLU C . n 
C 3 41 ALA 41 41 41 ALA ALA C . n 
C 3 42 LEU 42 42 42 LEU LEU C . n 
C 3 43 ARG 43 43 43 ARG ARG C . n 
C 3 44 CYS 44 44 44 CYS CYS C . n 
C 3 45 GLN 45 45 45 GLN GLN C . n 
C 3 46 GLU 46 46 46 GLU GLU C . n 
C 3 47 GLU 47 47 47 GLU GLU C . n 
C 3 48 ASN 48 48 48 ASN ASN C . n 
C 3 49 TYR 49 49 49 TYR TYR C . n 
C 3 50 LEU 50 50 50 LEU LEU C . n 
C 3 51 PRO 51 51 51 PRO PRO C . n 
C 3 52 SER 52 52 52 SER SER C . n 
C 3 53 PRO 53 53 53 PRO PRO C . n 
C 3 54 CYS 54 54 54 CYS CYS C . n 
C 3 55 GLN 55 55 55 GLN GLN C . n 
C 3 56 SER 56 56 56 SER SER C . n 
C 3 57 GLY 57 57 57 GLY GLY C . n 
C 3 58 GLN 58 58 58 GLN GLN C . n 
C 3 59 LYS 59 59 59 LYS LYS C . n 
C 3 60 PRO 60 60 60 PRO PRO C . n 
C 3 61 CYS 61 61 61 CYS CYS C . n 
C 3 62 GLY 62 62 62 GLY GLY C . n 
C 3 63 SER 63 63 63 SER SER C . n 
C 3 64 GLY 64 64 64 GLY GLY C . n 
C 3 65 GLY 65 65 65 GLY GLY C . n 
C 3 66 ARG 66 66 66 ARG ARG C . n 
C 3 67 CYS 67 67 67 CYS CYS C . n 
C 3 68 ALA 68 68 68 ALA ALA C . n 
C 3 69 ALA 69 69 69 ALA ALA C . n 
C 3 70 ALA 70 70 70 ALA ALA C . n 
C 3 71 GLY 71 71 71 GLY GLY C . n 
C 3 72 ILE 72 72 72 ILE ILE C . n 
C 3 73 CYS 73 73 73 CYS CYS C . n 
C 3 74 CYS 74 74 74 CYS CYS C . n 
C 3 75 ASN 75 75 75 ASN ASN C . n 
C 3 76 ASP 76 76 76 ASP ASP C . n 
C 3 77 GLU 77 77 77 GLU GLU C . n 
C 3 78 SER 78 78 78 SER SER C . n 
C 3 79 CYS 79 79 79 CYS CYS C . n 
C 3 80 VAL 80 80 80 VAL VAL C . n 
C 3 81 THR 81 81 81 THR THR C . n 
C 3 82 GLU 82 82 82 GLU GLU C . n 
C 3 83 PRO 83 83 83 PRO PRO C . n 
C 3 84 GLU 84 84 84 GLU GLU C . n 
C 3 85 CYS 85 85 85 CYS CYS C . n 
C 3 86 ARG 86 86 ?  ?   ?   C . n 
C 3 87 GLU 87 87 ?  ?   ?   C . n 
C 3 88 GLY 88 88 ?  ?   ?   C . n 
C 3 89 VAL 89 89 ?  ?   ?   C . n 
C 3 90 GLY 90 90 ?  ?   ?   C . n 
C 3 91 PHE 91 91 ?  ?   ?   C . n 
C 3 92 PRO 92 92 ?  ?   ?   C . n 
C 3 93 ARG 93 93 ?  ?   ?   C . n 
C 3 94 ARG 94 94 ?  ?   ?   C . n 
C 3 95 VAL 95 95 ?  ?   ?   C . n 
D 2 1  CYS 1  1  1  CYS CYS D . n 
D 2 2  TYR 2  2  2  TYR TYR D . n 
D 2 3  ILE 3  3  3  ILE ILE D . n 
D 2 4  GLN 4  4  4  GLN GLN D . n 
D 2 5  ASN 5  5  5  ASN ASN D . n 
D 2 6  CYS 6  6  6  CYS CYS D . n 
D 2 7  PRO 7  7  7  PRO PRO D . n 
D 2 8  LEU 8  8  8  LEU LEU D . n 
D 2 9  GLY 9  9  9  GLY GLY D . n 
# 
loop_
_pdbx_unobs_or_zero_occ_atoms.id 
_pdbx_unobs_or_zero_occ_atoms.PDB_model_num 
_pdbx_unobs_or_zero_occ_atoms.polymer_flag 
_pdbx_unobs_or_zero_occ_atoms.occupancy_flag 
_pdbx_unobs_or_zero_occ_atoms.auth_asym_id 
_pdbx_unobs_or_zero_occ_atoms.auth_comp_id 
_pdbx_unobs_or_zero_occ_atoms.auth_seq_id 
_pdbx_unobs_or_zero_occ_atoms.PDB_ins_code 
_pdbx_unobs_or_zero_occ_atoms.auth_atom_id 
_pdbx_unobs_or_zero_occ_atoms.label_alt_id 
_pdbx_unobs_or_zero_occ_atoms.label_asym_id 
_pdbx_unobs_or_zero_occ_atoms.label_comp_id 
_pdbx_unobs_or_zero_occ_atoms.label_seq_id 
_pdbx_unobs_or_zero_occ_atoms.label_atom_id 
1 1 Y 1 A LYS 59 ? CG ? A LYS 59 CG 
2 1 Y 1 A LYS 59 ? CD ? A LYS 59 CD 
3 1 Y 1 A LYS 59 ? CE ? A LYS 59 CE 
4 1 Y 1 A LYS 59 ? NZ ? A LYS 59 NZ 
# 
loop_
_software.name 
_software.classification 
_software.version 
_software.citation_id 
_software.pdbx_ordinal 
XENGEN 'data collection' 2.0      ? 1 
X-PLOR 'model building'  3.1      ? 2 
X-PLOR refinement        3.1      ? 3 
XENGEN 'data reduction'  'V. 2.0' ? 4 
X-PLOR phasing           3.1      ? 5 
# 
_cell.entry_id           1NPO 
_cell.length_a           69.050 
_cell.length_b           69.050 
_cell.length_c           113.260 
_cell.angle_alpha        90.00 
_cell.angle_beta         90.00 
_cell.angle_gamma        90.00 
_cell.Z_PDB              16 
_cell.pdbx_unique_axis   ? 
# 
_symmetry.entry_id                         1NPO 
_symmetry.space_group_name_H-M             'P 41 21 2' 
_symmetry.pdbx_full_space_group_name_H-M   ? 
_symmetry.cell_setting                     ? 
_symmetry.Int_Tables_number                92 
# 
_exptl.entry_id          1NPO 
_exptl.method            'X-RAY DIFFRACTION' 
_exptl.crystals_number   1 
# 
_exptl_crystal.id                    1 
_exptl_crystal.density_meas          ? 
_exptl_crystal.density_Matthews      2.92 
_exptl_crystal.density_percent_sol   58.0 
_exptl_crystal.description           'DATA WAS COLLECTED IN 2 ORIENTATIONS.' 
# 
_exptl_crystal_grow.crystal_id      1 
_exptl_crystal_grow.method          ? 
_exptl_crystal_grow.temp            ? 
_exptl_crystal_grow.temp_details    ? 
_exptl_crystal_grow.pH              6.8 
_exptl_crystal_grow.pdbx_pH_range   ? 
_exptl_crystal_grow.pdbx_details    'pH 6.8' 
# 
_diffrn.id                     1 
_diffrn.ambient_temp           295 
_diffrn.ambient_temp_details   ? 
_diffrn.crystal_id             1 
# 
_diffrn_detector.diffrn_id              1 
_diffrn_detector.detector               'AREA DETECTOR' 
_diffrn_detector.type                   'SIEMENS-NICOLET X100' 
_diffrn_detector.pdbx_collection_date   1990-06-06 
_diffrn_detector.details                'SUPPER MIRRORS' 
# 
_diffrn_radiation.diffrn_id                        1 
_diffrn_radiation.wavelength_id                    1 
_diffrn_radiation.pdbx_monochromatic_or_laue_m_l   M 
_diffrn_radiation.monochromator                    'NI FILTER' 
_diffrn_radiation.pdbx_diffrn_protocol             ? 
_diffrn_radiation.pdbx_scattering_type             x-ray 
# 
_diffrn_radiation_wavelength.id           1 
_diffrn_radiation_wavelength.wavelength   1.5418 
_diffrn_radiation_wavelength.wt           1.0 
# 
_diffrn_source.diffrn_id                   1 
_diffrn_source.source                      'ROTATING ANODE' 
_diffrn_source.type                        'RIGAKU RUH3R' 
_diffrn_source.pdbx_synchrotron_site       ? 
_diffrn_source.pdbx_synchrotron_beamline   ? 
_diffrn_source.pdbx_wavelength             1.5418 
_diffrn_source.pdbx_wavelength_list        ? 
# 
_reflns.entry_id                     1NPO 
_reflns.observed_criterion_sigma_I   ? 
_reflns.observed_criterion_sigma_F   ? 
_reflns.d_resolution_low             ? 
_reflns.d_resolution_high            3.0 
_reflns.number_obs                   5924 
_reflns.number_all                   ? 
_reflns.percent_possible_obs         99.99 
_reflns.pdbx_Rmerge_I_obs            0.056 
_reflns.pdbx_Rsym_value              ? 
_reflns.pdbx_netI_over_sigmaI        10.6 
_reflns.B_iso_Wilson_estimate        29.17 
_reflns.pdbx_redundancy              6.4 
_reflns.pdbx_diffrn_id               1 
_reflns.pdbx_ordinal                 1 
# 
_reflns_shell.d_res_high             3.00 
_reflns_shell.d_res_low              3.18 
_reflns_shell.percent_possible_all   100. 
_reflns_shell.Rmerge_I_obs           0.253 
_reflns_shell.pdbx_Rsym_value        ? 
_reflns_shell.meanI_over_sigI_obs    1.7 
_reflns_shell.pdbx_redundancy        5.6 
_reflns_shell.pdbx_diffrn_id         ? 
_reflns_shell.pdbx_ordinal           1 
# 
_refine.entry_id                                 1NPO 
_refine.ls_number_reflns_obs                     5382 
_refine.ls_number_reflns_all                     ? 
_refine.pdbx_ls_sigma_I                          ? 
_refine.pdbx_ls_sigma_F                          2.0 
_refine.pdbx_data_cutoff_high_absF               ? 
_refine.pdbx_data_cutoff_low_absF                ? 
_refine.pdbx_data_cutoff_high_rms_absF           ? 
_refine.ls_d_res_low                             8.0 
_refine.ls_d_res_high                            3.0 
_refine.ls_percent_reflns_obs                    96.9 
_refine.ls_R_factor_obs                          0.182 
_refine.ls_R_factor_all                          ? 
_refine.ls_R_factor_R_work                       0.182 
_refine.ls_R_factor_R_free                       0.266 
_refine.ls_R_factor_R_free_error                 ? 
_refine.ls_R_factor_R_free_error_details         ? 
_refine.ls_percent_reflns_R_free                 9.79 
_refine.ls_number_reflns_R_free                  527 
_refine.ls_number_parameters                     ? 
_refine.ls_number_restraints                     ? 
_refine.occupancy_min                            ? 
_refine.occupancy_max                            ? 
_refine.B_iso_mean                               30.13 
_refine.aniso_B[1][1]                            ? 
_refine.aniso_B[2][2]                            ? 
_refine.aniso_B[3][3]                            ? 
_refine.aniso_B[1][2]                            ? 
_refine.aniso_B[1][3]                            ? 
_refine.aniso_B[2][3]                            ? 
_refine.solvent_model_details                    ? 
_refine.solvent_model_param_ksol                 ? 
_refine.solvent_model_param_bsol                 ? 
_refine.pdbx_ls_cross_valid_method               ? 
_refine.details                                  ? 
_refine.pdbx_starting_model                      ? 
_refine.pdbx_method_to_determine_struct          ? 
_refine.pdbx_isotropic_thermal_model             ? 
_refine.pdbx_stereochemistry_target_values       ? 
_refine.pdbx_stereochem_target_val_spec_case     ? 
_refine.pdbx_R_Free_selection_details            RANDOM 
_refine.pdbx_overall_ESU_R                       ? 
_refine.pdbx_overall_ESU_R_Free                  ? 
_refine.overall_SU_ML                            ? 
_refine.overall_SU_B                             ? 
_refine.pdbx_refine_id                           'X-RAY DIFFRACTION' 
_refine.pdbx_diffrn_id                           1 
_refine.pdbx_TLS_residual_ADP_flag               ? 
_refine.correlation_coeff_Fo_to_Fc               ? 
_refine.correlation_coeff_Fo_to_Fc_free          ? 
_refine.pdbx_solvent_vdw_probe_radii             ? 
_refine.pdbx_solvent_ion_probe_radii             ? 
_refine.pdbx_solvent_shrinkage_radii             ? 
_refine.pdbx_overall_phase_error                 ? 
_refine.overall_SU_R_Cruickshank_DPI             ? 
_refine.pdbx_overall_SU_R_free_Cruickshank_DPI   ? 
_refine.pdbx_overall_SU_R_Blow_DPI               ? 
_refine.pdbx_overall_SU_R_free_Blow_DPI          ? 
# 
_refine_analyze.entry_id                        1NPO 
_refine_analyze.Luzzati_coordinate_error_obs    0.3 
_refine_analyze.Luzzati_sigma_a_obs             ? 
_refine_analyze.Luzzati_d_res_low_obs           ? 
_refine_analyze.Luzzati_coordinate_error_free   ? 
_refine_analyze.Luzzati_sigma_a_free            ? 
_refine_analyze.Luzzati_d_res_low_free          ? 
_refine_analyze.number_disordered_residues      ? 
_refine_analyze.occupancy_sum_hydrogen          ? 
_refine_analyze.occupancy_sum_non_hydrogen      ? 
_refine_analyze.pdbx_refine_id                  'X-RAY DIFFRACTION' 
# 
_refine_hist.pdbx_refine_id                   'X-RAY DIFFRACTION' 
_refine_hist.cycle_id                         LAST 
_refine_hist.pdbx_number_atoms_protein        1513 
_refine_hist.pdbx_number_atoms_nucleic_acid   0 
_refine_hist.pdbx_number_atoms_ligand         0 
_refine_hist.number_atoms_solvent             0 
_refine_hist.number_atoms_total               1513 
_refine_hist.d_res_high                       3.0 
_refine_hist.d_res_low                        8.0 
# 
loop_
_refine_ls_restr.type 
_refine_ls_restr.dev_ideal 
_refine_ls_restr.dev_ideal_target 
_refine_ls_restr.weight 
_refine_ls_restr.number 
_refine_ls_restr.pdbx_refine_id 
_refine_ls_restr.pdbx_restraint_function 
x_bond_d                0.01 ? ? ? 'X-RAY DIFFRACTION' ? 
x_bond_d_na             ?    ? ? ? 'X-RAY DIFFRACTION' ? 
x_bond_d_prot           ?    ? ? ? 'X-RAY DIFFRACTION' ? 
x_angle_d               ?    ? ? ? 'X-RAY DIFFRACTION' ? 
x_angle_d_na            ?    ? ? ? 'X-RAY DIFFRACTION' ? 
x_angle_d_prot          ?    ? ? ? 'X-RAY DIFFRACTION' ? 
x_angle_deg             1.56 ? ? ? 'X-RAY DIFFRACTION' ? 
x_angle_deg_na          ?    ? ? ? 'X-RAY DIFFRACTION' ? 
x_angle_deg_prot        ?    ? ? ? 'X-RAY DIFFRACTION' ? 
x_dihedral_angle_d      ?    ? ? ? 'X-RAY DIFFRACTION' ? 
x_dihedral_angle_d_na   ?    ? ? ? 'X-RAY DIFFRACTION' ? 
x_dihedral_angle_d_prot ?    ? ? ? 'X-RAY DIFFRACTION' ? 
x_improper_angle_d      2.79 ? ? ? 'X-RAY DIFFRACTION' ? 
x_improper_angle_d_na   ?    ? ? ? 'X-RAY DIFFRACTION' ? 
x_improper_angle_d_prot ?    ? ? ? 'X-RAY DIFFRACTION' ? 
x_mcbond_it             ?    ? ? ? 'X-RAY DIFFRACTION' ? 
x_mcangle_it            ?    ? ? ? 'X-RAY DIFFRACTION' ? 
x_scbond_it             ?    ? ? ? 'X-RAY DIFFRACTION' ? 
x_scangle_it            ?    ? ? ? 'X-RAY DIFFRACTION' ? 
# 
_refine_ls_shell.pdbx_total_number_of_bins_used   ? 
_refine_ls_shell.d_res_high                       3.00 
_refine_ls_shell.d_res_low                        3.12 
_refine_ls_shell.number_reflns_R_work             559 
_refine_ls_shell.R_factor_R_work                  0.228 
_refine_ls_shell.percent_reflns_obs               94.00 
_refine_ls_shell.R_factor_R_free                  ? 
_refine_ls_shell.R_factor_R_free_error            ? 
_refine_ls_shell.percent_reflns_R_free            ? 
_refine_ls_shell.number_reflns_R_free             ? 
_refine_ls_shell.pdbx_refine_id                   'X-RAY DIFFRACTION' 
_refine_ls_shell.number_reflns_all                ? 
_refine_ls_shell.R_factor_all                     ? 
# 
loop_
_pdbx_xplor_file.serial_no 
_pdbx_xplor_file.param_file 
_pdbx_xplor_file.topol_file 
_pdbx_xplor_file.pdbx_refine_id 
1 PARCSDX.PRO TOPCSDX.PRO 'X-RAY DIFFRACTION' 
2 ?           ?           'X-RAY DIFFRACTION' 
# 
_struct.entry_id                  1NPO 
_struct.title                     'BOVINE NEUROPHYSIN II COMPLEX WITH OXYTOCIN' 
_struct.pdbx_model_details        ? 
_struct.pdbx_CASP_flag            ? 
_struct.pdbx_model_type_details   ? 
# 
_struct_keywords.entry_id        1NPO 
_struct_keywords.pdbx_keywords   'COMPLEX (HORMONE TRANSPORT/HORMONE)' 
_struct_keywords.text            'COMPLEX (HORMONE TRANSPORT-HORMONE), HYPOTHALAMUS, COMPLEX (HORMONE TRANSPORT-HORMONE) complex' 
# 
loop_
_struct_asym.id 
_struct_asym.pdbx_blank_PDB_chainid_flag 
_struct_asym.pdbx_modified 
_struct_asym.entity_id 
_struct_asym.details 
A N N 1 ? 
B N N 2 ? 
C N N 3 ? 
D N N 2 ? 
# 
loop_
_struct_ref.id 
_struct_ref.db_name 
_struct_ref.db_code 
_struct_ref.pdbx_db_accession 
_struct_ref.entity_id 
_struct_ref.pdbx_align_begin 
_struct_ref.pdbx_db_isoform 
_struct_ref.pdbx_seq_one_letter_code 
1 UNP NEU2_BOVIN P01180 1 32 ? ? 
2 UNP NEU2_BOVIN P01180 3 32 ? ? 
3 PDB 1NPO       1NPO   2 ?  ? ? 
# 
loop_
_struct_ref_seq.align_id 
_struct_ref_seq.ref_id 
_struct_ref_seq.pdbx_PDB_id_code 
_struct_ref_seq.pdbx_strand_id 
_struct_ref_seq.seq_align_beg 
_struct_ref_seq.pdbx_seq_align_beg_ins_code 
_struct_ref_seq.seq_align_end 
_struct_ref_seq.pdbx_seq_align_end_ins_code 
_struct_ref_seq.pdbx_db_accession 
_struct_ref_seq.db_align_beg 
_struct_ref_seq.pdbx_db_align_beg_ins_code 
_struct_ref_seq.db_align_end 
_struct_ref_seq.pdbx_db_align_end_ins_code 
_struct_ref_seq.pdbx_auth_seq_align_beg 
_struct_ref_seq.pdbx_auth_seq_align_end 
1 1 1NPO A 1 ? 95 ? P01180 32 ? 126 ? 1 95 
2 2 1NPO C 1 ? 95 ? P01180 32 ? 126 ? 1 95 
3 3 1NPO B 1 ? 9  ? 1NPO   1  ? 9   ? 1 9  
4 3 1NPO D 1 ? 9  ? 1NPO   1  ? 9   ? 1 9  
# 
_struct_ref_seq_dif.align_id                     2 
_struct_ref_seq_dif.pdbx_pdb_id_code             1NPO 
_struct_ref_seq_dif.mon_id                       ALA 
_struct_ref_seq_dif.pdbx_pdb_strand_id           C 
_struct_ref_seq_dif.seq_num                      18 
_struct_ref_seq_dif.pdbx_pdb_ins_code            ? 
_struct_ref_seq_dif.pdbx_seq_db_name             UNP 
_struct_ref_seq_dif.pdbx_seq_db_accession_code   P01180 
_struct_ref_seq_dif.db_mon_id                    LYS 
_struct_ref_seq_dif.pdbx_seq_db_seq_num          49 
_struct_ref_seq_dif.details                      conflict 
_struct_ref_seq_dif.pdbx_auth_seq_num            18 
_struct_ref_seq_dif.pdbx_ordinal                 1 
# 
loop_
_pdbx_struct_assembly.id 
_pdbx_struct_assembly.details 
_pdbx_struct_assembly.method_details 
_pdbx_struct_assembly.oligomeric_details 
_pdbx_struct_assembly.oligomeric_count 
1 author_and_software_defined_assembly PISA tetrameric 4 
2 software_defined_assembly            PISA octameric  8 
# 
loop_
_pdbx_struct_assembly_prop.biol_id 
_pdbx_struct_assembly_prop.type 
_pdbx_struct_assembly_prop.value 
_pdbx_struct_assembly_prop.details 
1 'ABSA (A^2)' 2700  ? 
1 MORE         -15   ? 
1 'SSA (A^2)'  8620  ? 
2 'ABSA (A^2)' 6320  ? 
2 MORE         -45   ? 
2 'SSA (A^2)'  16310 ? 
# 
loop_
_pdbx_struct_assembly_gen.assembly_id 
_pdbx_struct_assembly_gen.oper_expression 
_pdbx_struct_assembly_gen.asym_id_list 
1 1   A,B,C,D 
2 1,2 A,B     
2 3,4 C,D     
# 
loop_
_pdbx_struct_oper_list.id 
_pdbx_struct_oper_list.type 
_pdbx_struct_oper_list.name 
_pdbx_struct_oper_list.symmetry_operation 
_pdbx_struct_oper_list.matrix[1][1] 
_pdbx_struct_oper_list.matrix[1][2] 
_pdbx_struct_oper_list.matrix[1][3] 
_pdbx_struct_oper_list.vector[1] 
_pdbx_struct_oper_list.matrix[2][1] 
_pdbx_struct_oper_list.matrix[2][2] 
_pdbx_struct_oper_list.matrix[2][3] 
_pdbx_struct_oper_list.vector[2] 
_pdbx_struct_oper_list.matrix[3][1] 
_pdbx_struct_oper_list.matrix[3][2] 
_pdbx_struct_oper_list.matrix[3][3] 
_pdbx_struct_oper_list.vector[3] 
1 'identity operation'         1_555 x,y,z               1.0000000000  0.0000000000  0.0000000000  0.0000000000   0.0000000000  1.0000000000 0.0000000000  0.0000000000   0.0000000000  0.0000000000  1.0000000000  0.0000000000   
2 'crystal symmetry operation' 8_665 -y+1,-x+1,-z+1/2    -0.8864350440 0.4495109737  -0.1103304005 -41.1613929770 0.4495109737  0.7792470725 -0.4367080082 7.4705282064   -0.1103304005 -0.4367080082 -0.8928120285 -11.9315018234 
3 'crystal symmetry operation' 3_545 -y+1/2,x-1/2,z+1/4  0.9428599364  -0.1912958828 0.2728021729  -31.3005183082 -0.2670580989 0.0557050853 0.9620690803  -5.1105660047  -0.1992363224 -0.9799504215 0.0014349783  23.0171868806  
4 'crystal symmetry operation' 5_655 -x+3/2,y+1/2,-z+1/4 -0.9338478121 0.3027297439  0.1904808812  -18.2522676005 0.3027297439  0.3853706228 0.8716904183  -20.6335816927 0.1904808812  0.8716904183  -0.4515228107 -26.7962993132 
# 
_struct_biol.id   1 
# 
loop_
_struct_conf.conf_type_id 
_struct_conf.id 
_struct_conf.pdbx_PDB_helix_id 
_struct_conf.beg_label_comp_id 
_struct_conf.beg_label_asym_id 
_struct_conf.beg_label_seq_id 
_struct_conf.pdbx_beg_PDB_ins_code 
_struct_conf.end_label_comp_id 
_struct_conf.end_label_asym_id 
_struct_conf.end_label_seq_id 
_struct_conf.pdbx_end_PDB_ins_code 
_struct_conf.beg_auth_comp_id 
_struct_conf.beg_auth_asym_id 
_struct_conf.beg_auth_seq_id 
_struct_conf.end_auth_comp_id 
_struct_conf.end_auth_asym_id 
_struct_conf.end_auth_seq_id 
_struct_conf.pdbx_PDB_helix_class 
_struct_conf.details 
_struct_conf.pdbx_PDB_helix_length 
HELX_P HELX_P1 H1A ALA A 39 ? TYR A 49 ? ALA A 39 TYR A 49 5 ? 11 
HELX_P HELX_P2 H1B ALA C 39 ? TYR C 49 ? ALA C 39 TYR C 49 5 ? 11 
# 
_struct_conf_type.id          HELX_P 
_struct_conf_type.criteria    ? 
_struct_conf_type.reference   ? 
# 
loop_
_struct_conn.id 
_struct_conn.conn_type_id 
_struct_conn.pdbx_leaving_atom_flag 
_struct_conn.pdbx_PDB_id 
_struct_conn.ptnr1_label_asym_id 
_struct_conn.ptnr1_label_comp_id 
_struct_conn.ptnr1_label_seq_id 
_struct_conn.ptnr1_label_atom_id 
_struct_conn.pdbx_ptnr1_label_alt_id 
_struct_conn.pdbx_ptnr1_PDB_ins_code 
_struct_conn.pdbx_ptnr1_standard_comp_id 
_struct_conn.ptnr1_symmetry 
_struct_conn.ptnr2_label_asym_id 
_struct_conn.ptnr2_label_comp_id 
_struct_conn.ptnr2_label_seq_id 
_struct_conn.ptnr2_label_atom_id 
_struct_conn.pdbx_ptnr2_label_alt_id 
_struct_conn.pdbx_ptnr2_PDB_ins_code 
_struct_conn.ptnr1_auth_asym_id 
_struct_conn.ptnr1_auth_comp_id 
_struct_conn.ptnr1_auth_seq_id 
_struct_conn.ptnr2_auth_asym_id 
_struct_conn.ptnr2_auth_comp_id 
_struct_conn.ptnr2_auth_seq_id 
_struct_conn.ptnr2_symmetry 
_struct_conn.pdbx_ptnr3_label_atom_id 
_struct_conn.pdbx_ptnr3_label_seq_id 
_struct_conn.pdbx_ptnr3_label_comp_id 
_struct_conn.pdbx_ptnr3_label_asym_id 
_struct_conn.pdbx_ptnr3_label_alt_id 
_struct_conn.pdbx_ptnr3_PDB_ins_code 
_struct_conn.details 
_struct_conn.pdbx_dist_value 
_struct_conn.pdbx_value_order 
_struct_conn.pdbx_role 
disulf1  disulf ? ? A CYS 10 SG ? ? ? 1_555 A CYS 54 SG ? ? A CYS 10 A CYS 54 1_555 ? ? ? ? ? ? ? 2.029 ? ? 
disulf2  disulf ? ? A CYS 13 SG ? ? ? 1_555 A CYS 27 SG ? ? A CYS 13 A CYS 27 1_555 ? ? ? ? ? ? ? 2.037 ? ? 
disulf3  disulf ? ? A CYS 21 SG ? ? ? 1_555 A CYS 44 SG ? ? A CYS 21 A CYS 44 1_555 ? ? ? ? ? ? ? 2.020 ? ? 
disulf4  disulf ? ? A CYS 28 SG ? ? ? 1_555 A CYS 34 SG ? ? A CYS 28 A CYS 34 1_555 ? ? ? ? ? ? ? 2.019 ? ? 
disulf5  disulf ? ? A CYS 61 SG ? ? ? 1_555 A CYS 73 SG ? ? A CYS 61 A CYS 73 1_555 ? ? ? ? ? ? ? 2.031 ? ? 
disulf6  disulf ? ? A CYS 67 SG ? ? ? 1_555 A CYS 85 SG ? ? A CYS 67 A CYS 85 1_555 ? ? ? ? ? ? ? 2.031 ? ? 
disulf7  disulf ? ? A CYS 74 SG ? ? ? 1_555 A CYS 79 SG ? ? A CYS 74 A CYS 79 1_555 ? ? ? ? ? ? ? 2.021 ? ? 
disulf8  disulf ? ? B CYS 1  SG ? ? ? 1_555 B CYS 6  SG ? ? B CYS 1  B CYS 6  1_555 ? ? ? ? ? ? ? 2.035 ? ? 
disulf9  disulf ? ? C CYS 10 SG ? ? ? 1_555 C CYS 54 SG ? ? C CYS 10 C CYS 54 1_555 ? ? ? ? ? ? ? 2.020 ? ? 
disulf10 disulf ? ? C CYS 13 SG ? ? ? 1_555 C CYS 27 SG ? ? C CYS 13 C CYS 27 1_555 ? ? ? ? ? ? ? 2.029 ? ? 
disulf11 disulf ? ? C CYS 21 SG ? ? ? 1_555 C CYS 44 SG ? ? C CYS 21 C CYS 44 1_555 ? ? ? ? ? ? ? 2.008 ? ? 
disulf12 disulf ? ? C CYS 28 SG ? ? ? 1_555 C CYS 34 SG ? ? C CYS 28 C CYS 34 1_555 ? ? ? ? ? ? ? 2.024 ? ? 
disulf13 disulf ? ? C CYS 61 SG ? ? ? 1_555 C CYS 73 SG ? ? C CYS 61 C CYS 73 1_555 ? ? ? ? ? ? ? 2.020 ? ? 
disulf14 disulf ? ? C CYS 67 SG ? ? ? 1_555 C CYS 85 SG ? ? C CYS 67 C CYS 85 1_555 ? ? ? ? ? ? ? 2.034 ? ? 
disulf15 disulf ? ? C CYS 74 SG ? ? ? 1_555 C CYS 79 SG ? ? C CYS 74 C CYS 79 1_555 ? ? ? ? ? ? ? 2.010 ? ? 
disulf16 disulf ? ? D CYS 1  SG ? ? ? 1_555 D CYS 6  SG ? ? D CYS 1  D CYS 6  1_555 ? ? ? ? ? ? ? 2.031 ? ? 
# 
_struct_conn_type.id          disulf 
_struct_conn_type.criteria    ? 
_struct_conn_type.reference   ? 
# 
loop_
_pdbx_modification_feature.ordinal 
_pdbx_modification_feature.label_comp_id 
_pdbx_modification_feature.label_asym_id 
_pdbx_modification_feature.label_seq_id 
_pdbx_modification_feature.label_alt_id 
_pdbx_modification_feature.modified_residue_label_comp_id 
_pdbx_modification_feature.modified_residue_label_asym_id 
_pdbx_modification_feature.modified_residue_label_seq_id 
_pdbx_modification_feature.modified_residue_label_alt_id 
_pdbx_modification_feature.auth_comp_id 
_pdbx_modification_feature.auth_asym_id 
_pdbx_modification_feature.auth_seq_id 
_pdbx_modification_feature.PDB_ins_code 
_pdbx_modification_feature.symmetry 
_pdbx_modification_feature.modified_residue_auth_comp_id 
_pdbx_modification_feature.modified_residue_auth_asym_id 
_pdbx_modification_feature.modified_residue_auth_seq_id 
_pdbx_modification_feature.modified_residue_PDB_ins_code 
_pdbx_modification_feature.modified_residue_symmetry 
_pdbx_modification_feature.comp_id_linking_atom 
_pdbx_modification_feature.modified_residue_id_linking_atom 
_pdbx_modification_feature.modified_residue_id 
_pdbx_modification_feature.ref_pcm_id 
_pdbx_modification_feature.ref_comp_id 
_pdbx_modification_feature.type 
_pdbx_modification_feature.category 
1  CYS A 10 ? CYS A 54 ? CYS A 10 ? 1_555 CYS A 54 ? 1_555 SG SG . . . None 'Disulfide bridge' 
2  CYS A 13 ? CYS A 27 ? CYS A 13 ? 1_555 CYS A 27 ? 1_555 SG SG . . . None 'Disulfide bridge' 
3  CYS A 21 ? CYS A 44 ? CYS A 21 ? 1_555 CYS A 44 ? 1_555 SG SG . . . None 'Disulfide bridge' 
4  CYS A 28 ? CYS A 34 ? CYS A 28 ? 1_555 CYS A 34 ? 1_555 SG SG . . . None 'Disulfide bridge' 
5  CYS A 61 ? CYS A 73 ? CYS A 61 ? 1_555 CYS A 73 ? 1_555 SG SG . . . None 'Disulfide bridge' 
6  CYS A 67 ? CYS A 85 ? CYS A 67 ? 1_555 CYS A 85 ? 1_555 SG SG . . . None 'Disulfide bridge' 
7  CYS A 74 ? CYS A 79 ? CYS A 74 ? 1_555 CYS A 79 ? 1_555 SG SG . . . None 'Disulfide bridge' 
8  CYS B 1  ? CYS B 6  ? CYS B 1  ? 1_555 CYS B 6  ? 1_555 SG SG . . . None 'Disulfide bridge' 
9  CYS C 10 ? CYS C 54 ? CYS C 10 ? 1_555 CYS C 54 ? 1_555 SG SG . . . None 'Disulfide bridge' 
10 CYS C 13 ? CYS C 27 ? CYS C 13 ? 1_555 CYS C 27 ? 1_555 SG SG . . . None 'Disulfide bridge' 
11 CYS C 21 ? CYS C 44 ? CYS C 21 ? 1_555 CYS C 44 ? 1_555 SG SG . . . None 'Disulfide bridge' 
12 CYS C 28 ? CYS C 34 ? CYS C 28 ? 1_555 CYS C 34 ? 1_555 SG SG . . . None 'Disulfide bridge' 
13 CYS C 61 ? CYS C 73 ? CYS C 61 ? 1_555 CYS C 73 ? 1_555 SG SG . . . None 'Disulfide bridge' 
14 CYS C 67 ? CYS C 85 ? CYS C 67 ? 1_555 CYS C 85 ? 1_555 SG SG . . . None 'Disulfide bridge' 
15 CYS C 74 ? CYS C 79 ? CYS C 74 ? 1_555 CYS C 79 ? 1_555 SG SG . . . None 'Disulfide bridge' 
16 CYS D 1  ? CYS D 6  ? CYS D 1  ? 1_555 CYS D 6  ? 1_555 SG SG . . . None 'Disulfide bridge' 
# 
loop_
_struct_sheet.id 
_struct_sheet.type 
_struct_sheet.number_strands 
_struct_sheet.details 
S1A ? 4 ? 
S2A ? 4 ? 
S1C ? 4 ? 
S2C ? 4 ? 
# 
loop_
_struct_sheet_order.sheet_id 
_struct_sheet_order.range_id_1 
_struct_sheet_order.range_id_2 
_struct_sheet_order.offset 
_struct_sheet_order.sense 
S1A 1 2 ? anti-parallel 
S1A 2 3 ? anti-parallel 
S1A 3 4 ? anti-parallel 
S2A 1 2 ? anti-parallel 
S2A 2 3 ? anti-parallel 
S2A 3 4 ? anti-parallel 
S1C 1 2 ? anti-parallel 
S1C 2 3 ? anti-parallel 
S1C 3 4 ? anti-parallel 
S2C 1 2 ? anti-parallel 
S2C 2 3 ? anti-parallel 
S2C 3 4 ? anti-parallel 
# 
loop_
_struct_sheet_range.sheet_id 
_struct_sheet_range.id 
_struct_sheet_range.beg_label_comp_id 
_struct_sheet_range.beg_label_asym_id 
_struct_sheet_range.beg_label_seq_id 
_struct_sheet_range.pdbx_beg_PDB_ins_code 
_struct_sheet_range.end_label_comp_id 
_struct_sheet_range.end_label_asym_id 
_struct_sheet_range.end_label_seq_id 
_struct_sheet_range.pdbx_end_PDB_ins_code 
_struct_sheet_range.beg_auth_comp_id 
_struct_sheet_range.beg_auth_asym_id 
_struct_sheet_range.beg_auth_seq_id 
_struct_sheet_range.end_auth_comp_id 
_struct_sheet_range.end_auth_asym_id 
_struct_sheet_range.end_auth_seq_id 
S1A 1 LEU A 11 ? CYS A 13 ? LEU A 11 CYS A 13 
S1A 2 GLY A 19 ? GLY A 23 ? GLY A 19 GLY A 23 
S1A 3 SER A 25 ? GLY A 29 ? SER A 25 GLY A 29 
S1A 4 LEU A 32 ? GLY A 37 ? LEU A 32 GLY A 37 
S2A 1 LYS A 59 ? CYS A 61 ? LYS A 59 CYS A 61 
S2A 2 GLY A 65 ? ALA A 69 ? GLY A 65 ALA A 69 
S2A 3 GLY A 71 ? ASN A 75 ? GLY A 71 ASN A 75 
S2A 4 SER A 78 ? GLU A 82 ? SER A 78 GLU A 82 
S1C 1 LEU C 11 ? CYS C 13 ? LEU C 11 CYS C 13 
S1C 2 GLY C 19 ? GLY C 23 ? GLY C 19 GLY C 23 
S1C 3 SER C 25 ? GLY C 29 ? SER C 25 GLY C 29 
S1C 4 LEU C 32 ? GLY C 37 ? LEU C 32 GLY C 37 
S2C 1 LYS C 59 ? CYS C 61 ? LYS C 59 CYS C 61 
S2C 2 GLY C 65 ? ALA C 69 ? GLY C 65 ALA C 69 
S2C 3 GLY C 71 ? ASN C 75 ? GLY C 71 ASN C 75 
S2C 4 SER C 78 ? GLU C 82 ? SER C 78 GLU C 82 
# 
_pdbx_entry_details.entry_id                   1NPO 
_pdbx_entry_details.compound_details           ? 
_pdbx_entry_details.source_details             ? 
_pdbx_entry_details.nonpolymer_details         ? 
_pdbx_entry_details.sequence_details           ? 
_pdbx_entry_details.has_ligand_of_interest     ? 
_pdbx_entry_details.has_protein_modification   Y 
# 
_pdbx_validate_rmsd_angle.id                         1 
_pdbx_validate_rmsd_angle.PDB_model_num              1 
_pdbx_validate_rmsd_angle.auth_atom_id_1             C 
_pdbx_validate_rmsd_angle.auth_asym_id_1             C 
_pdbx_validate_rmsd_angle.auth_comp_id_1             GLY 
_pdbx_validate_rmsd_angle.auth_seq_id_1              14 
_pdbx_validate_rmsd_angle.PDB_ins_code_1             ? 
_pdbx_validate_rmsd_angle.label_alt_id_1             ? 
_pdbx_validate_rmsd_angle.auth_atom_id_2             N 
_pdbx_validate_rmsd_angle.auth_asym_id_2             C 
_pdbx_validate_rmsd_angle.auth_comp_id_2             PRO 
_pdbx_validate_rmsd_angle.auth_seq_id_2              15 
_pdbx_validate_rmsd_angle.PDB_ins_code_2             ? 
_pdbx_validate_rmsd_angle.label_alt_id_2             ? 
_pdbx_validate_rmsd_angle.auth_atom_id_3             CA 
_pdbx_validate_rmsd_angle.auth_asym_id_3             C 
_pdbx_validate_rmsd_angle.auth_comp_id_3             PRO 
_pdbx_validate_rmsd_angle.auth_seq_id_3              15 
_pdbx_validate_rmsd_angle.PDB_ins_code_3             ? 
_pdbx_validate_rmsd_angle.label_alt_id_3             ? 
_pdbx_validate_rmsd_angle.angle_value                130.10 
_pdbx_validate_rmsd_angle.angle_target_value         119.30 
_pdbx_validate_rmsd_angle.angle_deviation            10.80 
_pdbx_validate_rmsd_angle.angle_standard_deviation   1.50 
_pdbx_validate_rmsd_angle.linker_flag                Y 
# 
loop_
_pdbx_validate_torsion.id 
_pdbx_validate_torsion.PDB_model_num 
_pdbx_validate_torsion.auth_comp_id 
_pdbx_validate_torsion.auth_asym_id 
_pdbx_validate_torsion.auth_seq_id 
_pdbx_validate_torsion.PDB_ins_code 
_pdbx_validate_torsion.label_alt_id 
_pdbx_validate_torsion.phi 
_pdbx_validate_torsion.psi 
1  1 PRO A 15 ? ? -36.04  106.51  
2  1 LEU A 32 ? ? -134.90 -45.66  
3  1 GLN A 58 ? ? -94.69  -85.17  
4  1 LYS A 59 ? ? -50.68  99.92   
5  1 SER A 63 ? ? -39.97  -21.04  
6  1 ALA A 70 ? ? -41.18  100.71  
7  1 ASN A 75 ? ? -101.64 -153.82 
8  1 GLU A 77 ? ? -156.69 0.33    
9  1 GLU A 82 ? ? -171.54 98.80   
10 1 ILE B 3  ? ? -38.90  -36.23  
11 1 ASN B 5  ? ? -155.96 -8.89   
12 1 LEU B 8  ? ? 60.23   -72.49  
13 1 PRO C 15 ? ? -16.23  94.53   
14 1 GLU C 31 ? ? -93.09  33.81   
15 1 LEU C 32 ? ? -152.79 -33.57  
16 1 ALA C 41 ? ? -94.62  32.89   
17 1 GLN C 55 ? ? -169.40 116.56  
18 1 GLN C 58 ? ? -137.21 -47.19  
19 1 ALA C 70 ? ? -42.90  100.63  
20 1 SER C 78 ? ? -172.85 143.25  
21 1 GLU C 84 ? ? -75.33  28.07   
22 1 CYS D 6  ? ? -63.08  -137.03 
23 1 LEU D 8  ? ? 77.69   -82.12  
# 
_pdbx_validate_peptide_omega.id               1 
_pdbx_validate_peptide_omega.PDB_model_num    1 
_pdbx_validate_peptide_omega.auth_comp_id_1   CYS 
_pdbx_validate_peptide_omega.auth_asym_id_1   D 
_pdbx_validate_peptide_omega.auth_seq_id_1    6 
_pdbx_validate_peptide_omega.PDB_ins_code_1   ? 
_pdbx_validate_peptide_omega.label_alt_id_1   ? 
_pdbx_validate_peptide_omega.auth_comp_id_2   PRO 
_pdbx_validate_peptide_omega.auth_asym_id_2   D 
_pdbx_validate_peptide_omega.auth_seq_id_2    7 
_pdbx_validate_peptide_omega.PDB_ins_code_2   ? 
_pdbx_validate_peptide_omega.label_alt_id_2   ? 
_pdbx_validate_peptide_omega.omega            122.48 
# 
loop_
_pdbx_validate_planes.id 
_pdbx_validate_planes.PDB_model_num 
_pdbx_validate_planes.auth_comp_id 
_pdbx_validate_planes.auth_asym_id 
_pdbx_validate_planes.auth_seq_id 
_pdbx_validate_planes.PDB_ins_code 
_pdbx_validate_planes.label_alt_id 
_pdbx_validate_planes.rmsd 
_pdbx_validate_planes.type 
1 1 TYR A 49 ? ? 0.093 'SIDE CHAIN' 
2 1 TYR D 2  ? ? 0.070 'SIDE CHAIN' 
# 
loop_
_pdbx_validate_main_chain_plane.id 
_pdbx_validate_main_chain_plane.PDB_model_num 
_pdbx_validate_main_chain_plane.auth_comp_id 
_pdbx_validate_main_chain_plane.auth_asym_id 
_pdbx_validate_main_chain_plane.auth_seq_id 
_pdbx_validate_main_chain_plane.PDB_ins_code 
_pdbx_validate_main_chain_plane.label_alt_id 
_pdbx_validate_main_chain_plane.improper_torsion_angle 
1 1 ILE B 3  ? ? -11.86 
2 1 THR C 81 ? ? 11.10  
3 1 ILE D 3  ? ? -11.24 
# 
loop_
_pdbx_unobs_or_zero_occ_residues.id 
_pdbx_unobs_or_zero_occ_residues.PDB_model_num 
_pdbx_unobs_or_zero_occ_residues.polymer_flag 
_pdbx_unobs_or_zero_occ_residues.occupancy_flag 
_pdbx_unobs_or_zero_occ_residues.auth_asym_id 
_pdbx_unobs_or_zero_occ_residues.auth_comp_id 
_pdbx_unobs_or_zero_occ_residues.auth_seq_id 
_pdbx_unobs_or_zero_occ_residues.PDB_ins_code 
_pdbx_unobs_or_zero_occ_residues.label_asym_id 
_pdbx_unobs_or_zero_occ_residues.label_comp_id 
_pdbx_unobs_or_zero_occ_residues.label_seq_id 
1  1 Y 1 A ALA 1  ? A ALA 1  
2  1 Y 1 A MET 2  ? A MET 2  
3  1 Y 1 A SER 3  ? A SER 3  
4  1 Y 1 A ASP 4  ? A ASP 4  
5  1 Y 1 A ARG 86 ? A ARG 86 
6  1 Y 1 A GLU 87 ? A GLU 87 
7  1 Y 1 A GLY 88 ? A GLY 88 
8  1 Y 1 A VAL 89 ? A VAL 89 
9  1 Y 1 A GLY 90 ? A GLY 90 
10 1 Y 1 A PHE 91 ? A PHE 91 
11 1 Y 1 A PRO 92 ? A PRO 92 
12 1 Y 1 A ARG 93 ? A ARG 93 
13 1 Y 1 A ARG 94 ? A ARG 94 
14 1 Y 1 A VAL 95 ? A VAL 95 
15 1 Y 1 C ALA 1  ? C ALA 1  
16 1 Y 1 C MET 2  ? C MET 2  
17 1 Y 1 C SER 3  ? C SER 3  
18 1 Y 1 C ASP 4  ? C ASP 4  
19 1 Y 1 C LEU 5  ? C LEU 5  
20 1 Y 1 C GLU 6  ? C GLU 6  
21 1 Y 1 C ARG 86 ? C ARG 86 
22 1 Y 1 C GLU 87 ? C GLU 87 
23 1 Y 1 C GLY 88 ? C GLY 88 
24 1 Y 1 C VAL 89 ? C VAL 89 
25 1 Y 1 C GLY 90 ? C GLY 90 
26 1 Y 1 C PHE 91 ? C PHE 91 
27 1 Y 1 C PRO 92 ? C PRO 92 
28 1 Y 1 C ARG 93 ? C ARG 93 
29 1 Y 1 C ARG 94 ? C ARG 94 
30 1 Y 1 C VAL 95 ? C VAL 95 
# 
loop_
_chem_comp_atom.comp_id 
_chem_comp_atom.atom_id 
_chem_comp_atom.type_symbol 
_chem_comp_atom.pdbx_aromatic_flag 
_chem_comp_atom.pdbx_stereo_config 
_chem_comp_atom.pdbx_ordinal 
ALA N    N N N 1   
ALA CA   C N S 2   
ALA C    C N N 3   
ALA O    O N N 4   
ALA CB   C N N 5   
ALA OXT  O N N 6   
ALA H    H N N 7   
ALA H2   H N N 8   
ALA HA   H N N 9   
ALA HB1  H N N 10  
ALA HB2  H N N 11  
ALA HB3  H N N 12  
ALA HXT  H N N 13  
ARG N    N N N 14  
ARG CA   C N S 15  
ARG C    C N N 16  
ARG O    O N N 17  
ARG CB   C N N 18  
ARG CG   C N N 19  
ARG CD   C N N 20  
ARG NE   N N N 21  
ARG CZ   C N N 22  
ARG NH1  N N N 23  
ARG NH2  N N N 24  
ARG OXT  O N N 25  
ARG H    H N N 26  
ARG H2   H N N 27  
ARG HA   H N N 28  
ARG HB2  H N N 29  
ARG HB3  H N N 30  
ARG HG2  H N N 31  
ARG HG3  H N N 32  
ARG HD2  H N N 33  
ARG HD3  H N N 34  
ARG HE   H N N 35  
ARG HH11 H N N 36  
ARG HH12 H N N 37  
ARG HH21 H N N 38  
ARG HH22 H N N 39  
ARG HXT  H N N 40  
ASN N    N N N 41  
ASN CA   C N S 42  
ASN C    C N N 43  
ASN O    O N N 44  
ASN CB   C N N 45  
ASN CG   C N N 46  
ASN OD1  O N N 47  
ASN ND2  N N N 48  
ASN OXT  O N N 49  
ASN H    H N N 50  
ASN H2   H N N 51  
ASN HA   H N N 52  
ASN HB2  H N N 53  
ASN HB3  H N N 54  
ASN HD21 H N N 55  
ASN HD22 H N N 56  
ASN HXT  H N N 57  
ASP N    N N N 58  
ASP CA   C N S 59  
ASP C    C N N 60  
ASP O    O N N 61  
ASP CB   C N N 62  
ASP CG   C N N 63  
ASP OD1  O N N 64  
ASP OD2  O N N 65  
ASP OXT  O N N 66  
ASP H    H N N 67  
ASP H2   H N N 68  
ASP HA   H N N 69  
ASP HB2  H N N 70  
ASP HB3  H N N 71  
ASP HD2  H N N 72  
ASP HXT  H N N 73  
CYS N    N N N 74  
CYS CA   C N R 75  
CYS C    C N N 76  
CYS O    O N N 77  
CYS CB   C N N 78  
CYS SG   S N N 79  
CYS OXT  O N N 80  
CYS H    H N N 81  
CYS H2   H N N 82  
CYS HA   H N N 83  
CYS HB2  H N N 84  
CYS HB3  H N N 85  
CYS HG   H N N 86  
CYS HXT  H N N 87  
GLN N    N N N 88  
GLN CA   C N S 89  
GLN C    C N N 90  
GLN O    O N N 91  
GLN CB   C N N 92  
GLN CG   C N N 93  
GLN CD   C N N 94  
GLN OE1  O N N 95  
GLN NE2  N N N 96  
GLN OXT  O N N 97  
GLN H    H N N 98  
GLN H2   H N N 99  
GLN HA   H N N 100 
GLN HB2  H N N 101 
GLN HB3  H N N 102 
GLN HG2  H N N 103 
GLN HG3  H N N 104 
GLN HE21 H N N 105 
GLN HE22 H N N 106 
GLN HXT  H N N 107 
GLU N    N N N 108 
GLU CA   C N S 109 
GLU C    C N N 110 
GLU O    O N N 111 
GLU CB   C N N 112 
GLU CG   C N N 113 
GLU CD   C N N 114 
GLU OE1  O N N 115 
GLU OE2  O N N 116 
GLU OXT  O N N 117 
GLU H    H N N 118 
GLU H2   H N N 119 
GLU HA   H N N 120 
GLU HB2  H N N 121 
GLU HB3  H N N 122 
GLU HG2  H N N 123 
GLU HG3  H N N 124 
GLU HE2  H N N 125 
GLU HXT  H N N 126 
GLY N    N N N 127 
GLY CA   C N N 128 
GLY C    C N N 129 
GLY O    O N N 130 
GLY OXT  O N N 131 
GLY H    H N N 132 
GLY H2   H N N 133 
GLY HA2  H N N 134 
GLY HA3  H N N 135 
GLY HXT  H N N 136 
ILE N    N N N 137 
ILE CA   C N S 138 
ILE C    C N N 139 
ILE O    O N N 140 
ILE CB   C N S 141 
ILE CG1  C N N 142 
ILE CG2  C N N 143 
ILE CD1  C N N 144 
ILE OXT  O N N 145 
ILE H    H N N 146 
ILE H2   H N N 147 
ILE HA   H N N 148 
ILE HB   H N N 149 
ILE HG12 H N N 150 
ILE HG13 H N N 151 
ILE HG21 H N N 152 
ILE HG22 H N N 153 
ILE HG23 H N N 154 
ILE HD11 H N N 155 
ILE HD12 H N N 156 
ILE HD13 H N N 157 
ILE HXT  H N N 158 
LEU N    N N N 159 
LEU CA   C N S 160 
LEU C    C N N 161 
LEU O    O N N 162 
LEU CB   C N N 163 
LEU CG   C N N 164 
LEU CD1  C N N 165 
LEU CD2  C N N 166 
LEU OXT  O N N 167 
LEU H    H N N 168 
LEU H2   H N N 169 
LEU HA   H N N 170 
LEU HB2  H N N 171 
LEU HB3  H N N 172 
LEU HG   H N N 173 
LEU HD11 H N N 174 
LEU HD12 H N N 175 
LEU HD13 H N N 176 
LEU HD21 H N N 177 
LEU HD22 H N N 178 
LEU HD23 H N N 179 
LEU HXT  H N N 180 
LYS N    N N N 181 
LYS CA   C N S 182 
LYS C    C N N 183 
LYS O    O N N 184 
LYS CB   C N N 185 
LYS CG   C N N 186 
LYS CD   C N N 187 
LYS CE   C N N 188 
LYS NZ   N N N 189 
LYS OXT  O N N 190 
LYS H    H N N 191 
LYS H2   H N N 192 
LYS HA   H N N 193 
LYS HB2  H N N 194 
LYS HB3  H N N 195 
LYS HG2  H N N 196 
LYS HG3  H N N 197 
LYS HD2  H N N 198 
LYS HD3  H N N 199 
LYS HE2  H N N 200 
LYS HE3  H N N 201 
LYS HZ1  H N N 202 
LYS HZ2  H N N 203 
LYS HZ3  H N N 204 
LYS HXT  H N N 205 
MET N    N N N 206 
MET CA   C N S 207 
MET C    C N N 208 
MET O    O N N 209 
MET CB   C N N 210 
MET CG   C N N 211 
MET SD   S N N 212 
MET CE   C N N 213 
MET OXT  O N N 214 
MET H    H N N 215 
MET H2   H N N 216 
MET HA   H N N 217 
MET HB2  H N N 218 
MET HB3  H N N 219 
MET HG2  H N N 220 
MET HG3  H N N 221 
MET HE1  H N N 222 
MET HE2  H N N 223 
MET HE3  H N N 224 
MET HXT  H N N 225 
PHE N    N N N 226 
PHE CA   C N S 227 
PHE C    C N N 228 
PHE O    O N N 229 
PHE CB   C N N 230 
PHE CG   C Y N 231 
PHE CD1  C Y N 232 
PHE CD2  C Y N 233 
PHE CE1  C Y N 234 
PHE CE2  C Y N 235 
PHE CZ   C Y N 236 
PHE OXT  O N N 237 
PHE H    H N N 238 
PHE H2   H N N 239 
PHE HA   H N N 240 
PHE HB2  H N N 241 
PHE HB3  H N N 242 
PHE HD1  H N N 243 
PHE HD2  H N N 244 
PHE HE1  H N N 245 
PHE HE2  H N N 246 
PHE HZ   H N N 247 
PHE HXT  H N N 248 
PRO N    N N N 249 
PRO CA   C N S 250 
PRO C    C N N 251 
PRO O    O N N 252 
PRO CB   C N N 253 
PRO CG   C N N 254 
PRO CD   C N N 255 
PRO OXT  O N N 256 
PRO H    H N N 257 
PRO HA   H N N 258 
PRO HB2  H N N 259 
PRO HB3  H N N 260 
PRO HG2  H N N 261 
PRO HG3  H N N 262 
PRO HD2  H N N 263 
PRO HD3  H N N 264 
PRO HXT  H N N 265 
SER N    N N N 266 
SER CA   C N S 267 
SER C    C N N 268 
SER O    O N N 269 
SER CB   C N N 270 
SER OG   O N N 271 
SER OXT  O N N 272 
SER H    H N N 273 
SER H2   H N N 274 
SER HA   H N N 275 
SER HB2  H N N 276 
SER HB3  H N N 277 
SER HG   H N N 278 
SER HXT  H N N 279 
THR N    N N N 280 
THR CA   C N S 281 
THR C    C N N 282 
THR O    O N N 283 
THR CB   C N R 284 
THR OG1  O N N 285 
THR CG2  C N N 286 
THR OXT  O N N 287 
THR H    H N N 288 
THR H2   H N N 289 
THR HA   H N N 290 
THR HB   H N N 291 
THR HG1  H N N 292 
THR HG21 H N N 293 
THR HG22 H N N 294 
THR HG23 H N N 295 
THR HXT  H N N 296 
TYR N    N N N 297 
TYR CA   C N S 298 
TYR C    C N N 299 
TYR O    O N N 300 
TYR CB   C N N 301 
TYR CG   C Y N 302 
TYR CD1  C Y N 303 
TYR CD2  C Y N 304 
TYR CE1  C Y N 305 
TYR CE2  C Y N 306 
TYR CZ   C Y N 307 
TYR OH   O N N 308 
TYR OXT  O N N 309 
TYR H    H N N 310 
TYR H2   H N N 311 
TYR HA   H N N 312 
TYR HB2  H N N 313 
TYR HB3  H N N 314 
TYR HD1  H N N 315 
TYR HD2  H N N 316 
TYR HE1  H N N 317 
TYR HE2  H N N 318 
TYR HH   H N N 319 
TYR HXT  H N N 320 
VAL N    N N N 321 
VAL CA   C N S 322 
VAL C    C N N 323 
VAL O    O N N 324 
VAL CB   C N N 325 
VAL CG1  C N N 326 
VAL CG2  C N N 327 
VAL OXT  O N N 328 
VAL H    H N N 329 
VAL H2   H N N 330 
VAL HA   H N N 331 
VAL HB   H N N 332 
VAL HG11 H N N 333 
VAL HG12 H N N 334 
VAL HG13 H N N 335 
VAL HG21 H N N 336 
VAL HG22 H N N 337 
VAL HG23 H N N 338 
VAL HXT  H N N 339 
# 
loop_
_chem_comp_bond.comp_id 
_chem_comp_bond.atom_id_1 
_chem_comp_bond.atom_id_2 
_chem_comp_bond.value_order 
_chem_comp_bond.pdbx_aromatic_flag 
_chem_comp_bond.pdbx_stereo_config 
_chem_comp_bond.pdbx_ordinal 
ALA N   CA   sing N N 1   
ALA N   H    sing N N 2   
ALA N   H2   sing N N 3   
ALA CA  C    sing N N 4   
ALA CA  CB   sing N N 5   
ALA CA  HA   sing N N 6   
ALA C   O    doub N N 7   
ALA C   OXT  sing N N 8   
ALA CB  HB1  sing N N 9   
ALA CB  HB2  sing N N 10  
ALA CB  HB3  sing N N 11  
ALA OXT HXT  sing N N 12  
ARG N   CA   sing N N 13  
ARG N   H    sing N N 14  
ARG N   H2   sing N N 15  
ARG CA  C    sing N N 16  
ARG CA  CB   sing N N 17  
ARG CA  HA   sing N N 18  
ARG C   O    doub N N 19  
ARG C   OXT  sing N N 20  
ARG CB  CG   sing N N 21  
ARG CB  HB2  sing N N 22  
ARG CB  HB3  sing N N 23  
ARG CG  CD   sing N N 24  
ARG CG  HG2  sing N N 25  
ARG CG  HG3  sing N N 26  
ARG CD  NE   sing N N 27  
ARG CD  HD2  sing N N 28  
ARG CD  HD3  sing N N 29  
ARG NE  CZ   sing N N 30  
ARG NE  HE   sing N N 31  
ARG CZ  NH1  sing N N 32  
ARG CZ  NH2  doub N N 33  
ARG NH1 HH11 sing N N 34  
ARG NH1 HH12 sing N N 35  
ARG NH2 HH21 sing N N 36  
ARG NH2 HH22 sing N N 37  
ARG OXT HXT  sing N N 38  
ASN N   CA   sing N N 39  
ASN N   H    sing N N 40  
ASN N   H2   sing N N 41  
ASN CA  C    sing N N 42  
ASN CA  CB   sing N N 43  
ASN CA  HA   sing N N 44  
ASN C   O    doub N N 45  
ASN C   OXT  sing N N 46  
ASN CB  CG   sing N N 47  
ASN CB  HB2  sing N N 48  
ASN CB  HB3  sing N N 49  
ASN CG  OD1  doub N N 50  
ASN CG  ND2  sing N N 51  
ASN ND2 HD21 sing N N 52  
ASN ND2 HD22 sing N N 53  
ASN OXT HXT  sing N N 54  
ASP N   CA   sing N N 55  
ASP N   H    sing N N 56  
ASP N   H2   sing N N 57  
ASP CA  C    sing N N 58  
ASP CA  CB   sing N N 59  
ASP CA  HA   sing N N 60  
ASP C   O    doub N N 61  
ASP C   OXT  sing N N 62  
ASP CB  CG   sing N N 63  
ASP CB  HB2  sing N N 64  
ASP CB  HB3  sing N N 65  
ASP CG  OD1  doub N N 66  
ASP CG  OD2  sing N N 67  
ASP OD2 HD2  sing N N 68  
ASP OXT HXT  sing N N 69  
CYS N   CA   sing N N 70  
CYS N   H    sing N N 71  
CYS N   H2   sing N N 72  
CYS CA  C    sing N N 73  
CYS CA  CB   sing N N 74  
CYS CA  HA   sing N N 75  
CYS C   O    doub N N 76  
CYS C   OXT  sing N N 77  
CYS CB  SG   sing N N 78  
CYS CB  HB2  sing N N 79  
CYS CB  HB3  sing N N 80  
CYS SG  HG   sing N N 81  
CYS OXT HXT  sing N N 82  
GLN N   CA   sing N N 83  
GLN N   H    sing N N 84  
GLN N   H2   sing N N 85  
GLN CA  C    sing N N 86  
GLN CA  CB   sing N N 87  
GLN CA  HA   sing N N 88  
GLN C   O    doub N N 89  
GLN C   OXT  sing N N 90  
GLN CB  CG   sing N N 91  
GLN CB  HB2  sing N N 92  
GLN CB  HB3  sing N N 93  
GLN CG  CD   sing N N 94  
GLN CG  HG2  sing N N 95  
GLN CG  HG3  sing N N 96  
GLN CD  OE1  doub N N 97  
GLN CD  NE2  sing N N 98  
GLN NE2 HE21 sing N N 99  
GLN NE2 HE22 sing N N 100 
GLN OXT HXT  sing N N 101 
GLU N   CA   sing N N 102 
GLU N   H    sing N N 103 
GLU N   H2   sing N N 104 
GLU CA  C    sing N N 105 
GLU CA  CB   sing N N 106 
GLU CA  HA   sing N N 107 
GLU C   O    doub N N 108 
GLU C   OXT  sing N N 109 
GLU CB  CG   sing N N 110 
GLU CB  HB2  sing N N 111 
GLU CB  HB3  sing N N 112 
GLU CG  CD   sing N N 113 
GLU CG  HG2  sing N N 114 
GLU CG  HG3  sing N N 115 
GLU CD  OE1  doub N N 116 
GLU CD  OE2  sing N N 117 
GLU OE2 HE2  sing N N 118 
GLU OXT HXT  sing N N 119 
GLY N   CA   sing N N 120 
GLY N   H    sing N N 121 
GLY N   H2   sing N N 122 
GLY CA  C    sing N N 123 
GLY CA  HA2  sing N N 124 
GLY CA  HA3  sing N N 125 
GLY C   O    doub N N 126 
GLY C   OXT  sing N N 127 
GLY OXT HXT  sing N N 128 
ILE N   CA   sing N N 129 
ILE N   H    sing N N 130 
ILE N   H2   sing N N 131 
ILE CA  C    sing N N 132 
ILE CA  CB   sing N N 133 
ILE CA  HA   sing N N 134 
ILE C   O    doub N N 135 
ILE C   OXT  sing N N 136 
ILE CB  CG1  sing N N 137 
ILE CB  CG2  sing N N 138 
ILE CB  HB   sing N N 139 
ILE CG1 CD1  sing N N 140 
ILE CG1 HG12 sing N N 141 
ILE CG1 HG13 sing N N 142 
ILE CG2 HG21 sing N N 143 
ILE CG2 HG22 sing N N 144 
ILE CG2 HG23 sing N N 145 
ILE CD1 HD11 sing N N 146 
ILE CD1 HD12 sing N N 147 
ILE CD1 HD13 sing N N 148 
ILE OXT HXT  sing N N 149 
LEU N   CA   sing N N 150 
LEU N   H    sing N N 151 
LEU N   H2   sing N N 152 
LEU CA  C    sing N N 153 
LEU CA  CB   sing N N 154 
LEU CA  HA   sing N N 155 
LEU C   O    doub N N 156 
LEU C   OXT  sing N N 157 
LEU CB  CG   sing N N 158 
LEU CB  HB2  sing N N 159 
LEU CB  HB3  sing N N 160 
LEU CG  CD1  sing N N 161 
LEU CG  CD2  sing N N 162 
LEU CG  HG   sing N N 163 
LEU CD1 HD11 sing N N 164 
LEU CD1 HD12 sing N N 165 
LEU CD1 HD13 sing N N 166 
LEU CD2 HD21 sing N N 167 
LEU CD2 HD22 sing N N 168 
LEU CD2 HD23 sing N N 169 
LEU OXT HXT  sing N N 170 
LYS N   CA   sing N N 171 
LYS N   H    sing N N 172 
LYS N   H2   sing N N 173 
LYS CA  C    sing N N 174 
LYS CA  CB   sing N N 175 
LYS CA  HA   sing N N 176 
LYS C   O    doub N N 177 
LYS C   OXT  sing N N 178 
LYS CB  CG   sing N N 179 
LYS CB  HB2  sing N N 180 
LYS CB  HB3  sing N N 181 
LYS CG  CD   sing N N 182 
LYS CG  HG2  sing N N 183 
LYS CG  HG3  sing N N 184 
LYS CD  CE   sing N N 185 
LYS CD  HD2  sing N N 186 
LYS CD  HD3  sing N N 187 
LYS CE  NZ   sing N N 188 
LYS CE  HE2  sing N N 189 
LYS CE  HE3  sing N N 190 
LYS NZ  HZ1  sing N N 191 
LYS NZ  HZ2  sing N N 192 
LYS NZ  HZ3  sing N N 193 
LYS OXT HXT  sing N N 194 
MET N   CA   sing N N 195 
MET N   H    sing N N 196 
MET N   H2   sing N N 197 
MET CA  C    sing N N 198 
MET CA  CB   sing N N 199 
MET CA  HA   sing N N 200 
MET C   O    doub N N 201 
MET C   OXT  sing N N 202 
MET CB  CG   sing N N 203 
MET CB  HB2  sing N N 204 
MET CB  HB3  sing N N 205 
MET CG  SD   sing N N 206 
MET CG  HG2  sing N N 207 
MET CG  HG3  sing N N 208 
MET SD  CE   sing N N 209 
MET CE  HE1  sing N N 210 
MET CE  HE2  sing N N 211 
MET CE  HE3  sing N N 212 
MET OXT HXT  sing N N 213 
PHE N   CA   sing N N 214 
PHE N   H    sing N N 215 
PHE N   H2   sing N N 216 
PHE CA  C    sing N N 217 
PHE CA  CB   sing N N 218 
PHE CA  HA   sing N N 219 
PHE C   O    doub N N 220 
PHE C   OXT  sing N N 221 
PHE CB  CG   sing N N 222 
PHE CB  HB2  sing N N 223 
PHE CB  HB3  sing N N 224 
PHE CG  CD1  doub Y N 225 
PHE CG  CD2  sing Y N 226 
PHE CD1 CE1  sing Y N 227 
PHE CD1 HD1  sing N N 228 
PHE CD2 CE2  doub Y N 229 
PHE CD2 HD2  sing N N 230 
PHE CE1 CZ   doub Y N 231 
PHE CE1 HE1  sing N N 232 
PHE CE2 CZ   sing Y N 233 
PHE CE2 HE2  sing N N 234 
PHE CZ  HZ   sing N N 235 
PHE OXT HXT  sing N N 236 
PRO N   CA   sing N N 237 
PRO N   CD   sing N N 238 
PRO N   H    sing N N 239 
PRO CA  C    sing N N 240 
PRO CA  CB   sing N N 241 
PRO CA  HA   sing N N 242 
PRO C   O    doub N N 243 
PRO C   OXT  sing N N 244 
PRO CB  CG   sing N N 245 
PRO CB  HB2  sing N N 246 
PRO CB  HB3  sing N N 247 
PRO CG  CD   sing N N 248 
PRO CG  HG2  sing N N 249 
PRO CG  HG3  sing N N 250 
PRO CD  HD2  sing N N 251 
PRO CD  HD3  sing N N 252 
PRO OXT HXT  sing N N 253 
SER N   CA   sing N N 254 
SER N   H    sing N N 255 
SER N   H2   sing N N 256 
SER CA  C    sing N N 257 
SER CA  CB   sing N N 258 
SER CA  HA   sing N N 259 
SER C   O    doub N N 260 
SER C   OXT  sing N N 261 
SER CB  OG   sing N N 262 
SER CB  HB2  sing N N 263 
SER CB  HB3  sing N N 264 
SER OG  HG   sing N N 265 
SER OXT HXT  sing N N 266 
THR N   CA   sing N N 267 
THR N   H    sing N N 268 
THR N   H2   sing N N 269 
THR CA  C    sing N N 270 
THR CA  CB   sing N N 271 
THR CA  HA   sing N N 272 
THR C   O    doub N N 273 
THR C   OXT  sing N N 274 
THR CB  OG1  sing N N 275 
THR CB  CG2  sing N N 276 
THR CB  HB   sing N N 277 
THR OG1 HG1  sing N N 278 
THR CG2 HG21 sing N N 279 
THR CG2 HG22 sing N N 280 
THR CG2 HG23 sing N N 281 
THR OXT HXT  sing N N 282 
TYR N   CA   sing N N 283 
TYR N   H    sing N N 284 
TYR N   H2   sing N N 285 
TYR CA  C    sing N N 286 
TYR CA  CB   sing N N 287 
TYR CA  HA   sing N N 288 
TYR C   O    doub N N 289 
TYR C   OXT  sing N N 290 
TYR CB  CG   sing N N 291 
TYR CB  HB2  sing N N 292 
TYR CB  HB3  sing N N 293 
TYR CG  CD1  doub Y N 294 
TYR CG  CD2  sing Y N 295 
TYR CD1 CE1  sing Y N 296 
TYR CD1 HD1  sing N N 297 
TYR CD2 CE2  doub Y N 298 
TYR CD2 HD2  sing N N 299 
TYR CE1 CZ   doub Y N 300 
TYR CE1 HE1  sing N N 301 
TYR CE2 CZ   sing Y N 302 
TYR CE2 HE2  sing N N 303 
TYR CZ  OH   sing N N 304 
TYR OH  HH   sing N N 305 
TYR OXT HXT  sing N N 306 
VAL N   CA   sing N N 307 
VAL N   H    sing N N 308 
VAL N   H2   sing N N 309 
VAL CA  C    sing N N 310 
VAL CA  CB   sing N N 311 
VAL CA  HA   sing N N 312 
VAL C   O    doub N N 313 
VAL C   OXT  sing N N 314 
VAL CB  CG1  sing N N 315 
VAL CB  CG2  sing N N 316 
VAL CB  HB   sing N N 317 
VAL CG1 HG11 sing N N 318 
VAL CG1 HG12 sing N N 319 
VAL CG1 HG13 sing N N 320 
VAL CG2 HG21 sing N N 321 
VAL CG2 HG22 sing N N 322 
VAL CG2 HG23 sing N N 323 
VAL OXT HXT  sing N N 324 
# 
_atom_sites.entry_id                    1NPO 
_atom_sites.fract_transf_matrix[1][1]   0.00224653 
_atom_sites.fract_transf_matrix[1][2]   0.00726427 
_atom_sites.fract_transf_matrix[1][3]   -0.01232525 
_atom_sites.fract_transf_matrix[2][1]   -0.00263382 
_atom_sites.fract_transf_matrix[2][2]   -0.01205304 
_atom_sites.fract_transf_matrix[2][3]   -0.00758390 
_atom_sites.fract_transf_matrix[3][1]   -0.00857305 
_atom_sites.fract_transf_matrix[3][2]   0.00208381 
_atom_sites.fract_transf_matrix[3][3]   -0.00033445 
_atom_sites.fract_transf_vector[1]      0.680297 
_atom_sites.fract_transf_vector[2]      0.210829 
_atom_sites.fract_transf_vector[3]      0.063775 
# 
loop_
_atom_type.symbol 
C 
N 
O 
S 
# 
loop_
_atom_site.group_PDB 
_atom_site.id 
_atom_site.type_symbol 
_atom_site.label_atom_id 
_atom_site.label_alt_id 
_atom_site.label_comp_id 
_atom_site.label_asym_id 
_atom_site.label_entity_id 
_atom_site.label_seq_id 
_atom_site.pdbx_PDB_ins_code 
_atom_site.Cartn_x 
_atom_site.Cartn_y 
_atom_site.Cartn_z 
_atom_site.occupancy 
_atom_site.B_iso_or_equiv 
_atom_site.pdbx_formal_charge 
_atom_site.auth_seq_id 
_atom_site.auth_comp_id 
_atom_site.auth_asym_id 
_atom_site.auth_atom_id 
_atom_site.pdbx_PDB_model_num 
ATOM 1    N N   . LEU A 1 5  ? -10.512 -3.294  -22.526 1.00 31.88 ? 5  LEU A N   1 
ATOM 2    C CA  . LEU A 1 5  ? -11.817 -3.649  -21.875 1.00 34.48 ? 5  LEU A CA  1 
ATOM 3    C C   . LEU A 1 5  ? -12.427 -2.446  -21.153 1.00 39.10 ? 5  LEU A C   1 
ATOM 4    O O   . LEU A 1 5  ? -11.743 -1.780  -20.369 1.00 41.59 ? 5  LEU A O   1 
ATOM 5    C CB  . LEU A 1 5  ? -11.616 -4.777  -20.870 1.00 28.24 ? 5  LEU A CB  1 
ATOM 6    C CG  . LEU A 1 5  ? -12.786 -5.741  -20.714 1.00 24.83 ? 5  LEU A CG  1 
ATOM 7    C CD1 . LEU A 1 5  ? -12.948 -6.538  -21.994 1.00 26.21 ? 5  LEU A CD1 1 
ATOM 8    C CD2 . LEU A 1 5  ? -12.534 -6.687  -19.554 1.00 26.59 ? 5  LEU A CD2 1 
ATOM 9    N N   . GLU A 1 6  ? -13.704 -2.171  -21.417 1.00 41.42 ? 6  GLU A N   1 
ATOM 10   C CA  . GLU A 1 6  ? -14.314 -0.922  -20.974 1.00 41.10 ? 6  GLU A CA  1 
ATOM 11   C C   . GLU A 1 6  ? -15.049 -1.100  -19.655 1.00 39.93 ? 6  GLU A C   1 
ATOM 12   O O   . GLU A 1 6  ? -16.251 -1.384  -19.637 1.00 44.06 ? 6  GLU A O   1 
ATOM 13   C CB  . GLU A 1 6  ? -15.274 -0.406  -22.035 1.00 45.74 ? 6  GLU A CB  1 
ATOM 14   C CG  . GLU A 1 6  ? -14.997 1.012   -22.499 1.00 53.38 ? 6  GLU A CG  1 
ATOM 15   C CD  . GLU A 1 6  ? -14.947 1.121   -24.018 1.00 60.65 ? 6  GLU A CD  1 
ATOM 16   O OE1 . GLU A 1 6  ? -16.024 1.043   -24.669 1.00 61.64 ? 6  GLU A OE1 1 
ATOM 17   O OE2 . GLU A 1 6  ? -13.819 1.247   -24.558 1.00 65.62 ? 6  GLU A OE2 1 
ATOM 18   N N   . LEU A 1 7  ? -14.302 -0.995  -18.559 1.00 36.45 ? 7  LEU A N   1 
ATOM 19   C CA  . LEU A 1 7  ? -14.854 -1.160  -17.218 1.00 34.01 ? 7  LEU A CA  1 
ATOM 20   C C   . LEU A 1 7  ? -15.109 0.163   -16.498 1.00 33.37 ? 7  LEU A C   1 
ATOM 21   O O   . LEU A 1 7  ? -14.497 1.186   -16.803 1.00 36.63 ? 7  LEU A O   1 
ATOM 22   C CB  . LEU A 1 7  ? -13.915 -1.999  -16.368 1.00 30.57 ? 7  LEU A CB  1 
ATOM 23   C CG  . LEU A 1 7  ? -13.545 -3.358  -16.927 1.00 29.52 ? 7  LEU A CG  1 
ATOM 24   C CD1 . LEU A 1 7  ? -12.385 -3.918  -16.124 1.00 32.12 ? 7  LEU A CD1 1 
ATOM 25   C CD2 . LEU A 1 7  ? -14.736 -4.281  -16.858 1.00 27.63 ? 7  LEU A CD2 1 
ATOM 26   N N   . ARG A 1 8  ? -15.979 0.125   -15.498 1.00 28.78 ? 8  ARG A N   1 
ATOM 27   C CA  . ARG A 1 8  ? -16.147 1.265   -14.619 1.00 22.95 ? 8  ARG A CA  1 
ATOM 28   C C   . ARG A 1 8  ? -15.059 1.261   -13.570 1.00 22.54 ? 8  ARG A C   1 
ATOM 29   O O   . ARG A 1 8  ? -14.570 0.208   -13.165 1.00 21.08 ? 8  ARG A O   1 
ATOM 30   C CB  . ARG A 1 8  ? -17.496 1.207   -13.918 1.00 23.05 ? 8  ARG A CB  1 
ATOM 31   C CG  . ARG A 1 8  ? -17.704 -0.027  -13.057 1.00 20.45 ? 8  ARG A CG  1 
ATOM 32   C CD  . ARG A 1 8  ? -18.971 0.083   -12.233 1.00 17.66 ? 8  ARG A CD  1 
ATOM 33   N NE  . ARG A 1 8  ? -19.134 -1.077  -11.369 1.00 19.92 ? 8  ARG A NE  1 
ATOM 34   C CZ  . ARG A 1 8  ? -18.751 -1.109  -10.100 1.00 23.06 ? 8  ARG A CZ  1 
ATOM 35   N NH1 . ARG A 1 8  ? -18.345 0.013   -9.511  1.00 23.05 ? 8  ARG A NH1 1 
ATOM 36   N NH2 . ARG A 1 8  ? -18.814 -2.248  -9.410  1.00 21.63 ? 8  ARG A NH2 1 
ATOM 37   N N   . GLN A 1 9  ? -14.732 2.446   -13.087 1.00 20.99 ? 9  GLN A N   1 
ATOM 38   C CA  . GLN A 1 9  ? -13.927 2.572   -11.895 1.00 20.76 ? 9  GLN A CA  1 
ATOM 39   C C   . GLN A 1 9  ? -14.674 1.866   -10.799 1.00 16.05 ? 9  GLN A C   1 
ATOM 40   O O   . GLN A 1 9  ? -15.874 1.661   -10.901 1.00 18.01 ? 9  GLN A O   1 
ATOM 41   C CB  . GLN A 1 9  ? -13.767 4.039   -11.516 1.00 29.78 ? 9  GLN A CB  1 
ATOM 42   C CG  . GLN A 1 9  ? -13.294 4.921   -12.654 1.00 41.34 ? 9  GLN A CG  1 
ATOM 43   C CD  . GLN A 1 9  ? -11.892 5.466   -12.439 1.00 48.55 ? 9  GLN A CD  1 
ATOM 44   O OE1 . GLN A 1 9  ? -10.962 4.724   -12.120 1.00 51.31 ? 9  GLN A OE1 1 
ATOM 45   N NE2 . GLN A 1 9  ? -11.734 6.772   -12.616 1.00 54.71 ? 9  GLN A NE2 1 
ATOM 46   N N   . CYS A 1 10 ? -13.955 1.459   -9.767  1.00 15.51 ? 10 CYS A N   1 
ATOM 47   C CA  . CYS A 1 10 ? -14.573 0.810   -8.625  1.00 12.58 ? 10 CYS A CA  1 
ATOM 48   C C   . CYS A 1 10 ? -15.037 1.871   -7.653  1.00 11.99 ? 10 CYS A C   1 
ATOM 49   O O   . CYS A 1 10 ? -14.860 3.058   -7.914  1.00 8.93  ? 10 CYS A O   1 
ATOM 50   C CB  . CYS A 1 10 ? -13.579 -0.109  -7.949  1.00 14.32 ? 10 CYS A CB  1 
ATOM 51   S SG  . CYS A 1 10 ? -12.810 -1.257  -9.112  1.00 17.70 ? 10 CYS A SG  1 
ATOM 52   N N   . LEU A 1 11 ? -15.691 1.444   -6.573  1.00 9.80  ? 11 LEU A N   1 
ATOM 53   C CA  . LEU A 1 11 ? -16.251 2.369   -5.600  1.00 7.32  ? 11 LEU A CA  1 
ATOM 54   C C   . LEU A 1 11 ? -15.224 3.396   -5.171  1.00 7.70  ? 11 LEU A C   1 
ATOM 55   O O   . LEU A 1 11 ? -14.047 3.098   -5.041  1.00 9.00  ? 11 LEU A O   1 
ATOM 56   C CB  . LEU A 1 11 ? -16.765 1.605   -4.383  1.00 10.10 ? 11 LEU A CB  1 
ATOM 57   C CG  . LEU A 1 11 ? -17.789 0.530   -4.732  1.00 11.81 ? 11 LEU A CG  1 
ATOM 58   C CD1 . LEU A 1 11 ? -18.360 -0.063  -3.481  1.00 12.32 ? 11 LEU A CD1 1 
ATOM 59   C CD2 . LEU A 1 11 ? -18.882 1.146   -5.561  1.00 16.90 ? 11 LEU A CD2 1 
ATOM 60   N N   . PRO A 1 12 ? -15.638 4.653   -5.062  1.00 9.21  ? 12 PRO A N   1 
ATOM 61   C CA  . PRO A 1 12 ? -14.702 5.602   -4.489  1.00 11.65 ? 12 PRO A CA  1 
ATOM 62   C C   . PRO A 1 12 ? -14.597 5.339   -2.992  1.00 12.35 ? 12 PRO A C   1 
ATOM 63   O O   . PRO A 1 12 ? -15.497 4.748   -2.382  1.00 12.95 ? 12 PRO A O   1 
ATOM 64   C CB  . PRO A 1 12 ? -15.371 6.929   -4.782  1.00 12.17 ? 12 PRO A CB  1 
ATOM 65   C CG  . PRO A 1 12 ? -16.801 6.611   -4.535  1.00 9.03  ? 12 PRO A CG  1 
ATOM 66   C CD  . PRO A 1 12 ? -17.008 5.175   -4.981  1.00 10.35 ? 12 PRO A CD  1 
ATOM 67   N N   . CYS A 1 13 ? -13.604 5.950   -2.374  1.00 13.35 ? 13 CYS A N   1 
ATOM 68   C CA  . CYS A 1 13 ? -13.272 5.639   -1.003  1.00 15.44 ? 13 CYS A CA  1 
ATOM 69   C C   . CYS A 1 13 ? -12.313 6.702   -0.471  1.00 15.47 ? 13 CYS A C   1 
ATOM 70   O O   . CYS A 1 13 ? -11.959 7.662   -1.174  1.00 12.73 ? 13 CYS A O   1 
ATOM 71   C CB  . CYS A 1 13 ? -12.632 4.252   -0.942  1.00 16.10 ? 13 CYS A CB  1 
ATOM 72   S SG  . CYS A 1 13 ? -11.177 4.098   -2.036  1.00 25.38 ? 13 CYS A SG  1 
ATOM 73   N N   . GLY A 1 14 ? -11.960 6.567   0.801   1.00 18.52 ? 14 GLY A N   1 
ATOM 74   C CA  . GLY A 1 14 ? -11.019 7.484   1.415   1.00 21.19 ? 14 GLY A CA  1 
ATOM 75   C C   . GLY A 1 14 ? -11.603 8.830   1.770   1.00 22.22 ? 14 GLY A C   1 
ATOM 76   O O   . GLY A 1 14 ? -12.767 9.092   1.509   1.00 24.44 ? 14 GLY A O   1 
ATOM 77   N N   . PRO A 1 15 ? -10.789 9.727   2.330   1.00 24.79 ? 15 PRO A N   1 
ATOM 78   C CA  . PRO A 1 15 ? -11.107 11.136  2.571   1.00 27.31 ? 15 PRO A CA  1 
ATOM 79   C C   . PRO A 1 15 ? -11.976 11.820  1.499   1.00 30.06 ? 15 PRO A C   1 
ATOM 80   O O   . PRO A 1 15 ? -11.521 12.128  0.388   1.00 31.47 ? 15 PRO A O   1 
ATOM 81   C CB  . PRO A 1 15 ? -9.731  11.787  2.665   1.00 27.86 ? 15 PRO A CB  1 
ATOM 82   C CG  . PRO A 1 15 ? -8.822  10.839  1.927   1.00 27.23 ? 15 PRO A CG  1 
ATOM 83   C CD  . PRO A 1 15 ? -9.339  9.511   2.365   1.00 27.30 ? 15 PRO A CD  1 
ATOM 84   N N   . GLY A 1 16 ? -13.236 12.051  1.854   1.00 30.59 ? 16 GLY A N   1 
ATOM 85   C CA  . GLY A 1 16 ? -14.121 12.821  1.007   1.00 29.68 ? 16 GLY A CA  1 
ATOM 86   C C   . GLY A 1 16 ? -14.316 12.156  -0.330  1.00 28.68 ? 16 GLY A C   1 
ATOM 87   O O   . GLY A 1 16 ? -14.464 12.836  -1.337  1.00 31.48 ? 16 GLY A O   1 
ATOM 88   N N   . GLY A 1 17 ? -14.198 10.832  -0.348  1.00 28.07 ? 17 GLY A N   1 
ATOM 89   C CA  . GLY A 1 17 ? -14.395 10.077  -1.571  1.00 27.17 ? 17 GLY A CA  1 
ATOM 90   C C   . GLY A 1 17 ? -13.469 10.497  -2.696  1.00 28.09 ? 17 GLY A C   1 
ATOM 91   O O   . GLY A 1 17 ? -13.735 10.229  -3.874  1.00 29.58 ? 17 GLY A O   1 
ATOM 92   N N   . LYS A 1 18 ? -12.351 11.116  -2.345  1.00 26.76 ? 18 LYS A N   1 
ATOM 93   C CA  . LYS A 1 18 ? -11.433 11.541  -3.371  1.00 29.12 ? 18 LYS A CA  1 
ATOM 94   C C   . LYS A 1 18 ? -10.692 10.351  -3.973  1.00 29.19 ? 18 LYS A C   1 
ATOM 95   O O   . LYS A 1 18 ? -9.984  10.497  -4.963  1.00 34.81 ? 18 LYS A O   1 
ATOM 96   C CB  . LYS A 1 18 ? -10.446 12.565  -2.814  1.00 34.80 ? 18 LYS A CB  1 
ATOM 97   C CG  . LYS A 1 18 ? -10.979 14.010  -2.786  1.00 43.94 ? 18 LYS A CG  1 
ATOM 98   C CD  . LYS A 1 18 ? -9.857  15.060  -2.925  1.00 47.07 ? 18 LYS A CD  1 
ATOM 99   C CE  . LYS A 1 18 ? -9.098  15.296  -1.607  1.00 51.22 ? 18 LYS A CE  1 
ATOM 100  N NZ  . LYS A 1 18 ? -7.776  15.986  -1.794  1.00 51.04 ? 18 LYS A NZ  1 
ATOM 101  N N   . GLY A 1 19 ? -10.890 9.161   -3.419  1.00 25.29 ? 19 GLY A N   1 
ATOM 102  C CA  . GLY A 1 19 ? -10.109 8.026   -3.880  1.00 25.36 ? 19 GLY A CA  1 
ATOM 103  C C   . GLY A 1 19 ? -10.882 6.875   -4.496  1.00 25.90 ? 19 GLY A C   1 
ATOM 104  O O   . GLY A 1 19 ? -12.066 6.706   -4.234  1.00 29.26 ? 19 GLY A O   1 
ATOM 105  N N   . ARG A 1 20 ? -10.208 6.058   -5.298  1.00 21.52 ? 20 ARG A N   1 
ATOM 106  C CA  . ARG A 1 20 ? -10.855 4.915   -5.916  1.00 20.21 ? 20 ARG A CA  1 
ATOM 107  C C   . ARG A 1 20 ? -10.274 3.649   -5.339  1.00 17.36 ? 20 ARG A C   1 
ATOM 108  O O   . ARG A 1 20 ? -9.067  3.523   -5.259  1.00 20.74 ? 20 ARG A O   1 
ATOM 109  C CB  . ARG A 1 20 ? -10.626 4.915   -7.431  1.00 27.21 ? 20 ARG A CB  1 
ATOM 110  C CG  . ARG A 1 20 ? -11.569 5.798   -8.233  1.00 31.22 ? 20 ARG A CG  1 
ATOM 111  C CD  . ARG A 1 20 ? -12.960 5.769   -7.647  1.00 38.76 ? 20 ARG A CD  1 
ATOM 112  N NE  . ARG A 1 20 ? -13.970 6.075   -8.649  1.00 44.77 ? 20 ARG A NE  1 
ATOM 113  C CZ  . ARG A 1 20 ? -14.455 7.288   -8.868  1.00 49.32 ? 20 ARG A CZ  1 
ATOM 114  N NH1 . ARG A 1 20 ? -14.029 8.322   -8.148  1.00 55.70 ? 20 ARG A NH1 1 
ATOM 115  N NH2 . ARG A 1 20 ? -15.371 7.467   -9.804  1.00 54.68 ? 20 ARG A NH2 1 
ATOM 116  N N   . CYS A 1 21 ? -11.122 2.679   -5.021  1.00 11.92 ? 21 CYS A N   1 
ATOM 117  C CA  . CYS A 1 21 ? -10.652 1.359   -4.631  1.00 6.07  ? 21 CYS A CA  1 
ATOM 118  C C   . CYS A 1 21 ? -9.954  0.712   -5.790  1.00 8.67  ? 21 CYS A C   1 
ATOM 119  O O   . CYS A 1 21 ? -10.439 0.795   -6.910  1.00 10.22 ? 21 CYS A O   1 
ATOM 120  C CB  . CYS A 1 21 ? -11.812 0.485   -4.219  1.00 2.00  ? 21 CYS A CB  1 
ATOM 121  S SG  . CYS A 1 21 ? -12.706 1.204   -2.827  1.00 11.62 ? 21 CYS A SG  1 
ATOM 122  N N   . PHE A 1 22 ? -8.779  0.137   -5.532  1.00 9.82  ? 22 PHE A N   1 
ATOM 123  C CA  . PHE A 1 22 ? -8.093  -0.719  -6.508  1.00 9.17  ? 22 PHE A CA  1 
ATOM 124  C C   . PHE A 1 22 ? -8.098  -2.193  -6.141  1.00 8.83  ? 22 PHE A C   1 
ATOM 125  O O   . PHE A 1 22 ? -7.632  -3.033  -6.917  1.00 12.21 ? 22 PHE A O   1 
ATOM 126  C CB  . PHE A 1 22 ? -6.660  -0.271  -6.699  1.00 6.77  ? 22 PHE A CB  1 
ATOM 127  C CG  . PHE A 1 22 ? -6.528  0.998   -7.479  1.00 5.55  ? 22 PHE A CG  1 
ATOM 128  C CD1 . PHE A 1 22 ? -6.971  2.200   -6.945  1.00 4.61  ? 22 PHE A CD1 1 
ATOM 129  C CD2 . PHE A 1 22 ? -5.857  1.008   -8.691  1.00 2.00  ? 22 PHE A CD2 1 
ATOM 130  C CE1 . PHE A 1 22 ? -6.736  3.388   -7.593  1.00 5.60  ? 22 PHE A CE1 1 
ATOM 131  C CE2 . PHE A 1 22 ? -5.618  2.183   -9.347  1.00 2.00  ? 22 PHE A CE2 1 
ATOM 132  C CZ  . PHE A 1 22 ? -6.054  3.380   -8.799  1.00 7.37  ? 22 PHE A CZ  1 
ATOM 133  N N   . GLY A 1 23 ? -8.663  -2.496  -4.975  1.00 5.28  ? 23 GLY A N   1 
ATOM 134  C CA  . GLY A 1 23 ? -8.896  -3.867  -4.551  1.00 3.31  ? 23 GLY A CA  1 
ATOM 135  C C   . GLY A 1 23 ? -9.517  -3.822  -3.174  1.00 6.22  ? 23 GLY A C   1 
ATOM 136  O O   . GLY A 1 23 ? -9.541  -2.762  -2.558  1.00 10.62 ? 23 GLY A O   1 
ATOM 137  N N   . PRO A 1 24 ? -9.915  -4.956  -2.602  1.00 7.84  ? 24 PRO A N   1 
ATOM 138  C CA  . PRO A 1 24 ? -10.720 -4.982  -1.369  1.00 10.67 ? 24 PRO A CA  1 
ATOM 139  C C   . PRO A 1 24 ? -10.258 -4.059  -0.249  1.00 14.49 ? 24 PRO A C   1 
ATOM 140  O O   . PRO A 1 24 ? -11.071 -3.599  0.549   1.00 16.56 ? 24 PRO A O   1 
ATOM 141  C CB  . PRO A 1 24 ? -10.654 -6.441  -0.932  1.00 7.64  ? 24 PRO A CB  1 
ATOM 142  C CG  . PRO A 1 24 ? -10.490 -7.193  -2.241  1.00 12.58 ? 24 PRO A CG  1 
ATOM 143  C CD  . PRO A 1 24 ? -9.596  -6.307  -3.089  1.00 9.89  ? 24 PRO A CD  1 
ATOM 144  N N   . SER A 1 25 ? -8.952  -3.804  -0.178  1.00 19.77 ? 25 SER A N   1 
ATOM 145  C CA  . SER A 1 25 ? -8.363  -3.074  0.957   1.00 20.01 ? 25 SER A CA  1 
ATOM 146  C C   . SER A 1 25 ? -7.393  -1.979  0.517   1.00 19.00 ? 25 SER A C   1 
ATOM 147  O O   . SER A 1 25 ? -6.685  -1.386  1.336   1.00 20.49 ? 25 SER A O   1 
ATOM 148  C CB  . SER A 1 25 ? -7.630  -4.045  1.893   1.00 20.79 ? 25 SER A CB  1 
ATOM 149  O OG  . SER A 1 25 ? -6.689  -4.829  1.172   1.00 29.16 ? 25 SER A OG  1 
ATOM 150  N N   . ILE A 1 26 ? -7.374  -1.690  -0.774  1.00 13.87 ? 26 ILE A N   1 
ATOM 151  C CA  . ILE A 1 26 ? -6.469  -0.684  -1.282  1.00 11.27 ? 26 ILE A CA  1 
ATOM 152  C C   . ILE A 1 26 ? -7.257  0.508   -1.802  1.00 14.75 ? 26 ILE A C   1 
ATOM 153  O O   . ILE A 1 26 ? -7.970  0.409   -2.795  1.00 17.28 ? 26 ILE A O   1 
ATOM 154  C CB  . ILE A 1 26 ? -5.597  -1.259  -2.395  1.00 7.19  ? 26 ILE A CB  1 
ATOM 155  C CG1 . ILE A 1 26 ? -4.897  -2.521  -1.894  1.00 5.54  ? 26 ILE A CG1 1 
ATOM 156  C CG2 . ILE A 1 26 ? -4.626  -0.218  -2.875  1.00 6.33  ? 26 ILE A CG2 1 
ATOM 157  C CD1 . ILE A 1 26 ? -3.704  -2.926  -2.702  1.00 5.29  ? 26 ILE A CD1 1 
ATOM 158  N N   . CYS A 1 27 ? -7.231  1.599   -1.053  1.00 15.83 ? 27 CYS A N   1 
ATOM 159  C CA  . CYS A 1 27 ? -7.888  2.816   -1.482  1.00 17.66 ? 27 CYS A CA  1 
ATOM 160  C C   . CYS A 1 27 ? -6.879  3.894   -1.848  1.00 18.63 ? 27 CYS A C   1 
ATOM 161  O O   . CYS A 1 27 ? -6.334  4.540   -0.966  1.00 21.12 ? 27 CYS A O   1 
ATOM 162  C CB  . CYS A 1 27 ? -8.791  3.350   -0.376  1.00 20.40 ? 27 CYS A CB  1 
ATOM 163  S SG  . CYS A 1 27 ? -9.657  4.856   -0.913  1.00 22.53 ? 27 CYS A SG  1 
ATOM 164  N N   . CYS A 1 28 ? -6.678  4.126   -3.140  1.00 18.10 ? 28 CYS A N   1 
ATOM 165  C CA  . CYS A 1 28 ? -5.708  5.118   -3.613  1.00 17.44 ? 28 CYS A CA  1 
ATOM 166  C C   . CYS A 1 28 ? -6.336  6.316   -4.300  1.00 18.57 ? 28 CYS A C   1 
ATOM 167  O O   . CYS A 1 28 ? -7.098  6.176   -5.247  1.00 22.48 ? 28 CYS A O   1 
ATOM 168  C CB  . CYS A 1 28 ? -4.749  4.496   -4.604  1.00 17.38 ? 28 CYS A CB  1 
ATOM 169  S SG  . CYS A 1 28 ? -3.809  3.094   -3.969  1.00 20.06 ? 28 CYS A SG  1 
ATOM 170  N N   . GLY A 1 29 ? -5.850  7.490   -3.949  1.00 21.69 ? 29 GLY A N   1 
ATOM 171  C CA  . GLY A 1 29 ? -6.225  8.683   -4.669  1.00 28.16 ? 29 GLY A CA  1 
ATOM 172  C C   . GLY A 1 29 ? -5.025  9.339   -5.318  1.00 32.53 ? 29 GLY A C   1 
ATOM 173  O O   . GLY A 1 29 ? -3.982  9.510   -4.689  1.00 33.24 ? 29 GLY A O   1 
ATOM 174  N N   . ASP A 1 30 ? -5.232  9.847   -6.525  1.00 37.52 ? 30 ASP A N   1 
ATOM 175  C CA  . ASP A 1 30 ? -4.200  10.555  -7.280  1.00 39.63 ? 30 ASP A CA  1 
ATOM 176  C C   . ASP A 1 30 ? -3.432  11.590  -6.451  1.00 36.54 ? 30 ASP A C   1 
ATOM 177  O O   . ASP A 1 30 ? -2.213  11.642  -6.502  1.00 39.26 ? 30 ASP A O   1 
ATOM 178  C CB  . ASP A 1 30 ? -4.843  11.231  -8.494  1.00 46.85 ? 30 ASP A CB  1 
ATOM 179  C CG  . ASP A 1 30 ? -3.870  11.415  -9.642  1.00 53.37 ? 30 ASP A CG  1 
ATOM 180  O OD1 . ASP A 1 30 ? -3.108  10.466  -9.948  1.00 55.01 ? 30 ASP A OD1 1 
ATOM 181  O OD2 . ASP A 1 30 ? -3.892  12.506  -10.261 1.00 63.08 ? 30 ASP A OD2 1 
ATOM 182  N N   . GLU A 1 31 ? -4.143  12.310  -5.596  1.00 34.18 ? 31 GLU A N   1 
ATOM 183  C CA  . GLU A 1 31 ? -3.548  13.367  -4.785  1.00 34.99 ? 31 GLU A CA  1 
ATOM 184  C C   . GLU A 1 31 ? -3.683  13.036  -3.301  1.00 32.80 ? 31 GLU A C   1 
ATOM 185  O O   . GLU A 1 31 ? -3.981  13.903  -2.471  1.00 32.87 ? 31 GLU A O   1 
ATOM 186  C CB  . GLU A 1 31 ? -4.253  14.695  -5.087  1.00 44.15 ? 31 GLU A CB  1 
ATOM 187  C CG  . GLU A 1 31 ? -5.766  14.720  -4.729  1.00 54.20 ? 31 GLU A CG  1 
ATOM 188  C CD  . GLU A 1 31 ? -6.519  15.963  -5.247  1.00 64.03 ? 31 GLU A CD  1 
ATOM 189  O OE1 . GLU A 1 31 ? -5.873  16.920  -5.753  1.00 65.81 ? 31 GLU A OE1 1 
ATOM 190  O OE2 . GLU A 1 31 ? -7.775  15.969  -5.159  1.00 67.67 ? 31 GLU A OE2 1 
ATOM 191  N N   . LEU A 1 32 ? -3.572  11.751  -2.995  1.00 28.64 ? 32 LEU A N   1 
ATOM 192  C CA  . LEU A 1 32 ? -3.914  11.231  -1.672  1.00 22.71 ? 32 LEU A CA  1 
ATOM 193  C C   . LEU A 1 32 ? -2.815  10.273  -1.222  1.00 22.11 ? 32 LEU A C   1 
ATOM 194  O O   . LEU A 1 32 ? -2.312  10.341  -0.093  1.00 21.77 ? 32 LEU A O   1 
ATOM 195  C CB  . LEU A 1 32 ? -5.228  10.466  -1.761  1.00 21.71 ? 32 LEU A CB  1 
ATOM 196  C CG  . LEU A 1 32 ? -6.326  10.736  -0.746  1.00 21.15 ? 32 LEU A CG  1 
ATOM 197  C CD1 . LEU A 1 32 ? -6.638  12.205  -0.733  1.00 22.14 ? 32 LEU A CD1 1 
ATOM 198  C CD2 . LEU A 1 32 ? -7.546  9.927   -1.122  1.00 17.97 ? 32 LEU A CD2 1 
ATOM 199  N N   . GLY A 1 33 ? -2.424  9.406   -2.145  1.00 16.34 ? 33 GLY A N   1 
ATOM 200  C CA  . GLY A 1 33 ? -1.588  8.291   -1.789  1.00 14.11 ? 33 GLY A CA  1 
ATOM 201  C C   . GLY A 1 33 ? -2.414  7.031   -1.839  1.00 15.00 ? 33 GLY A C   1 
ATOM 202  O O   . GLY A 1 33 ? -3.406  6.954   -2.542  1.00 17.81 ? 33 GLY A O   1 
ATOM 203  N N   . CYS A 1 34 ? -2.011  6.034   -1.083  1.00 14.27 ? 34 CYS A N   1 
ATOM 204  C CA  . CYS A 1 34 ? -2.691  4.766   -1.116  1.00 12.67 ? 34 CYS A CA  1 
ATOM 205  C C   . CYS A 1 34 ? -2.911  4.309   0.293   1.00 16.61 ? 34 CYS A C   1 
ATOM 206  O O   . CYS A 1 34 ? -2.010  4.368   1.121   1.00 23.37 ? 34 CYS A O   1 
ATOM 207  C CB  . CYS A 1 34 ? -1.843  3.751   -1.828  1.00 12.35 ? 34 CYS A CB  1 
ATOM 208  S SG  . CYS A 1 34 ? -2.002  3.920   -3.608  1.00 18.39 ? 34 CYS A SG  1 
ATOM 209  N N   . PHE A 1 35 ? -4.115  3.864   0.580   1.00 14.05 ? 35 PHE A N   1 
ATOM 210  C CA  . PHE A 1 35 ? -4.400  3.354   1.888   1.00 10.73 ? 35 PHE A CA  1 
ATOM 211  C C   . PHE A 1 35 ? -4.576  1.869   1.695   1.00 13.01 ? 35 PHE A C   1 
ATOM 212  O O   . PHE A 1 35 ? -5.274  1.442   0.776   1.00 17.00 ? 35 PHE A O   1 
ATOM 213  C CB  . PHE A 1 35 ? -5.661  4.015   2.416   1.00 9.27  ? 35 PHE A CB  1 
ATOM 214  C CG  . PHE A 1 35 ? -5.570  5.508   2.478   1.00 6.46  ? 35 PHE A CG  1 
ATOM 215  C CD1 . PHE A 1 35 ? -5.934  6.287   1.387   1.00 8.37  ? 35 PHE A CD1 1 
ATOM 216  C CD2 . PHE A 1 35 ? -5.124  6.136   3.621   1.00 5.24  ? 35 PHE A CD2 1 
ATOM 217  C CE1 . PHE A 1 35 ? -5.860  7.666   1.426   1.00 2.57  ? 35 PHE A CE1 1 
ATOM 218  C CE2 . PHE A 1 35 ? -5.051  7.514   3.681   1.00 7.25  ? 35 PHE A CE2 1 
ATOM 219  C CZ  . PHE A 1 35 ? -5.426  8.282   2.572   1.00 9.23  ? 35 PHE A CZ  1 
ATOM 220  N N   . VAL A 1 36 ? -3.747  1.096   2.374   1.00 10.07 ? 36 VAL A N   1 
ATOM 221  C CA  . VAL A 1 36 ? -3.759  -0.340  2.173   1.00 9.69  ? 36 VAL A CA  1 
ATOM 222  C C   . VAL A 1 36 ? -4.137  -0.925  3.491   1.00 9.66  ? 36 VAL A C   1 
ATOM 223  O O   . VAL A 1 36 ? -3.335  -0.919  4.403   1.00 19.85 ? 36 VAL A O   1 
ATOM 224  C CB  . VAL A 1 36 ? -2.367  -0.884  1.774   1.00 8.40  ? 36 VAL A CB  1 
ATOM 225  C CG1 . VAL A 1 36 ? -2.382  -2.383  1.790   1.00 4.52  ? 36 VAL A CG1 1 
ATOM 226  C CG2 . VAL A 1 36 ? -1.978  -0.387  0.387   1.00 5.83  ? 36 VAL A CG2 1 
ATOM 227  N N   . GLY A 1 37 ? -5.411  -1.218  3.667   1.00 8.10  ? 37 GLY A N   1 
ATOM 228  C CA  . GLY A 1 37 ? -5.836  -1.832  4.907   1.00 3.63  ? 37 GLY A CA  1 
ATOM 229  C C   . GLY A 1 37 ? -6.030  -0.829  6.026   1.00 5.86  ? 37 GLY A C   1 
ATOM 230  O O   . GLY A 1 37 ? -6.315  -1.217  7.152   1.00 9.46  ? 37 GLY A O   1 
ATOM 231  N N   . THR A 1 38 ? -5.893  0.459   5.743   1.00 5.72  ? 38 THR A N   1 
ATOM 232  C CA  . THR A 1 38 ? -6.287  1.448   6.739   1.00 11.68 ? 38 THR A CA  1 
ATOM 233  C C   . THR A 1 38 ? -7.809  1.647   6.800   1.00 14.64 ? 38 THR A C   1 
ATOM 234  O O   . THR A 1 38 ? -8.557  1.094   5.999   1.00 18.01 ? 38 THR A O   1 
ATOM 235  C CB  . THR A 1 38 ? -5.673  2.809   6.456   1.00 15.89 ? 38 THR A CB  1 
ATOM 236  O OG1 . THR A 1 38 ? -6.332  3.388   5.320   1.00 12.92 ? 38 THR A OG1 1 
ATOM 237  C CG2 . THR A 1 38 ? -4.170  2.684   6.198   1.00 17.87 ? 38 THR A CG2 1 
ATOM 238  N N   . ALA A 1 39 ? -8.249  2.550   7.667   1.00 17.85 ? 39 ALA A N   1 
ATOM 239  C CA  . ALA A 1 39 ? -9.665  2.915   7.741   1.00 15.44 ? 39 ALA A CA  1 
ATOM 240  C C   . ALA A 1 39 ? -10.146 3.487   6.422   1.00 15.69 ? 39 ALA A C   1 
ATOM 241  O O   . ALA A 1 39 ? -11.213 3.127   5.946   1.00 18.91 ? 39 ALA A O   1 
ATOM 242  C CB  . ALA A 1 39 ? -9.894  3.931   8.844   1.00 13.52 ? 39 ALA A CB  1 
ATOM 243  N N   . GLU A 1 40 ? -9.293  4.260   5.762   1.00 14.37 ? 40 GLU A N   1 
ATOM 244  C CA  . GLU A 1 40 ? -9.692  4.956   4.543   1.00 16.18 ? 40 GLU A CA  1 
ATOM 245  C C   . GLU A 1 40 ? -10.148 3.985   3.468   1.00 16.22 ? 40 GLU A C   1 
ATOM 246  O O   . GLU A 1 40 ? -10.837 4.380   2.533   1.00 21.38 ? 40 GLU A O   1 
ATOM 247  C CB  . GLU A 1 40 ? -8.549  5.816   3.988   1.00 17.90 ? 40 GLU A CB  1 
ATOM 248  C CG  . GLU A 1 40 ? -8.239  7.065   4.797   1.00 20.25 ? 40 GLU A CG  1 
ATOM 249  C CD  . GLU A 1 40 ? -7.590  6.781   6.155   1.00 22.83 ? 40 GLU A CD  1 
ATOM 250  O OE1 . GLU A 1 40 ? -7.126  5.655   6.413   1.00 23.88 ? 40 GLU A OE1 1 
ATOM 251  O OE2 . GLU A 1 40 ? -7.522  7.708   6.977   1.00 26.32 ? 40 GLU A OE2 1 
ATOM 252  N N   . ALA A 1 41 ? -9.846  2.704   3.649   1.00 14.93 ? 41 ALA A N   1 
ATOM 253  C CA  . ALA A 1 41 ? -10.060 1.726   2.594   1.00 17.34 ? 41 ALA A CA  1 
ATOM 254  C C   . ALA A 1 41 ? -11.304 0.879   2.819   1.00 20.13 ? 41 ALA A C   1 
ATOM 255  O O   . ALA A 1 41 ? -11.574 -0.054  2.068   1.00 22.53 ? 41 ALA A O   1 
ATOM 256  C CB  . ALA A 1 41 ? -8.843  0.837   2.475   1.00 18.11 ? 41 ALA A CB  1 
ATOM 257  N N   . LEU A 1 42 ? -12.099 1.264   3.807   1.00 23.65 ? 42 LEU A N   1 
ATOM 258  C CA  . LEU A 1 42 ? -13.251 0.477   4.268   1.00 25.33 ? 42 LEU A CA  1 
ATOM 259  C C   . LEU A 1 42 ? -14.231 0.199   3.145   1.00 25.84 ? 42 LEU A C   1 
ATOM 260  O O   . LEU A 1 42 ? -14.642 -0.940  2.934   1.00 30.47 ? 42 LEU A O   1 
ATOM 261  C CB  . LEU A 1 42 ? -13.973 1.241   5.373   1.00 26.57 ? 42 LEU A CB  1 
ATOM 262  C CG  . LEU A 1 42 ? -14.912 0.549   6.346   1.00 27.07 ? 42 LEU A CG  1 
ATOM 263  C CD1 . LEU A 1 42 ? -15.468 1.638   7.239   1.00 24.48 ? 42 LEU A CD1 1 
ATOM 264  C CD2 . LEU A 1 42 ? -16.035 -0.207  5.623   1.00 32.94 ? 42 LEU A CD2 1 
ATOM 265  N N   . ARG A 1 43 ? -14.607 1.246   2.419   1.00 24.75 ? 43 ARG A N   1 
ATOM 266  C CA  . ARG A 1 43 ? -15.611 1.110   1.375   1.00 25.20 ? 43 ARG A CA  1 
ATOM 267  C C   . ARG A 1 43 ? -15.204 0.063   0.336   1.00 22.84 ? 43 ARG A C   1 
ATOM 268  O O   . ARG A 1 43 ? -16.045 -0.636  -0.213  1.00 27.91 ? 43 ARG A O   1 
ATOM 269  C CB  . ARG A 1 43 ? -15.861 2.466   0.703   1.00 29.90 ? 43 ARG A CB  1 
ATOM 270  C CG  . ARG A 1 43 ? -17.011 2.475   -0.298  1.00 35.66 ? 43 ARG A CG  1 
ATOM 271  C CD  . ARG A 1 43 ? -18.238 3.249   0.202   1.00 41.37 ? 43 ARG A CD  1 
ATOM 272  N NE  . ARG A 1 43 ? -19.087 3.679   -0.918  1.00 44.02 ? 43 ARG A NE  1 
ATOM 273  C CZ  . ARG A 1 43 ? -20.061 2.945   -1.457  1.00 42.83 ? 43 ARG A CZ  1 
ATOM 274  N NH1 . ARG A 1 43 ? -20.540 1.879   -0.826  1.00 42.47 ? 43 ARG A NH1 1 
ATOM 275  N NH2 . ARG A 1 43 ? -20.623 3.333   -2.590  1.00 45.84 ? 43 ARG A NH2 1 
ATOM 276  N N   . CYS A 1 44 ? -13.914 -0.190  0.224   1.00 17.32 ? 44 CYS A N   1 
ATOM 277  C CA  . CYS A 1 44 ? -13.429 -1.039  -0.840  1.00 15.19 ? 44 CYS A CA  1 
ATOM 278  C C   . CYS A 1 44 ? -13.828 -2.482  -0.668  1.00 17.00 ? 44 CYS A C   1 
ATOM 279  O O   . CYS A 1 44 ? -13.763 -3.247  -1.613  1.00 13.79 ? 44 CYS A O   1 
ATOM 280  C CB  . CYS A 1 44 ? -11.926 -0.911  -0.935  1.00 12.16 ? 44 CYS A CB  1 
ATOM 281  S SG  . CYS A 1 44 ? -11.513 0.824   -1.241  1.00 11.63 ? 44 CYS A SG  1 
ATOM 282  N N   . GLN A 1 45 ? -14.321 -2.846  0.509   1.00 20.16 ? 45 GLN A N   1 
ATOM 283  C CA  . GLN A 1 45 ? -14.734 -4.230  0.716   1.00 28.89 ? 45 GLN A CA  1 
ATOM 284  C C   . GLN A 1 45 ? -16.128 -4.486  0.133   1.00 30.80 ? 45 GLN A C   1 
ATOM 285  O O   . GLN A 1 45 ? -16.438 -5.596  -0.319  1.00 31.57 ? 45 GLN A O   1 
ATOM 286  C CB  . GLN A 1 45 ? -14.697 -4.594  2.199   1.00 33.47 ? 45 GLN A CB  1 
ATOM 287  C CG  . GLN A 1 45 ? -14.255 -6.055  2.469   1.00 43.44 ? 45 GLN A CG  1 
ATOM 288  C CD  . GLN A 1 45 ? -12.765 -6.203  2.843   1.00 46.59 ? 45 GLN A CD  1 
ATOM 289  O OE1 . GLN A 1 45 ? -12.235 -7.321  2.903   1.00 48.64 ? 45 GLN A OE1 1 
ATOM 290  N NE2 . GLN A 1 45 ? -12.096 -5.084  3.101   1.00 47.26 ? 45 GLN A NE2 1 
ATOM 291  N N   . GLU A 1 46 ? -16.896 -3.406  -0.003  1.00 31.20 ? 46 GLU A N   1 
ATOM 292  C CA  . GLU A 1 46 ? -18.222 -3.469  -0.596  1.00 26.00 ? 46 GLU A CA  1 
ATOM 293  C C   . GLU A 1 46 ? -18.166 -3.790  -2.073  1.00 23.98 ? 46 GLU A C   1 
ATOM 294  O O   . GLU A 1 46 ? -18.862 -4.692  -2.518  1.00 28.46 ? 46 GLU A O   1 
ATOM 295  C CB  . GLU A 1 46 ? -18.987 -2.166  -0.355  1.00 26.24 ? 46 GLU A CB  1 
ATOM 296  C CG  . GLU A 1 46 ? -19.181 -1.873  1.127   1.00 28.51 ? 46 GLU A CG  1 
ATOM 297  C CD  . GLU A 1 46 ? -20.472 -1.141  1.432   1.00 29.11 ? 46 GLU A CD  1 
ATOM 298  O OE1 . GLU A 1 46 ? -20.525 0.095   1.280   1.00 30.92 ? 46 GLU A OE1 1 
ATOM 299  O OE2 . GLU A 1 46 ? -21.419 -1.799  1.893   1.00 30.26 ? 46 GLU A OE2 1 
ATOM 300  N N   . GLU A 1 47 ? -17.213 -3.206  -2.796  1.00 21.35 ? 47 GLU A N   1 
ATOM 301  C CA  . GLU A 1 47 ? -17.010 -3.554  -4.214  1.00 19.83 ? 47 GLU A CA  1 
ATOM 302  C C   . GLU A 1 47 ? -17.072 -5.033  -4.505  1.00 18.85 ? 47 GLU A C   1 
ATOM 303  O O   . GLU A 1 47 ? -17.287 -5.431  -5.638  1.00 20.63 ? 47 GLU A O   1 
ATOM 304  C CB  . GLU A 1 47 ? -15.656 -3.087  -4.727  1.00 17.38 ? 47 GLU A CB  1 
ATOM 305  C CG  . GLU A 1 47 ? -15.748 -1.987  -5.732  1.00 18.90 ? 47 GLU A CG  1 
ATOM 306  C CD  . GLU A 1 47 ? -16.422 -2.369  -7.038  1.00 18.93 ? 47 GLU A CD  1 
ATOM 307  O OE1 . GLU A 1 47 ? -16.749 -3.552  -7.263  1.00 14.39 ? 47 GLU A OE1 1 
ATOM 308  O OE2 . GLU A 1 47 ? -16.579 -1.456  -7.872  1.00 18.54 ? 47 GLU A OE2 1 
ATOM 309  N N   . ASN A 1 48 ? -16.747 -5.846  -3.517  1.00 21.43 ? 48 ASN A N   1 
ATOM 310  C CA  . ASN A 1 48 ? -16.763 -7.283  -3.716  1.00 24.43 ? 48 ASN A CA  1 
ATOM 311  C C   . ASN A 1 48 ? -18.142 -7.879  -4.009  1.00 23.11 ? 48 ASN A C   1 
ATOM 312  O O   . ASN A 1 48 ? -18.263 -8.763  -4.862  1.00 27.55 ? 48 ASN A O   1 
ATOM 313  C CB  . ASN A 1 48 ? -16.124 -7.995  -2.525  1.00 27.76 ? 48 ASN A CB  1 
ATOM 314  C CG  . ASN A 1 48 ? -14.624 -8.103  -2.656  1.00 29.22 ? 48 ASN A CG  1 
ATOM 315  O OD1 . ASN A 1 48 ? -13.914 -7.967  -1.664  1.00 35.76 ? 48 ASN A OD1 1 
ATOM 316  N ND2 . ASN A 1 48 ? -14.122 -8.330  -3.875  1.00 28.42 ? 48 ASN A ND2 1 
ATOM 317  N N   . TYR A 1 49 ? -19.189 -7.291  -3.437  1.00 20.11 ? 49 TYR A N   1 
ATOM 318  C CA  . TYR A 1 49 ? -20.564 -7.745  -3.678  1.00 21.68 ? 49 TYR A CA  1 
ATOM 319  C C   . TYR A 1 49 ? -21.206 -7.261  -4.985  1.00 20.55 ? 49 TYR A C   1 
ATOM 320  O O   . TYR A 1 49 ? -22.011 -7.962  -5.584  1.00 19.29 ? 49 TYR A O   1 
ATOM 321  C CB  . TYR A 1 49 ? -21.420 -7.314  -2.521  1.00 24.06 ? 49 TYR A CB  1 
ATOM 322  C CG  . TYR A 1 49 ? -20.743 -7.595  -1.229  1.00 29.30 ? 49 TYR A CG  1 
ATOM 323  C CD1 . TYR A 1 49 ? -20.694 -8.881  -0.721  1.00 33.09 ? 49 TYR A CD1 1 
ATOM 324  C CD2 . TYR A 1 49 ? -20.272 -6.562  -0.449  1.00 34.39 ? 49 TYR A CD2 1 
ATOM 325  C CE1 . TYR A 1 49 ? -20.229 -9.129  0.563   1.00 42.96 ? 49 TYR A CE1 1 
ATOM 326  C CE2 . TYR A 1 49 ? -19.797 -6.786  0.830   1.00 44.46 ? 49 TYR A CE2 1 
ATOM 327  C CZ  . TYR A 1 49 ? -19.793 -8.070  1.348   1.00 46.64 ? 49 TYR A CZ  1 
ATOM 328  O OH  . TYR A 1 49 ? -19.516 -8.251  2.692   1.00 50.76 ? 49 TYR A OH  1 
ATOM 329  N N   . LEU A 1 50 ? -20.894 -6.036  -5.389  1.00 17.67 ? 50 LEU A N   1 
ATOM 330  C CA  . LEU A 1 50 ? -21.287 -5.546  -6.700  1.00 14.51 ? 50 LEU A CA  1 
ATOM 331  C C   . LEU A 1 50 ? -20.970 -6.583  -7.776  1.00 17.11 ? 50 LEU A C   1 
ATOM 332  O O   . LEU A 1 50 ? -19.823 -6.983  -7.957  1.00 20.70 ? 50 LEU A O   1 
ATOM 333  C CB  . LEU A 1 50 ? -20.551 -4.251  -7.009  1.00 7.45  ? 50 LEU A CB  1 
ATOM 334  C CG  . LEU A 1 50 ? -21.307 -2.943  -6.876  1.00 3.89  ? 50 LEU A CG  1 
ATOM 335  C CD1 . LEU A 1 50 ? -22.438 -3.062  -5.907  1.00 2.00  ? 50 LEU A CD1 1 
ATOM 336  C CD2 . LEU A 1 50 ? -20.349 -1.876  -6.444  1.00 2.83  ? 50 LEU A CD2 1 
ATOM 337  N N   . PRO A 1 51 ? -21.969 -6.966  -8.562  1.00 19.08 ? 51 PRO A N   1 
ATOM 338  C CA  . PRO A 1 51 ? -21.771 -8.042  -9.525  1.00 19.13 ? 51 PRO A CA  1 
ATOM 339  C C   . PRO A 1 51 ? -21.092 -7.605  -10.813 1.00 17.96 ? 51 PRO A C   1 
ATOM 340  O O   . PRO A 1 51 ? -20.741 -8.433  -11.639 1.00 19.11 ? 51 PRO A O   1 
ATOM 341  C CB  . PRO A 1 51 ? -23.187 -8.540  -9.777  1.00 22.07 ? 51 PRO A CB  1 
ATOM 342  C CG  . PRO A 1 51 ? -24.020 -7.337  -9.568  1.00 19.62 ? 51 PRO A CG  1 
ATOM 343  C CD  . PRO A 1 51 ? -23.397 -6.659  -8.387  1.00 20.73 ? 51 PRO A CD  1 
ATOM 344  N N   . SER A 1 52 ? -20.877 -6.315  -10.990 1.00 17.18 ? 52 SER A N   1 
ATOM 345  C CA  . SER A 1 52 ? -20.264 -5.860  -12.231 1.00 21.61 ? 52 SER A CA  1 
ATOM 346  C C   . SER A 1 52 ? -18.778 -5.653  -12.039 1.00 23.48 ? 52 SER A C   1 
ATOM 347  O O   . SER A 1 52 ? -18.344 -5.244  -10.958 1.00 27.50 ? 52 SER A O   1 
ATOM 348  C CB  . SER A 1 52 ? -20.903 -4.556  -12.702 1.00 25.02 ? 52 SER A CB  1 
ATOM 349  O OG  . SER A 1 52 ? -20.808 -3.552  -11.707 1.00 29.00 ? 52 SER A OG  1 
ATOM 350  N N   . PRO A 1 53 ? -17.975 -5.917  -13.087 1.00 22.05 ? 53 PRO A N   1 
ATOM 351  C CA  . PRO A 1 53 ? -16.521 -5.805  -13.043 1.00 22.14 ? 53 PRO A CA  1 
ATOM 352  C C   . PRO A 1 53 ? -16.092 -4.350  -13.116 1.00 24.28 ? 53 PRO A C   1 
ATOM 353  O O   . PRO A 1 53 ? -16.725 -3.550  -13.791 1.00 29.67 ? 53 PRO A O   1 
ATOM 354  C CB  . PRO A 1 53 ? -16.085 -6.568  -14.275 1.00 19.98 ? 53 PRO A CB  1 
ATOM 355  C CG  . PRO A 1 53 ? -17.133 -6.260  -15.235 1.00 18.84 ? 53 PRO A CG  1 
ATOM 356  C CD  . PRO A 1 53 ? -18.422 -6.257  -14.443 1.00 22.90 ? 53 PRO A CD  1 
ATOM 357  N N   . CYS A 1 54 ? -15.054 -3.999  -12.374 1.00 24.16 ? 54 CYS A N   1 
ATOM 358  C CA  . CYS A 1 54 ? -14.561 -2.637  -12.369 1.00 24.20 ? 54 CYS A CA  1 
ATOM 359  C C   . CYS A 1 54 ? -13.061 -2.689  -12.364 1.00 27.34 ? 54 CYS A C   1 
ATOM 360  O O   . CYS A 1 54 ? -12.476 -3.658  -11.897 1.00 32.02 ? 54 CYS A O   1 
ATOM 361  C CB  . CYS A 1 54 ? -15.018 -1.911  -11.116 1.00 24.87 ? 54 CYS A CB  1 
ATOM 362  S SG  . CYS A 1 54 ? -14.287 -2.567  -9.578  1.00 21.93 ? 54 CYS A SG  1 
ATOM 363  N N   . GLN A 1 55 ? -12.446 -1.585  -12.757 1.00 31.70 ? 55 GLN A N   1 
ATOM 364  C CA  . GLN A 1 55 ? -10.990 -1.465  -12.859 1.00 33.35 ? 55 GLN A CA  1 
ATOM 365  C C   . GLN A 1 55 ? -10.663 0.036   -12.752 1.00 32.48 ? 55 GLN A C   1 
ATOM 366  O O   . GLN A 1 55 ? -11.363 0.871   -13.341 1.00 35.45 ? 55 GLN A O   1 
ATOM 367  C CB  . GLN A 1 55 ? -10.506 -2.048  -14.202 1.00 35.01 ? 55 GLN A CB  1 
ATOM 368  C CG  . GLN A 1 55 ? -9.004  -2.018  -14.433 1.00 43.25 ? 55 GLN A CG  1 
ATOM 369  C CD  . GLN A 1 55 ? -8.427  -3.379  -14.829 1.00 49.86 ? 55 GLN A CD  1 
ATOM 370  O OE1 . GLN A 1 55 ? -7.821  -4.081  -14.009 1.00 51.63 ? 55 GLN A OE1 1 
ATOM 371  N NE2 . GLN A 1 55 ? -8.570  -3.737  -16.097 1.00 54.64 ? 55 GLN A NE2 1 
ATOM 372  N N   . SER A 1 56 ? -9.733  0.379   -11.864 1.00 29.16 ? 56 SER A N   1 
ATOM 373  C CA  . SER A 1 56 ? -9.532  1.766   -11.495 1.00 27.10 ? 56 SER A CA  1 
ATOM 374  C C   . SER A 1 56 ? -8.311  2.343   -12.144 1.00 28.06 ? 56 SER A C   1 
ATOM 375  O O   . SER A 1 56 ? -7.326  1.650   -12.309 1.00 29.12 ? 56 SER A O   1 
ATOM 376  C CB  . SER A 1 56 ? -9.407  1.900   -9.988  1.00 28.05 ? 56 SER A CB  1 
ATOM 377  O OG  . SER A 1 56 ? -10.674 1.759   -9.373  1.00 30.36 ? 56 SER A OG  1 
ATOM 378  N N   . GLY A 1 57 ? -8.365  3.633   -12.456 1.00 32.41 ? 57 GLY A N   1 
ATOM 379  C CA  . GLY A 1 57 ? -7.237  4.314   -13.068 1.00 37.86 ? 57 GLY A CA  1 
ATOM 380  C C   . GLY A 1 57 ? -6.948  3.890   -14.498 1.00 42.43 ? 57 GLY A C   1 
ATOM 381  O O   . GLY A 1 57 ? -7.471  2.878   -14.974 1.00 43.63 ? 57 GLY A O   1 
ATOM 382  N N   . GLN A 1 58 ? -6.136  4.681   -15.200 1.00 44.91 ? 58 GLN A N   1 
ATOM 383  C CA  . GLN A 1 58 ? -5.762  4.352   -16.575 1.00 47.85 ? 58 GLN A CA  1 
ATOM 384  C C   . GLN A 1 58 ? -4.442  3.597   -16.685 1.00 46.31 ? 58 GLN A C   1 
ATOM 385  O O   . GLN A 1 58 ? -4.428  2.394   -16.906 1.00 45.92 ? 58 GLN A O   1 
ATOM 386  C CB  . GLN A 1 58 ? -5.680  5.617   -17.440 1.00 50.54 ? 58 GLN A CB  1 
ATOM 387  C CG  . GLN A 1 58 ? -5.855  5.375   -18.972 1.00 59.98 ? 58 GLN A CG  1 
ATOM 388  C CD  . GLN A 1 58 ? -4.736  4.544   -19.633 1.00 62.61 ? 58 GLN A CD  1 
ATOM 389  O OE1 . GLN A 1 58 ? -3.836  5.097   -20.275 1.00 64.33 ? 58 GLN A OE1 1 
ATOM 390  N NE2 . GLN A 1 58 ? -4.829  3.214   -19.528 1.00 57.74 ? 58 GLN A NE2 1 
ATOM 391  N N   . LYS A 1 59 ? -3.352  4.355   -16.715 1.00 47.67 ? 59 LYS A N   1 
ATOM 392  C CA  . LYS A 1 59 ? -2.068  3.871   -17.207 1.00 47.16 ? 59 LYS A CA  1 
ATOM 393  C C   . LYS A 1 59 ? -1.689  2.559   -16.558 1.00 48.20 ? 59 LYS A C   1 
ATOM 394  O O   . LYS A 1 59 ? -1.355  2.517   -15.379 1.00 50.11 ? 59 LYS A O   1 
ATOM 395  C CB  . LYS A 1 59 ? -0.978  4.918   -16.967 1.00 48.98 ? 59 LYS A CB  1 
ATOM 396  N N   . PRO A 1 60 ? -1.917  1.454   -17.274 1.00 49.31 ? 60 PRO A N   1 
ATOM 397  C CA  . PRO A 1 60 ? -1.803  0.097   -16.727 1.00 51.57 ? 60 PRO A CA  1 
ATOM 398  C C   . PRO A 1 60 ? -0.350  -0.196  -16.419 1.00 51.75 ? 60 PRO A C   1 
ATOM 399  O O   . PRO A 1 60 ? 0.519   0.095   -17.238 1.00 55.30 ? 60 PRO A O   1 
ATOM 400  C CB  . PRO A 1 60 ? -2.326  -0.794  -17.855 1.00 52.76 ? 60 PRO A CB  1 
ATOM 401  C CG  . PRO A 1 60 ? -2.990  0.169   -18.842 1.00 55.14 ? 60 PRO A CG  1 
ATOM 402  C CD  . PRO A 1 60 ? -2.219  1.433   -18.710 1.00 50.13 ? 60 PRO A CD  1 
ATOM 403  N N   . CYS A 1 61 ? -0.069  -0.594  -15.186 1.00 48.92 ? 61 CYS A N   1 
ATOM 404  C CA  . CYS A 1 61 ? 1.310   -0.746  -14.762 1.00 49.59 ? 61 CYS A CA  1 
ATOM 405  C C   . CYS A 1 61 ? 1.608   -1.982  -13.923 1.00 53.02 ? 61 CYS A C   1 
ATOM 406  O O   . CYS A 1 61 ? 0.835   -2.343  -13.030 1.00 52.07 ? 61 CYS A O   1 
ATOM 407  C CB  . CYS A 1 61 ? 1.777   0.504   -14.018 1.00 45.70 ? 61 CYS A CB  1 
ATOM 408  S SG  . CYS A 1 61 ? 0.829   0.880   -12.518 1.00 40.79 ? 61 CYS A SG  1 
ATOM 409  N N   . GLY A 1 62 ? 2.640   -2.714  -14.355 1.00 56.10 ? 62 GLY A N   1 
ATOM 410  C CA  . GLY A 1 62 ? 3.344   -3.667  -13.502 1.00 57.53 ? 62 GLY A CA  1 
ATOM 411  C C   . GLY A 1 62 ? 2.716   -5.036  -13.261 1.00 57.25 ? 62 GLY A C   1 
ATOM 412  O O   . GLY A 1 62 ? 2.134   -5.647  -14.161 1.00 55.57 ? 62 GLY A O   1 
ATOM 413  N N   . SER A 1 63 ? 2.774   -5.464  -12.003 1.00 56.44 ? 63 SER A N   1 
ATOM 414  C CA  . SER A 1 63 ? 2.292   -6.772  -11.550 1.00 56.69 ? 63 SER A CA  1 
ATOM 415  C C   . SER A 1 63 ? 0.979   -7.262  -12.171 1.00 55.34 ? 63 SER A C   1 
ATOM 416  O O   . SER A 1 63 ? 0.655   -8.451  -12.090 1.00 54.26 ? 63 SER A O   1 
ATOM 417  C CB  . SER A 1 63 ? 2.164   -6.775  -10.009 1.00 61.71 ? 63 SER A CB  1 
ATOM 418  O OG  . SER A 1 63 ? 1.628   -5.550  -9.492  1.00 65.95 ? 63 SER A OG  1 
ATOM 419  N N   . GLY A 1 64 ? 0.194   -6.326  -12.700 1.00 55.27 ? 64 GLY A N   1 
ATOM 420  C CA  . GLY A 1 64 ? -1.077  -6.651  -13.331 1.00 55.62 ? 64 GLY A CA  1 
ATOM 421  C C   . GLY A 1 64 ? -2.056  -5.484  -13.318 1.00 55.16 ? 64 GLY A C   1 
ATOM 422  O O   . GLY A 1 64 ? -3.000  -5.424  -14.110 1.00 57.09 ? 64 GLY A O   1 
ATOM 423  N N   . GLY A 1 65 ? -1.831  -4.552  -12.398 1.00 52.89 ? 65 GLY A N   1 
ATOM 424  C CA  . GLY A 1 65 ? -2.736  -3.429  -12.245 1.00 50.20 ? 65 GLY A CA  1 
ATOM 425  C C   . GLY A 1 65 ? -2.258  -2.163  -12.922 1.00 48.60 ? 65 GLY A C   1 
ATOM 426  O O   . GLY A 1 65 ? -1.583  -2.213  -13.948 1.00 50.28 ? 65 GLY A O   1 
ATOM 427  N N   . ARG A 1 66 ? -2.552  -1.026  -12.305 1.00 46.40 ? 66 ARG A N   1 
ATOM 428  C CA  . ARG A 1 66 ? -2.372  0.260   -12.962 1.00 43.67 ? 66 ARG A CA  1 
ATOM 429  C C   . ARG A 1 66 ? -2.173  1.409   -11.989 1.00 39.52 ? 66 ARG A C   1 
ATOM 430  O O   . ARG A 1 66 ? -2.589  1.345   -10.835 1.00 38.17 ? 66 ARG A O   1 
ATOM 431  C CB  . ARG A 1 66 ? -3.568  0.556   -13.863 1.00 46.22 ? 66 ARG A CB  1 
ATOM 432  C CG  . ARG A 1 66 ? -4.896  0.370   -13.184 1.00 47.22 ? 66 ARG A CG  1 
ATOM 433  C CD  . ARG A 1 66 ? -5.829  -0.388  -14.085 1.00 51.22 ? 66 ARG A CD  1 
ATOM 434  N NE  . ARG A 1 66 ? -6.005  0.267   -15.381 1.00 51.92 ? 66 ARG A NE  1 
ATOM 435  C CZ  . ARG A 1 66 ? -5.823  -0.337  -16.555 1.00 55.07 ? 66 ARG A CZ  1 
ATOM 436  N NH1 . ARG A 1 66 ? -5.221  -1.525  -16.616 1.00 52.51 ? 66 ARG A NH1 1 
ATOM 437  N NH2 . ARG A 1 66 ? -6.155  0.290   -17.677 1.00 59.30 ? 66 ARG A NH2 1 
ATOM 438  N N   . CYS A 1 67 ? -1.568  2.479   -12.481 1.00 34.48 ? 67 CYS A N   1 
ATOM 439  C CA  . CYS A 1 67 ? -1.123  3.556   -11.620 1.00 34.97 ? 67 CYS A CA  1 
ATOM 440  C C   . CYS A 1 67 ? -2.236  4.176   -10.773 1.00 34.30 ? 67 CYS A C   1 
ATOM 441  O O   . CYS A 1 67 ? -3.195  4.749   -11.293 1.00 35.84 ? 67 CYS A O   1 
ATOM 442  C CB  . CYS A 1 67 ? -0.405  4.609   -12.454 1.00 33.82 ? 67 CYS A CB  1 
ATOM 443  S SG  . CYS A 1 67 ? 1.024   3.912   -13.334 1.00 32.84 ? 67 CYS A SG  1 
ATOM 444  N N   . ALA A 1 68 ? -2.084  4.052   -9.459  1.00 31.86 ? 68 ALA A N   1 
ATOM 445  C CA  . ALA A 1 68 ? -3.136  4.394   -8.516  1.00 31.05 ? 68 ALA A CA  1 
ATOM 446  C C   . ALA A 1 68 ? -2.922  5.767   -7.918  1.00 32.75 ? 68 ALA A C   1 
ATOM 447  O O   . ALA A 1 68 ? -3.873  6.496   -7.656  1.00 39.32 ? 68 ALA A O   1 
ATOM 448  C CB  . ALA A 1 68 ? -3.195  3.358   -7.405  1.00 31.46 ? 68 ALA A CB  1 
ATOM 449  N N   . ALA A 1 69 ? -1.678  6.070   -7.590  1.00 31.01 ? 69 ALA A N   1 
ATOM 450  C CA  . ALA A 1 69 ? -1.351  7.350   -6.995  1.00 30.02 ? 69 ALA A CA  1 
ATOM 451  C C   . ALA A 1 69 ? -0.001  7.762   -7.518  1.00 31.22 ? 69 ALA A C   1 
ATOM 452  O O   . ALA A 1 69 ? 0.686   6.969   -8.144  1.00 32.62 ? 69 ALA A O   1 
ATOM 453  C CB  . ALA A 1 69 ? -1.305  7.221   -5.507  1.00 32.22 ? 69 ALA A CB  1 
ATOM 454  N N   . ALA A 1 70 ? 0.372   9.009   -7.278  1.00 33.85 ? 70 ALA A N   1 
ATOM 455  C CA  . ALA A 1 70 ? 1.641   9.550   -7.763  1.00 33.96 ? 70 ALA A CA  1 
ATOM 456  C C   . ALA A 1 70 ? 2.820   8.572   -7.634  1.00 33.89 ? 70 ALA A C   1 
ATOM 457  O O   . ALA A 1 70 ? 3.288   8.274   -6.532  1.00 33.08 ? 70 ALA A O   1 
ATOM 458  C CB  . ALA A 1 70 ? 1.946   10.850  -7.022  1.00 35.81 ? 70 ALA A CB  1 
ATOM 459  N N   . GLY A 1 71 ? 3.171   7.936   -8.744  1.00 32.81 ? 71 GLY A N   1 
ATOM 460  C CA  . GLY A 1 71 ? 4.296   7.015   -8.727  1.00 34.43 ? 71 GLY A CA  1 
ATOM 461  C C   . GLY A 1 71 ? 4.108   5.678   -8.014  1.00 35.42 ? 71 GLY A C   1 
ATOM 462  O O   . GLY A 1 71 ? 5.067   4.897   -7.898  1.00 36.86 ? 71 GLY A O   1 
ATOM 463  N N   . ILE A 1 72 ? 2.897   5.418   -7.511  1.00 33.76 ? 72 ILE A N   1 
ATOM 464  C CA  . ILE A 1 72 ? 2.527   4.092   -6.989  1.00 27.66 ? 72 ILE A CA  1 
ATOM 465  C C   . ILE A 1 72 ? 1.772   3.245   -8.023  1.00 27.83 ? 72 ILE A C   1 
ATOM 466  O O   . ILE A 1 72 ? 0.909   3.743   -8.741  1.00 29.68 ? 72 ILE A O   1 
ATOM 467  C CB  . ILE A 1 72 ? 1.643   4.195   -5.732  1.00 21.62 ? 72 ILE A CB  1 
ATOM 468  C CG1 . ILE A 1 72 ? 2.121   5.331   -4.831  1.00 20.13 ? 72 ILE A CG1 1 
ATOM 469  C CG2 . ILE A 1 72 ? 1.672   2.883   -4.983  1.00 19.99 ? 72 ILE A CG2 1 
ATOM 470  C CD1 . ILE A 1 72 ? 2.506   4.896   -3.432  1.00 14.57 ? 72 ILE A CD1 1 
ATOM 471  N N   . CYS A 1 73 ? 2.068   1.954   -8.060  1.00 27.04 ? 73 CYS A N   1 
ATOM 472  C CA  . CYS A 1 73 ? 1.346   1.037   -8.920  1.00 28.28 ? 73 CYS A CA  1 
ATOM 473  C C   . CYS A 1 73 ? 0.684   -0.096  -8.133  1.00 30.59 ? 73 CYS A C   1 
ATOM 474  O O   . CYS A 1 73 ? 1.357   -0.970  -7.591  1.00 33.95 ? 73 CYS A O   1 
ATOM 475  C CB  . CYS A 1 73 ? 2.287   0.445   -9.946  1.00 29.42 ? 73 CYS A CB  1 
ATOM 476  S SG  . CYS A 1 73 ? 1.407   -0.539  -11.185 1.00 36.16 ? 73 CYS A SG  1 
ATOM 477  N N   . CYS A 1 74 ? -0.639  -0.065  -8.041  1.00 30.14 ? 74 CYS A N   1 
ATOM 478  C CA  . CYS A 1 74 ? -1.362  -1.122  -7.351  1.00 26.61 ? 74 CYS A CA  1 
ATOM 479  C C   . CYS A 1 74 ? -2.182  -1.948  -8.331  1.00 28.79 ? 74 CYS A C   1 
ATOM 480  O O   . CYS A 1 74 ? -2.716  -1.420  -9.302  1.00 27.64 ? 74 CYS A O   1 
ATOM 481  C CB  . CYS A 1 74 ? -2.306  -0.542  -6.308  1.00 22.65 ? 74 CYS A CB  1 
ATOM 482  S SG  . CYS A 1 74 ? -1.636  0.777   -5.254  1.00 20.68 ? 74 CYS A SG  1 
ATOM 483  N N   . ASN A 1 75 ? -2.209  -3.257  -8.122  1.00 29.67 ? 75 ASN A N   1 
ATOM 484  C CA  . ASN A 1 75 ? -3.313  -4.064  -8.615  1.00 30.28 ? 75 ASN A CA  1 
ATOM 485  C C   . ASN A 1 75 ? -4.263  -4.370  -7.454  1.00 31.14 ? 75 ASN A C   1 
ATOM 486  O O   . ASN A 1 75 ? -4.262  -3.657  -6.463  1.00 31.08 ? 75 ASN A O   1 
ATOM 487  C CB  . ASN A 1 75 ? -2.802  -5.343  -9.287  1.00 32.28 ? 75 ASN A CB  1 
ATOM 488  C CG  . ASN A 1 75 ? -2.048  -6.247  -8.348  1.00 34.48 ? 75 ASN A CG  1 
ATOM 489  O OD1 . ASN A 1 75 ? -2.188  -6.168  -7.128  1.00 34.25 ? 75 ASN A OD1 1 
ATOM 490  N ND2 . ASN A 1 75 ? -1.300  -7.175  -8.918  1.00 35.54 ? 75 ASN A ND2 1 
ATOM 491  N N   . ASP A 1 76 ? -5.006  -5.467  -7.521  1.00 32.27 ? 76 ASP A N   1 
ATOM 492  C CA  . ASP A 1 76 ? -6.043  -5.697  -6.532  1.00 35.00 ? 76 ASP A CA  1 
ATOM 493  C C   . ASP A 1 76 ? -5.538  -6.285  -5.211  1.00 37.38 ? 76 ASP A C   1 
ATOM 494  O O   . ASP A 1 76 ? -6.336  -6.669  -4.358  1.00 39.95 ? 76 ASP A O   1 
ATOM 495  C CB  . ASP A 1 76 ? -7.131  -6.581  -7.126  1.00 38.29 ? 76 ASP A CB  1 
ATOM 496  C CG  . ASP A 1 76 ? -6.658  -7.997  -7.383  1.00 43.87 ? 76 ASP A CG  1 
ATOM 497  O OD1 . ASP A 1 76 ? -5.833  -8.189  -8.304  1.00 47.47 ? 76 ASP A OD1 1 
ATOM 498  O OD2 . ASP A 1 76 ? -7.144  -8.920  -6.688  1.00 46.43 ? 76 ASP A OD2 1 
ATOM 499  N N   . GLU A 1 77 ? -4.221  -6.296  -5.015  1.00 39.48 ? 77 GLU A N   1 
ATOM 500  C CA  . GLU A 1 77 ? -3.628  -6.947  -3.840  1.00 38.01 ? 77 GLU A CA  1 
ATOM 501  C C   . GLU A 1 77 ? -2.245  -6.431  -3.447  1.00 35.26 ? 77 GLU A C   1 
ATOM 502  O O   . GLU A 1 77 ? -1.656  -6.895  -2.475  1.00 36.62 ? 77 GLU A O   1 
ATOM 503  C CB  . GLU A 1 77 ? -3.556  -8.467  -4.054  1.00 42.83 ? 77 GLU A CB  1 
ATOM 504  C CG  . GLU A 1 77 ? -2.554  -8.941  -5.122  1.00 51.26 ? 77 GLU A CG  1 
ATOM 505  C CD  . GLU A 1 77 ? -2.389  -10.466 -5.155  1.00 57.87 ? 77 GLU A CD  1 
ATOM 506  O OE1 . GLU A 1 77 ? -1.686  -11.016 -4.271  1.00 63.70 ? 77 GLU A OE1 1 
ATOM 507  O OE2 . GLU A 1 77 ? -2.946  -11.115 -6.073  1.00 59.72 ? 77 GLU A OE2 1 
ATOM 508  N N   . SER A 1 78 ? -1.726  -5.462  -4.183  1.00 30.42 ? 78 SER A N   1 
ATOM 509  C CA  . SER A 1 78 ? -0.369  -5.017  -3.946  1.00 29.17 ? 78 SER A CA  1 
ATOM 510  C C   . SER A 1 78 ? -0.135  -3.615  -4.483  1.00 31.94 ? 78 SER A C   1 
ATOM 511  O O   . SER A 1 78 ? -0.559  -3.283  -5.589  1.00 36.76 ? 78 SER A O   1 
ATOM 512  C CB  . SER A 1 78 ? 0.596   -5.972  -4.624  1.00 30.38 ? 78 SER A CB  1 
ATOM 513  O OG  . SER A 1 78 ? 0.557   -5.797  -6.039  1.00 35.23 ? 78 SER A OG  1 
ATOM 514  N N   . CYS A 1 79 ? 0.578   -2.802  -3.723  1.00 30.03 ? 79 CYS A N   1 
ATOM 515  C CA  . CYS A 1 79 ? 1.025   -1.508  -4.222  1.00 30.99 ? 79 CYS A CA  1 
ATOM 516  C C   . CYS A 1 79 ? 2.535   -1.459  -4.108  1.00 33.94 ? 79 CYS A C   1 
ATOM 517  O O   . CYS A 1 79 ? 3.092   -1.763  -3.042  1.00 36.40 ? 79 CYS A O   1 
ATOM 518  C CB  . CYS A 1 79 ? 0.429   -0.364  -3.397  1.00 30.28 ? 79 CYS A CB  1 
ATOM 519  S SG  . CYS A 1 79 ? -1.378  -0.178  -3.492  1.00 24.03 ? 79 CYS A SG  1 
ATOM 520  N N   . VAL A 1 80 ? 3.200   -1.172  -5.223  1.00 35.59 ? 80 VAL A N   1 
ATOM 521  C CA  . VAL A 1 80 ? 4.659   -1.017  -5.241  1.00 37.25 ? 80 VAL A CA  1 
ATOM 522  C C   . VAL A 1 80 ? 5.020   0.353   -5.761  1.00 38.06 ? 80 VAL A C   1 
ATOM 523  O O   . VAL A 1 80 ? 4.292   0.921   -6.575  1.00 41.64 ? 80 VAL A O   1 
ATOM 524  C CB  . VAL A 1 80 ? 5.348   -2.050  -6.161  1.00 35.10 ? 80 VAL A CB  1 
ATOM 525  C CG1 . VAL A 1 80 ? 4.771   -3.426  -5.929  1.00 35.41 ? 80 VAL A CG1 1 
ATOM 526  C CG2 . VAL A 1 80 ? 5.182   -1.655  -7.622  1.00 36.89 ? 80 VAL A CG2 1 
ATOM 527  N N   . THR A 1 81 ? 6.193   0.842   -5.391  1.00 37.67 ? 81 THR A N   1 
ATOM 528  C CA  . THR A 1 81 ? 6.700   2.036   -6.035  1.00 38.05 ? 81 THR A CA  1 
ATOM 529  C C   . THR A 1 81 ? 6.885   1.727   -7.500  1.00 37.41 ? 81 THR A C   1 
ATOM 530  O O   . THR A 1 81 ? 7.180   0.592   -7.866  1.00 38.48 ? 81 THR A O   1 
ATOM 531  C CB  . THR A 1 81 ? 8.045   2.435   -5.476  1.00 40.49 ? 81 THR A CB  1 
ATOM 532  O OG1 . THR A 1 81 ? 8.107   2.082   -4.087  1.00 40.99 ? 81 THR A OG1 1 
ATOM 533  C CG2 . THR A 1 81 ? 8.253   3.942   -5.662  1.00 43.81 ? 81 THR A CG2 1 
ATOM 534  N N   . GLU A 1 82 ? 6.655   2.710   -8.350  1.00 37.68 ? 82 GLU A N   1 
ATOM 535  C CA  . GLU A 1 82 ? 6.910   2.505   -9.761  1.00 43.24 ? 82 GLU A CA  1 
ATOM 536  C C   . GLU A 1 82 ? 6.788   3.789   -10.552 1.00 48.74 ? 82 GLU A C   1 
ATOM 537  O O   . GLU A 1 82 ? 5.707   4.122   -11.031 1.00 51.65 ? 82 GLU A O   1 
ATOM 538  C CB  . GLU A 1 82 ? 5.952   1.463   -10.326 1.00 43.48 ? 82 GLU A CB  1 
ATOM 539  C CG  . GLU A 1 82 ? 6.591   0.537   -11.329 1.00 48.64 ? 82 GLU A CG  1 
ATOM 540  C CD  . GLU A 1 82 ? 6.791   1.186   -12.688 1.00 53.98 ? 82 GLU A CD  1 
ATOM 541  O OE1 . GLU A 1 82 ? 7.700   2.037   -12.824 1.00 53.38 ? 82 GLU A OE1 1 
ATOM 542  O OE2 . GLU A 1 82 ? 6.070   0.802   -13.635 1.00 58.42 ? 82 GLU A OE2 1 
ATOM 543  N N   . PRO A 1 83 ? 7.932   4.433   -10.848 1.00 52.77 ? 83 PRO A N   1 
ATOM 544  C CA  . PRO A 1 83 ? 7.981   5.836   -11.283 1.00 52.71 ? 83 PRO A CA  1 
ATOM 545  C C   . PRO A 1 83 ? 7.460   6.011   -12.709 1.00 50.94 ? 83 PRO A C   1 
ATOM 546  O O   . PRO A 1 83 ? 7.083   7.116   -13.111 1.00 47.48 ? 83 PRO A O   1 
ATOM 547  C CB  . PRO A 1 83 ? 9.462   6.185   -11.171 1.00 54.87 ? 83 PRO A CB  1 
ATOM 548  C CG  . PRO A 1 83 ? 10.147  4.881   -11.474 1.00 54.09 ? 83 PRO A CG  1 
ATOM 549  C CD  . PRO A 1 83 ? 9.274   3.816   -10.851 1.00 53.85 ? 83 PRO A CD  1 
ATOM 550  N N   . GLU A 1 84 ? 7.372   4.890   -13.429 1.00 49.18 ? 84 GLU A N   1 
ATOM 551  C CA  . GLU A 1 84 ? 6.669   4.825   -14.707 1.00 50.84 ? 84 GLU A CA  1 
ATOM 552  C C   . GLU A 1 84 ? 5.217   5.301   -14.557 1.00 50.01 ? 84 GLU A C   1 
ATOM 553  O O   . GLU A 1 84 ? 4.508   5.475   -15.545 1.00 53.44 ? 84 GLU A O   1 
ATOM 554  C CB  . GLU A 1 84 ? 6.708   3.396   -15.256 1.00 51.55 ? 84 GLU A CB  1 
ATOM 555  C CG  . GLU A 1 84 ? 6.358   3.261   -16.734 1.00 60.21 ? 84 GLU A CG  1 
ATOM 556  C CD  . GLU A 1 84 ? 5.023   2.554   -16.969 1.00 66.57 ? 84 GLU A CD  1 
ATOM 557  O OE1 . GLU A 1 84 ? 5.014   1.297   -17.033 1.00 67.62 ? 84 GLU A OE1 1 
ATOM 558  O OE2 . GLU A 1 84 ? 3.988   3.256   -17.116 1.00 67.99 ? 84 GLU A OE2 1 
ATOM 559  N N   . CYS A 1 85 ? 4.780   5.468   -13.311 1.00 49.52 ? 85 CYS A N   1 
ATOM 560  C CA  . CYS A 1 85 ? 3.586   6.247   -12.968 1.00 45.49 ? 85 CYS A CA  1 
ATOM 561  C C   . CYS A 1 85 ? 3.941   7.728   -12.719 1.00 45.93 ? 85 CYS A C   1 
ATOM 562  O O   . CYS A 1 85 ? 3.431   8.381   -11.800 1.00 44.86 ? 85 CYS A O   1 
ATOM 563  C CB  . CYS A 1 85 ? 2.913   5.632   -11.733 1.00 41.42 ? 85 CYS A CB  1 
ATOM 564  S SG  . CYS A 1 85 ? 2.499   3.866   -11.939 1.00 39.31 ? 85 CYS A SG  1 
ATOM 565  N N   . CYS B 2 1  ? -17.467 -5.963  -8.534  1.00 12.77 ? 1  CYS B N   1 
ATOM 566  C CA  . CYS B 2 1  ? -16.306 -6.823  -8.157  1.00 13.90 ? 1  CYS B CA  1 
ATOM 567  C C   . CYS B 2 1  ? -15.063 -6.423  -8.927  1.00 14.66 ? 1  CYS B C   1 
ATOM 568  O O   . CYS B 2 1  ? -15.151 -5.862  -10.022 1.00 15.04 ? 1  CYS B O   1 
ATOM 569  C CB  . CYS B 2 1  ? -16.599 -8.288  -8.455  1.00 15.78 ? 1  CYS B CB  1 
ATOM 570  S SG  . CYS B 2 1  ? -17.182 -8.564  -10.149 1.00 16.59 ? 1  CYS B SG  1 
ATOM 571  N N   . TYR B 2 2  ? -13.901 -6.779  -8.394  1.00 15.87 ? 2  TYR B N   1 
ATOM 572  C CA  . TYR B 2 2  ? -12.652 -6.365  -9.028  1.00 15.84 ? 2  TYR B CA  1 
ATOM 573  C C   . TYR B 2 2  ? -12.377 -7.265  -10.219 1.00 15.38 ? 2  TYR B C   1 
ATOM 574  O O   . TYR B 2 2  ? -12.398 -8.488  -10.076 1.00 12.33 ? 2  TYR B O   1 
ATOM 575  C CB  . TYR B 2 2  ? -11.516 -6.420  -8.013  1.00 13.84 ? 2  TYR B CB  1 
ATOM 576  C CG  . TYR B 2 2  ? -11.723 -5.472  -6.867  1.00 7.67  ? 2  TYR B CG  1 
ATOM 577  C CD1 . TYR B 2 2  ? -11.460 -4.116  -7.021  1.00 5.33  ? 2  TYR B CD1 1 
ATOM 578  C CD2 . TYR B 2 2  ? -12.299 -5.904  -5.670  1.00 4.51  ? 2  TYR B CD2 1 
ATOM 579  C CE1 . TYR B 2 2  ? -11.781 -3.207  -6.016  1.00 4.54  ? 2  TYR B CE1 1 
ATOM 580  C CE2 . TYR B 2 2  ? -12.621 -4.999  -4.662  1.00 2.00  ? 2  TYR B CE2 1 
ATOM 581  C CZ  . TYR B 2 2  ? -12.365 -3.654  -4.846  1.00 2.00  ? 2  TYR B CZ  1 
ATOM 582  O OH  . TYR B 2 2  ? -12.735 -2.738  -3.899  1.00 4.31  ? 2  TYR B OH  1 
ATOM 583  N N   . ILE B 2 3  ? -12.277 -6.667  -11.405 1.00 16.67 ? 3  ILE B N   1 
ATOM 584  C CA  . ILE B 2 3  ? -12.308 -7.425  -12.663 1.00 20.74 ? 3  ILE B CA  1 
ATOM 585  C C   . ILE B 2 3  ? -11.553 -8.727  -12.542 1.00 23.11 ? 3  ILE B C   1 
ATOM 586  O O   . ILE B 2 3  ? -12.139 -9.777  -12.752 1.00 24.75 ? 3  ILE B O   1 
ATOM 587  C CB  . ILE B 2 3  ? -11.712 -6.625  -13.847 1.00 19.18 ? 3  ILE B CB  1 
ATOM 588  C CG1 . ILE B 2 3  ? -11.686 -7.496  -15.098 1.00 17.59 ? 3  ILE B CG1 1 
ATOM 589  C CG2 . ILE B 2 3  ? -10.328 -6.130  -13.515 1.00 20.01 ? 3  ILE B CG2 1 
ATOM 590  C CD1 . ILE B 2 3  ? -13.036 -8.097  -15.434 1.00 17.40 ? 3  ILE B CD1 1 
ATOM 591  N N   . GLN B 2 4  ? -10.473 -8.624  -11.774 1.00 28.56 ? 4  GLN B N   1 
ATOM 592  C CA  . GLN B 2 4  ? -9.487  -9.679  -11.520 1.00 31.20 ? 4  GLN B CA  1 
ATOM 593  C C   . GLN B 2 4  ? -9.962  -10.791 -10.565 1.00 29.59 ? 4  GLN B C   1 
ATOM 594  O O   . GLN B 2 4  ? -9.205  -11.689 -10.221 1.00 32.31 ? 4  GLN B O   1 
ATOM 595  C CB  . GLN B 2 4  ? -8.225  -9.026  -10.926 1.00 35.79 ? 4  GLN B CB  1 
ATOM 596  C CG  . GLN B 2 4  ? -7.803  -7.719  -11.615 1.00 40.03 ? 4  GLN B CG  1 
ATOM 597  C CD  . GLN B 2 4  ? -7.825  -6.514  -10.692 1.00 42.16 ? 4  GLN B CD  1 
ATOM 598  O OE1 . GLN B 2 4  ? -8.847  -6.205  -10.077 1.00 46.59 ? 4  GLN B OE1 1 
ATOM 599  N NE2 . GLN B 2 4  ? -6.729  -5.771  -10.669 1.00 43.05 ? 4  GLN B NE2 1 
ATOM 600  N N   . ASN B 2 5  ? -11.226 -10.752 -10.183 1.00 26.76 ? 5  ASN B N   1 
ATOM 601  C CA  . ASN B 2 5  ? -11.670 -11.429 -8.983  1.00 25.50 ? 5  ASN B CA  1 
ATOM 602  C C   . ASN B 2 5  ? -13.164 -11.712 -9.132  1.00 21.26 ? 5  ASN B C   1 
ATOM 603  O O   . ASN B 2 5  ? -13.763 -12.437 -8.359  1.00 16.98 ? 5  ASN B O   1 
ATOM 604  C CB  . ASN B 2 5  ? -11.391 -10.490 -7.814  1.00 40.03 ? 5  ASN B CB  1 
ATOM 605  C CG  . ASN B 2 5  ? -11.781 -11.064 -6.473  1.00 51.44 ? 5  ASN B CG  1 
ATOM 606  O OD1 . ASN B 2 5  ? -11.898 -12.278 -6.311  1.00 60.72 ? 5  ASN B OD1 1 
ATOM 607  N ND2 . ASN B 2 5  ? -11.897 -10.191 -5.468  1.00 57.46 ? 5  ASN B ND2 1 
ATOM 608  N N   . CYS B 2 6  ? -13.755 -11.149 -10.172 1.00 20.05 ? 6  CYS B N   1 
ATOM 609  C CA  . CYS B 2 6  ? -15.163 -11.358 -10.460 1.00 18.69 ? 6  CYS B CA  1 
ATOM 610  C C   . CYS B 2 6  ? -15.489 -12.831 -10.662 1.00 21.65 ? 6  CYS B C   1 
ATOM 611  O O   . CYS B 2 6  ? -14.688 -13.586 -11.191 1.00 25.95 ? 6  CYS B O   1 
ATOM 612  C CB  . CYS B 2 6  ? -15.536 -10.560 -11.697 1.00 14.31 ? 6  CYS B CB  1 
ATOM 613  S SG  . CYS B 2 6  ? -15.557 -8.778  -11.355 1.00 15.97 ? 6  CYS B SG  1 
ATOM 614  N N   . PRO B 2 7  ? -16.640 -13.274 -10.150 1.00 22.78 ? 7  PRO B N   1 
ATOM 615  C CA  . PRO B 2 7  ? -17.279 -14.548 -10.471 1.00 25.20 ? 7  PRO B CA  1 
ATOM 616  C C   . PRO B 2 7  ? -17.546 -14.768 -11.952 1.00 29.49 ? 7  PRO B C   1 
ATOM 617  O O   . PRO B 2 7  ? -17.946 -13.841 -12.636 1.00 32.15 ? 7  PRO B O   1 
ATOM 618  C CB  . PRO B 2 7  ? -18.567 -14.475 -9.680  1.00 25.13 ? 7  PRO B CB  1 
ATOM 619  C CG  . PRO B 2 7  ? -18.172 -13.732 -8.479  1.00 23.41 ? 7  PRO B CG  1 
ATOM 620  C CD  . PRO B 2 7  ? -17.292 -12.638 -8.997  1.00 24.70 ? 7  PRO B CD  1 
ATOM 621  N N   . LEU B 2 8  ? -17.593 -16.040 -12.357 1.00 36.24 ? 8  LEU B N   1 
ATOM 622  C CA  . LEU B 2 8  ? -17.509 -16.455 -13.763 1.00 39.60 ? 8  LEU B CA  1 
ATOM 623  C C   . LEU B 2 8  ? -16.187 -16.005 -14.378 1.00 41.71 ? 8  LEU B C   1 
ATOM 624  O O   . LEU B 2 8  ? -15.314 -16.817 -14.652 1.00 40.25 ? 8  LEU B O   1 
ATOM 625  C CB  . LEU B 2 8  ? -18.652 -15.873 -14.599 1.00 44.49 ? 8  LEU B CB  1 
ATOM 626  C CG  . LEU B 2 8  ? -20.093 -16.365 -14.486 1.00 49.51 ? 8  LEU B CG  1 
ATOM 627  C CD1 . LEU B 2 8  ? -20.980 -15.164 -14.138 1.00 51.48 ? 8  LEU B CD1 1 
ATOM 628  C CD2 . LEU B 2 8  ? -20.550 -17.007 -15.811 1.00 47.70 ? 8  LEU B CD2 1 
ATOM 629  N N   . GLY B 2 9  ? -16.062 -14.704 -14.621 1.00 47.11 ? 9  GLY B N   1 
ATOM 630  C CA  . GLY B 2 9  ? -14.836 -14.156 -15.183 1.00 52.85 ? 9  GLY B CA  1 
ATOM 631  C C   . GLY B 2 9  ? -13.808 -13.711 -14.143 1.00 57.43 ? 9  GLY B C   1 
ATOM 632  O O   . GLY B 2 9  ? -13.500 -12.518 -13.994 1.00 58.72 ? 9  GLY B O   1 
ATOM 633  N N   . LEU C 3 7  ? 19.574  -4.914  14.146  1.00 46.82 ? 7  LEU C N   1 
ATOM 634  C CA  . LEU C 3 7  ? 18.678  -4.074  13.287  1.00 43.94 ? 7  LEU C CA  1 
ATOM 635  C C   . LEU C 3 7  ? 17.462  -3.578  14.079  1.00 43.97 ? 7  LEU C C   1 
ATOM 636  O O   . LEU C 3 7  ? 16.814  -4.343  14.796  1.00 47.48 ? 7  LEU C O   1 
ATOM 637  C CB  . LEU C 3 7  ? 18.219  -4.877  12.065  1.00 40.65 ? 7  LEU C CB  1 
ATOM 638  C CG  . LEU C 3 7  ? 18.571  -4.281  10.704  1.00 40.53 ? 7  LEU C CG  1 
ATOM 639  C CD1 . LEU C 3 7  ? 19.972  -3.719  10.745  1.00 40.10 ? 7  LEU C CD1 1 
ATOM 640  C CD2 . LEU C 3 7  ? 18.445  -5.338  9.619   1.00 41.88 ? 7  LEU C CD2 1 
ATOM 641  N N   . ARG C 3 8  ? 17.272  -2.269  14.086  1.00 40.50 ? 8  ARG C N   1 
ATOM 642  C CA  . ARG C 3 8  ? 16.200  -1.664  14.862  1.00 38.86 ? 8  ARG C CA  1 
ATOM 643  C C   . ARG C 3 8  ? 14.982  -1.449  13.978  1.00 41.25 ? 8  ARG C C   1 
ATOM 644  O O   . ARG C 3 8  ? 15.117  -1.295  12.759  1.00 41.76 ? 8  ARG C O   1 
ATOM 645  C CB  . ARG C 3 8  ? 16.664  -0.323  15.403  1.00 34.63 ? 8  ARG C CB  1 
ATOM 646  C CG  . ARG C 3 8  ? 17.555  0.414   14.435  1.00 29.39 ? 8  ARG C CG  1 
ATOM 647  C CD  . ARG C 3 8  ? 17.654  1.859   14.794  1.00 27.88 ? 8  ARG C CD  1 
ATOM 648  N NE  . ARG C 3 8  ? 16.712  2.644   14.016  1.00 27.85 ? 8  ARG C NE  1 
ATOM 649  C CZ  . ARG C 3 8  ? 17.054  3.439   13.009  1.00 25.19 ? 8  ARG C CZ  1 
ATOM 650  N NH1 . ARG C 3 8  ? 18.313  3.509   12.602  1.00 21.27 ? 8  ARG C NH1 1 
ATOM 651  N NH2 . ARG C 3 8  ? 16.119  4.133   12.382  1.00 27.15 ? 8  ARG C NH2 1 
ATOM 652  N N   . GLN C 3 9  ? 13.803  -1.384  14.592  1.00 40.72 ? 9  GLN C N   1 
ATOM 653  C CA  . GLN C 3 9  ? 12.616  -0.900  13.892  1.00 36.60 ? 9  GLN C CA  1 
ATOM 654  C C   . GLN C 3 9  ? 12.871  0.556   13.515  1.00 32.40 ? 9  GLN C C   1 
ATOM 655  O O   . GLN C 3 9  ? 13.501  1.302   14.275  1.00 30.04 ? 9  GLN C O   1 
ATOM 656  C CB  . GLN C 3 9  ? 11.373  -1.003  14.778  1.00 38.99 ? 9  GLN C CB  1 
ATOM 657  C CG  . GLN C 3 9  ? 11.086  -2.399  15.345  1.00 46.08 ? 9  GLN C CG  1 
ATOM 658  C CD  . GLN C 3 9  ? 10.516  -3.381  14.322  1.00 49.72 ? 9  GLN C CD  1 
ATOM 659  O OE1 . GLN C 3 9  ? 9.770   -2.996  13.429  1.00 51.24 ? 9  GLN C OE1 1 
ATOM 660  N NE2 . GLN C 3 9  ? 10.835  -4.662  14.481  1.00 52.22 ? 9  GLN C NE2 1 
ATOM 661  N N   . CYS C 3 10 ? 12.579  0.879   12.261  1.00 27.15 ? 10 CYS C N   1 
ATOM 662  C CA  . CYS C 3 10 ? 12.811  2.218   11.741  1.00 23.72 ? 10 CYS C CA  1 
ATOM 663  C C   . CYS C 3 10 ? 11.958  3.285   12.448  1.00 21.18 ? 10 CYS C C   1 
ATOM 664  O O   . CYS C 3 10 ? 11.191  2.986   13.370  1.00 18.21 ? 10 CYS C O   1 
ATOM 665  C CB  . CYS C 3 10 ? 12.533  2.242   10.234  1.00 26.35 ? 10 CYS C CB  1 
ATOM 666  S SG  . CYS C 3 10 ? 13.450  1.021   9.231   1.00 25.60 ? 10 CYS C SG  1 
ATOM 667  N N   . LEU C 3 11 ? 12.146  4.541   12.056  1.00 16.74 ? 11 LEU C N   1 
ATOM 668  C CA  . LEU C 3 11 ? 11.347  5.637   12.586  1.00 15.01 ? 11 LEU C CA  1 
ATOM 669  C C   . LEU C 3 11 ? 9.894   5.240   12.712  1.00 14.52 ? 11 LEU C C   1 
ATOM 670  O O   . LEU C 3 11 ? 9.305   4.725   11.770  1.00 16.44 ? 11 LEU C O   1 
ATOM 671  C CB  . LEU C 3 11 ? 11.437  6.838   11.663  1.00 17.42 ? 11 LEU C CB  1 
ATOM 672  C CG  . LEU C 3 11 ? 12.483  7.894   11.986  1.00 18.20 ? 11 LEU C CG  1 
ATOM 673  C CD1 . LEU C 3 11 ? 13.521  7.344   12.944  1.00 18.36 ? 11 LEU C CD1 1 
ATOM 674  C CD2 . LEU C 3 11 ? 13.110  8.362   10.687  1.00 22.52 ? 11 LEU C CD2 1 
ATOM 675  N N   . PRO C 3 12 ? 9.313   5.432   13.895  1.00 15.18 ? 12 PRO C N   1 
ATOM 676  C CA  . PRO C 3 12 ? 7.856   5.435   13.998  1.00 15.39 ? 12 PRO C CA  1 
ATOM 677  C C   . PRO C 3 12 ? 7.264   6.577   13.188  1.00 16.18 ? 12 PRO C C   1 
ATOM 678  O O   . PRO C 3 12 ? 7.917   7.609   12.970  1.00 10.88 ? 12 PRO C O   1 
ATOM 679  C CB  . PRO C 3 12 ? 7.621   5.619   15.480  1.00 15.54 ? 12 PRO C CB  1 
ATOM 680  C CG  . PRO C 3 12 ? 8.745   6.504   15.876  1.00 16.92 ? 12 PRO C CG  1 
ATOM 681  C CD  . PRO C 3 12 ? 9.929   5.984   15.105  1.00 18.01 ? 12 PRO C CD  1 
ATOM 682  N N   . CYS C 3 13 ? 5.987   6.412   12.847  1.00 19.43 ? 13 CYS C N   1 
ATOM 683  C CA  . CYS C 3 13 ? 5.295   7.242   11.860  1.00 23.24 ? 13 CYS C CA  1 
ATOM 684  C C   . CYS C 3 13 ? 3.777   7.090   12.007  1.00 26.69 ? 13 CYS C C   1 
ATOM 685  O O   . CYS C 3 13 ? 3.281   6.135   12.618  1.00 26.10 ? 13 CYS C O   1 
ATOM 686  C CB  . CYS C 3 13 ? 5.669   6.813   10.440  1.00 18.90 ? 13 CYS C CB  1 
ATOM 687  S SG  . CYS C 3 13 ? 5.244   5.068   10.115  1.00 25.82 ? 13 CYS C SG  1 
ATOM 688  N N   . GLY C 3 14 ? 3.049   7.984   11.344  1.00 28.47 ? 14 GLY C N   1 
ATOM 689  C CA  . GLY C 3 14 ? 1.615   7.845   11.244  1.00 23.86 ? 14 GLY C CA  1 
ATOM 690  C C   . GLY C 3 14 ? 0.920   8.219   12.530  1.00 24.37 ? 14 GLY C C   1 
ATOM 691  O O   . GLY C 3 14 ? 1.553   8.718   13.463  1.00 22.12 ? 14 GLY C O   1 
ATOM 692  N N   . PRO C 3 15 ? -0.417  8.103   12.548  1.00 26.55 ? 15 PRO C N   1 
ATOM 693  C CA  . PRO C 3 15 ? -1.353  8.196   13.663  1.00 23.85 ? 15 PRO C CA  1 
ATOM 694  C C   . PRO C 3 15 ? -0.732  8.079   15.031  1.00 23.48 ? 15 PRO C C   1 
ATOM 695  O O   . PRO C 3 15 ? -0.523  6.984   15.531  1.00 23.62 ? 15 PRO C O   1 
ATOM 696  C CB  . PRO C 3 15 ? -2.311  7.055   13.384  1.00 24.50 ? 15 PRO C CB  1 
ATOM 697  C CG  . PRO C 3 15 ? -2.456  7.111   11.893  1.00 28.15 ? 15 PRO C CG  1 
ATOM 698  C CD  . PRO C 3 15 ? -1.122  7.627   11.339  1.00 31.02 ? 15 PRO C CD  1 
ATOM 699  N N   . GLY C 3 16 ? -0.427  9.223   15.623  1.00 24.28 ? 16 GLY C N   1 
ATOM 700  C CA  . GLY C 3 16 ? 0.149   9.227   16.958  1.00 28.18 ? 16 GLY C CA  1 
ATOM 701  C C   . GLY C 3 16 ? 1.326   8.277   17.104  1.00 28.88 ? 16 GLY C C   1 
ATOM 702  O O   . GLY C 3 16 ? 1.319   7.418   17.973  1.00 26.88 ? 16 GLY C O   1 
ATOM 703  N N   . GLY C 3 17 ? 2.211   8.302   16.110  1.00 29.67 ? 17 GLY C N   1 
ATOM 704  C CA  . GLY C 3 17 ? 3.426   7.520   16.156  1.00 30.66 ? 17 GLY C CA  1 
ATOM 705  C C   . GLY C 3 17 ? 3.196   6.049   16.423  1.00 31.22 ? 17 GLY C C   1 
ATOM 706  O O   . GLY C 3 17 ? 4.105   5.355   16.879  1.00 35.12 ? 17 GLY C O   1 
ATOM 707  N N   . ALA C 3 18 ? 1.976   5.580   16.175  1.00 30.45 ? 18 ALA C N   1 
ATOM 708  C CA  . ALA C 3 18 ? 1.612   4.198   16.480  1.00 29.23 ? 18 ALA C CA  1 
ATOM 709  C C   . ALA C 3 18 ? 1.875   3.241   15.314  1.00 28.78 ? 18 ALA C C   1 
ATOM 710  O O   . ALA C 3 18 ? 1.463   2.084   15.366  1.00 33.12 ? 18 ALA C O   1 
ATOM 711  C CB  . ALA C 3 18 ? 0.140   4.114   16.927  1.00 26.63 ? 18 ALA C CB  1 
ATOM 712  N N   . GLY C 3 19 ? 2.591   3.719   14.292  1.00 27.27 ? 19 GLY C N   1 
ATOM 713  C CA  . GLY C 3 19 ? 3.085   2.859   13.223  1.00 24.81 ? 19 GLY C CA  1 
ATOM 714  C C   . GLY C 3 19 ? 4.593   2.960   13.000  1.00 24.74 ? 19 GLY C C   1 
ATOM 715  O O   . GLY C 3 19 ? 5.278   3.768   13.637  1.00 27.80 ? 19 GLY C O   1 
ATOM 716  N N   . ARG C 3 20 ? 5.116   2.159   12.077  1.00 21.82 ? 20 ARG C N   1 
ATOM 717  C CA  . ARG C 3 20 ? 6.559   2.074   11.847  1.00 17.20 ? 20 ARG C CA  1 
ATOM 718  C C   . ARG C 3 20 ? 6.894   2.136   10.367  1.00 14.02 ? 20 ARG C C   1 
ATOM 719  O O   . ARG C 3 20 ? 6.206   1.518   9.549   1.00 12.78 ? 20 ARG C O   1 
ATOM 720  C CB  . ARG C 3 20 ? 7.100   0.770   12.422  1.00 20.48 ? 20 ARG C CB  1 
ATOM 721  C CG  . ARG C 3 20 ? 7.483   0.869   13.879  1.00 26.97 ? 20 ARG C CG  1 
ATOM 722  C CD  . ARG C 3 20 ? 8.732   1.707   14.032  1.00 38.61 ? 20 ARG C CD  1 
ATOM 723  N NE  . ARG C 3 20 ? 8.742   2.463   15.278  1.00 45.55 ? 20 ARG C NE  1 
ATOM 724  C CZ  . ARG C 3 20 ? 9.168   1.977   16.436  1.00 49.04 ? 20 ARG C CZ  1 
ATOM 725  N NH1 . ARG C 3 20 ? 9.755   0.790   16.477  1.00 51.00 ? 20 ARG C NH1 1 
ATOM 726  N NH2 . ARG C 3 20 ? 9.015   2.679   17.550  1.00 51.95 ? 20 ARG C NH2 1 
ATOM 727  N N   . CYS C 3 21 ? 7.963   2.841   10.014  1.00 8.99  ? 21 CYS C N   1 
ATOM 728  C CA  . CYS C 3 21 ? 8.330   2.953   8.608   1.00 9.62  ? 21 CYS C CA  1 
ATOM 729  C C   . CYS C 3 21 ? 8.820   1.624   8.045   1.00 9.66  ? 21 CYS C C   1 
ATOM 730  O O   . CYS C 3 21 ? 9.516   0.872   8.715   1.00 9.03  ? 21 CYS C O   1 
ATOM 731  C CB  . CYS C 3 21 ? 9.393   4.007   8.411   1.00 6.23  ? 21 CYS C CB  1 
ATOM 732  S SG  . CYS C 3 21 ? 8.834   5.675   8.853   1.00 16.05 ? 21 CYS C SG  1 
ATOM 733  N N   . PHE C 3 22 ? 8.259   1.239   6.912   1.00 9.40  ? 22 PHE C N   1 
ATOM 734  C CA  . PHE C 3 22 ? 8.691   0.036   6.233   1.00 7.89  ? 22 PHE C CA  1 
ATOM 735  C C   . PHE C 3 22 ? 9.386   0.384   4.946   1.00 10.73 ? 22 PHE C C   1 
ATOM 736  O O   . PHE C 3 22 ? 9.743   -0.491  4.154   1.00 17.33 ? 22 PHE C O   1 
ATOM 737  C CB  . PHE C 3 22 ? 7.505   -0.853  5.935   1.00 3.76  ? 22 PHE C CB  1 
ATOM 738  C CG  . PHE C 3 22 ? 7.061   -1.637  7.100   1.00 2.00  ? 22 PHE C CG  1 
ATOM 739  C CD1 . PHE C 3 22 ? 6.604   -1.008  8.228   1.00 2.00  ? 22 PHE C CD1 1 
ATOM 740  C CD2 . PHE C 3 22 ? 7.140   -3.010  7.089   1.00 2.00  ? 22 PHE C CD2 1 
ATOM 741  C CE1 . PHE C 3 22 ? 6.235   -1.747  9.337   1.00 6.29  ? 22 PHE C CE1 1 
ATOM 742  C CE2 . PHE C 3 22 ? 6.770   -3.751  8.194   1.00 2.99  ? 22 PHE C CE2 1 
ATOM 743  C CZ  . PHE C 3 22 ? 6.321   -3.125  9.317   1.00 2.00  ? 22 PHE C CZ  1 
ATOM 744  N N   . GLY C 3 23 ? 9.577   1.677   4.744   1.00 9.51  ? 23 GLY C N   1 
ATOM 745  C CA  . GLY C 3 23 ? 10.303  2.146   3.587   1.00 7.82  ? 23 GLY C CA  1 
ATOM 746  C C   . GLY C 3 23 ? 10.060  3.622   3.453   1.00 8.68  ? 23 GLY C C   1 
ATOM 747  O O   . GLY C 3 23 ? 9.242   4.191   4.162   1.00 9.41  ? 23 GLY C O   1 
ATOM 748  N N   . PRO C 3 24 ? 10.719  4.264   2.503   1.00 9.97  ? 24 PRO C N   1 
ATOM 749  C CA  . PRO C 3 24 ? 10.682  5.718   2.389   1.00 12.29 ? 24 PRO C CA  1 
ATOM 750  C C   . PRO C 3 24 ? 9.270   6.329   2.386   1.00 13.12 ? 24 PRO C C   1 
ATOM 751  O O   . PRO C 3 24 ? 9.068   7.462   2.823   1.00 13.05 ? 24 PRO C O   1 
ATOM 752  C CB  . PRO C 3 24 ? 11.422  5.971   1.083   1.00 13.72 ? 24 PRO C CB  1 
ATOM 753  C CG  . PRO C 3 24 ? 12.370  4.805   0.977   1.00 16.20 ? 24 PRO C CG  1 
ATOM 754  C CD  . PRO C 3 24 ? 11.593  3.646   1.493   1.00 13.58 ? 24 PRO C CD  1 
ATOM 755  N N   . SER C 3 25 ? 8.290   5.568   1.914   1.00 15.99 ? 25 SER C N   1 
ATOM 756  C CA  . SER C 3 25 ? 6.935   6.102   1.736   1.00 15.05 ? 25 SER C CA  1 
ATOM 757  C C   . SER C 3 25 ? 5.862   5.105   2.156   1.00 10.30 ? 25 SER C C   1 
ATOM 758  O O   . SER C 3 25 ? 4.809   4.991   1.548   1.00 12.19 ? 25 SER C O   1 
ATOM 759  C CB  . SER C 3 25 ? 6.744   6.515   0.278   1.00 17.03 ? 25 SER C CB  1 
ATOM 760  O OG  . SER C 3 25 ? 7.638   7.575   -0.040  1.00 26.07 ? 25 SER C OG  1 
ATOM 761  N N   . ILE C 3 26 ? 6.150   4.369   3.207   1.00 5.54  ? 26 ILE C N   1 
ATOM 762  C CA  . ILE C 3 26 ? 5.338   3.240   3.568   1.00 6.09  ? 26 ILE C CA  1 
ATOM 763  C C   . ILE C 3 26 ? 5.353   3.106   5.077   1.00 9.50  ? 26 ILE C C   1 
ATOM 764  O O   . ILE C 3 26 ? 6.400   2.872   5.680   1.00 14.45 ? 26 ILE C O   1 
ATOM 765  C CB  . ILE C 3 26 ? 5.866   1.964   2.923   1.00 2.97  ? 26 ILE C CB  1 
ATOM 766  C CG1 . ILE C 3 26 ? 5.581   2.012   1.418   1.00 3.11  ? 26 ILE C CG1 1 
ATOM 767  C CG2 . ILE C 3 26 ? 5.238   0.751   3.583   1.00 2.00  ? 26 ILE C CG2 1 
ATOM 768  C CD1 . ILE C 3 26 ? 5.957   0.766   0.648   1.00 2.00  ? 26 ILE C CD1 1 
ATOM 769  N N   . CYS C 3 27 ? 4.221   3.418   5.686   1.00 8.32  ? 27 CYS C N   1 
ATOM 770  C CA  . CYS C 3 27 ? 4.138   3.523   7.122   1.00 8.86  ? 27 CYS C CA  1 
ATOM 771  C C   . CYS C 3 27 ? 3.042   2.605   7.634   1.00 12.71 ? 27 CYS C C   1 
ATOM 772  O O   . CYS C 3 27 ? 1.883   2.854   7.370   1.00 20.87 ? 27 CYS C O   1 
ATOM 773  C CB  . CYS C 3 27 ? 3.801   4.949   7.485   1.00 5.16  ? 27 CYS C CB  1 
ATOM 774  S SG  . CYS C 3 27 ? 3.415   5.077   9.239   1.00 16.19 ? 27 CYS C SG  1 
ATOM 775  N N   . CYS C 3 28 ? 3.386   1.471   8.223   1.00 12.68 ? 28 CYS C N   1 
ATOM 776  C CA  . CYS C 3 28 ? 2.348   0.523   8.611   1.00 10.53 ? 28 CYS C CA  1 
ATOM 777  C C   . CYS C 3 28 ? 2.224   0.334   10.100  1.00 12.37 ? 28 CYS C C   1 
ATOM 778  O O   . CYS C 3 28 ? 3.080   0.747   10.871  1.00 14.33 ? 28 CYS C O   1 
ATOM 779  C CB  . CYS C 3 28 ? 2.565   -0.830  7.960   1.00 9.93  ? 28 CYS C CB  1 
ATOM 780  S SG  . CYS C 3 28 ? 2.716   -0.752  6.153   1.00 21.90 ? 28 CYS C SG  1 
ATOM 781  N N   . GLY C 3 29 ? 1.139   -0.296  10.510  1.00 15.98 ? 29 GLY C N   1 
ATOM 782  C CA  . GLY C 3 29 ? 0.912   -0.486  11.927  1.00 22.92 ? 29 GLY C CA  1 
ATOM 783  C C   . GLY C 3 29 ? -0.244  -1.422  12.206  1.00 26.42 ? 29 GLY C C   1 
ATOM 784  O O   . GLY C 3 29 ? -1.253  -1.406  11.497  1.00 26.29 ? 29 GLY C O   1 
ATOM 785  N N   . ASP C 3 30 ? -0.112  -2.216  13.259  1.00 29.03 ? 30 ASP C N   1 
ATOM 786  C CA  . ASP C 3 30 ? -1.092  -3.244  13.534  1.00 32.57 ? 30 ASP C CA  1 
ATOM 787  C C   . ASP C 3 30 ? -2.463  -2.625  13.592  1.00 30.93 ? 30 ASP C C   1 
ATOM 788  O O   . ASP C 3 30 ? -3.304  -2.926  12.756  1.00 36.53 ? 30 ASP C O   1 
ATOM 789  C CB  . ASP C 3 30 ? -0.780  -3.944  14.850  1.00 40.81 ? 30 ASP C CB  1 
ATOM 790  C CG  . ASP C 3 30 ? -0.057  -5.269  14.649  1.00 47.63 ? 30 ASP C CG  1 
ATOM 791  O OD1 . ASP C 3 30 ? 0.062   -5.735  13.485  1.00 49.25 ? 30 ASP C OD1 1 
ATOM 792  O OD2 . ASP C 3 30 ? 0.383   -5.847  15.672  1.00 52.71 ? 30 ASP C OD2 1 
ATOM 793  N N   . GLU C 3 31 ? -2.567  -1.543  14.343  1.00 27.17 ? 31 GLU C N   1 
ATOM 794  C CA  . GLU C 3 31 ? -3.848  -0.880  14.522  1.00 23.50 ? 31 GLU C CA  1 
ATOM 795  C C   . GLU C 3 31 ? -4.088  0.252   13.520  1.00 18.99 ? 31 GLU C C   1 
ATOM 796  O O   . GLU C 3 31 ? -4.701  1.253   13.856  1.00 18.85 ? 31 GLU C O   1 
ATOM 797  C CB  . GLU C 3 31 ? -3.931  -0.320  15.939  1.00 31.57 ? 31 GLU C CB  1 
ATOM 798  C CG  . GLU C 3 31 ? -3.291  -1.216  16.997  1.00 43.54 ? 31 GLU C CG  1 
ATOM 799  C CD  . GLU C 3 31 ? -3.814  -0.945  18.403  1.00 47.39 ? 31 GLU C CD  1 
ATOM 800  O OE1 . GLU C 3 31 ? -3.966  0.252   18.772  1.00 46.94 ? 31 GLU C OE1 1 
ATOM 801  O OE2 . GLU C 3 31 ? -4.094  -1.940  19.123  1.00 50.67 ? 31 GLU C OE2 1 
ATOM 802  N N   . LEU C 3 32 ? -3.593  0.110   12.300  1.00 14.27 ? 32 LEU C N   1 
ATOM 803  C CA  . LEU C 3 32 ? -3.505  1.251   11.403  1.00 12.78 ? 32 LEU C CA  1 
ATOM 804  C C   . LEU C 3 32 ? -3.563  0.817   9.945   1.00 16.17 ? 32 LEU C C   1 
ATOM 805  O O   . LEU C 3 32 ? -4.092  1.535   9.094   1.00 22.52 ? 32 LEU C O   1 
ATOM 806  C CB  . LEU C 3 32 ? -2.194  1.994   11.638  1.00 13.72 ? 32 LEU C CB  1 
ATOM 807  C CG  . LEU C 3 32 ? -2.114  3.425   12.167  1.00 15.08 ? 32 LEU C CG  1 
ATOM 808  C CD1 . LEU C 3 32 ? -2.336  3.479   13.650  1.00 17.43 ? 32 LEU C CD1 1 
ATOM 809  C CD2 . LEU C 3 32 ? -0.731  3.949   11.898  1.00 18.80 ? 32 LEU C CD2 1 
ATOM 810  N N   . GLY C 3 33 ? -3.013  -0.353  9.643   1.00 13.21 ? 33 GLY C N   1 
ATOM 811  C CA  . GLY C 3 33 ? -2.827  -0.718  8.249   1.00 9.74  ? 33 GLY C CA  1 
ATOM 812  C C   . GLY C 3 33 ? -1.639  0.031   7.687   1.00 8.43  ? 33 GLY C C   1 
ATOM 813  O O   . GLY C 3 33 ? -0.819  0.518   8.448   1.00 13.84 ? 33 GLY C O   1 
ATOM 814  N N   . CYS C 3 34 ? -1.559  0.162   6.373   1.00 5.17  ? 34 CYS C N   1 
ATOM 815  C CA  . CYS C 3 34 ? -0.389  0.734   5.719   1.00 6.95  ? 34 CYS C CA  1 
ATOM 816  C C   . CYS C 3 34 ? -0.744  2.012   4.991   1.00 9.82  ? 34 CYS C C   1 
ATOM 817  O O   . CYS C 3 34 ? -1.717  2.043   4.243   1.00 17.38 ? 34 CYS C O   1 
ATOM 818  C CB  . CYS C 3 34 ? 0.160   -0.244  4.689   1.00 9.61  ? 34 CYS C CB  1 
ATOM 819  S SG  . CYS C 3 34 ? 1.047   -1.637  5.428   1.00 14.45 ? 34 CYS C SG  1 
ATOM 820  N N   . PHE C 3 35 ? 0.127   3.004   5.062   1.00 7.40  ? 35 PHE C N   1 
ATOM 821  C CA  . PHE C 3 35 ? 0.011   4.161   4.191   1.00 6.51  ? 35 PHE C CA  1 
ATOM 822  C C   . PHE C 3 35 ? 1.137   4.135   3.155   1.00 8.14  ? 35 PHE C C   1 
ATOM 823  O O   . PHE C 3 35 ? 2.284   4.426   3.459   1.00 13.62 ? 35 PHE C O   1 
ATOM 824  C CB  . PHE C 3 35 ? 0.090   5.455   5.002   1.00 7.12  ? 35 PHE C CB  1 
ATOM 825  C CG  . PHE C 3 35 ? -0.882  5.527   6.134   1.00 9.47  ? 35 PHE C CG  1 
ATOM 826  C CD1 . PHE C 3 35 ? -0.548  5.036   7.379   1.00 11.99 ? 35 PHE C CD1 1 
ATOM 827  C CD2 . PHE C 3 35 ? -2.112  6.137   5.970   1.00 13.82 ? 35 PHE C CD2 1 
ATOM 828  C CE1 . PHE C 3 35 ? -1.422  5.147   8.449   1.00 15.02 ? 35 PHE C CE1 1 
ATOM 829  C CE2 . PHE C 3 35 ? -2.993  6.252   7.030   1.00 12.98 ? 35 PHE C CE2 1 
ATOM 830  C CZ  . PHE C 3 35 ? -2.647  5.756   8.271   1.00 16.04 ? 35 PHE C CZ  1 
ATOM 831  N N   . VAL C 3 36 ? 0.817   3.775   1.928   1.00 6.98  ? 36 VAL C N   1 
ATOM 832  C CA  . VAL C 3 36 ? 1.809   3.774   0.882   1.00 4.28  ? 36 VAL C CA  1 
ATOM 833  C C   . VAL C 3 36 ? 1.772   5.090   0.154   1.00 6.39  ? 36 VAL C C   1 
ATOM 834  O O   . VAL C 3 36 ? 1.141   5.218   -0.879  1.00 12.94 ? 36 VAL C O   1 
ATOM 835  C CB  . VAL C 3 36 ? 1.537   2.689   -0.136  1.00 2.97  ? 36 VAL C CB  1 
ATOM 836  C CG1 . VAL C 3 36 ? 2.676   2.619   -1.131  1.00 7.37  ? 36 VAL C CG1 1 
ATOM 837  C CG2 . VAL C 3 36 ? 1.354   1.374   0.555   1.00 6.45  ? 36 VAL C CG2 1 
ATOM 838  N N   . GLY C 3 37 ? 2.429   6.090   0.689   1.00 6.88  ? 37 GLY C N   1 
ATOM 839  C CA  . GLY C 3 37 ? 2.647   7.265   -0.129  1.00 10.48 ? 37 GLY C CA  1 
ATOM 840  C C   . GLY C 3 37 ? 1.695   8.388   0.182   1.00 13.13 ? 37 GLY C C   1 
ATOM 841  O O   . GLY C 3 37 ? 1.327   9.162   -0.681  1.00 16.96 ? 37 GLY C O   1 
ATOM 842  N N   . THR C 3 38 ? 1.352   8.509   1.451   1.00 14.66 ? 38 THR C N   1 
ATOM 843  C CA  . THR C 3 38 ? 0.435   9.534   1.907   1.00 15.74 ? 38 THR C CA  1 
ATOM 844  C C   . THR C 3 38 ? 1.192   10.468  2.825   1.00 17.82 ? 38 THR C C   1 
ATOM 845  O O   . THR C 3 38 ? 2.345   10.208  3.146   1.00 22.58 ? 38 THR C O   1 
ATOM 846  C CB  . THR C 3 38 ? -0.693  8.915   2.706   1.00 17.21 ? 38 THR C CB  1 
ATOM 847  O OG1 . THR C 3 38 ? -0.158  8.246   3.853   1.00 12.22 ? 38 THR C OG1 1 
ATOM 848  C CG2 . THR C 3 38 ? -1.430  7.910   1.857   1.00 25.18 ? 38 THR C CG2 1 
ATOM 849  N N   . ALA C 3 39 ? 0.499   11.446  3.390   1.00 16.29 ? 39 ALA C N   1 
ATOM 850  C CA  . ALA C 3 39 ? 1.146   12.379  4.289   1.00 13.48 ? 39 ALA C CA  1 
ATOM 851  C C   . ALA C 3 39 ? 1.594   11.662  5.556   1.00 14.67 ? 39 ALA C C   1 
ATOM 852  O O   . ALA C 3 39 ? 2.664   11.977  6.107   1.00 18.77 ? 39 ALA C O   1 
ATOM 853  C CB  . ALA C 3 39 ? 0.210   13.521  4.622   1.00 12.43 ? 39 ALA C CB  1 
ATOM 854  N N   . GLU C 3 40 ? 0.867   10.607  5.928   1.00 13.17 ? 40 GLU C N   1 
ATOM 855  C CA  . GLU C 3 40 ? 1.255   9.779   7.080   1.00 15.24 ? 40 GLU C CA  1 
ATOM 856  C C   . GLU C 3 40 ? 2.679   9.273   6.898   1.00 17.38 ? 40 GLU C C   1 
ATOM 857  O O   . GLU C 3 40 ? 3.503   9.415   7.794   1.00 22.83 ? 40 GLU C O   1 
ATOM 858  C CB  . GLU C 3 40 ? 0.332   8.571   7.263   1.00 14.88 ? 40 GLU C CB  1 
ATOM 859  C CG  . GLU C 3 40 ? -1.041  8.878   7.802   1.00 16.34 ? 40 GLU C CG  1 
ATOM 860  C CD  . GLU C 3 40 ? -1.936  9.565   6.778   1.00 18.70 ? 40 GLU C CD  1 
ATOM 861  O OE1 . GLU C 3 40 ? -1.603  9.562   5.581   1.00 20.88 ? 40 GLU C OE1 1 
ATOM 862  O OE2 . GLU C 3 40 ? -2.965  10.147  7.174   1.00 22.46 ? 40 GLU C OE2 1 
ATOM 863  N N   . ALA C 3 41 ? 3.012   8.912   5.662   1.00 17.36 ? 41 ALA C N   1 
ATOM 864  C CA  . ALA C 3 41 ? 4.318   8.372   5.326   1.00 17.39 ? 41 ALA C CA  1 
ATOM 865  C C   . ALA C 3 41 ? 5.320   9.418   4.822   1.00 22.72 ? 41 ALA C C   1 
ATOM 866  O O   . ALA C 3 41 ? 6.182   9.114   3.993   1.00 31.29 ? 41 ALA C O   1 
ATOM 867  C CB  . ALA C 3 41 ? 4.162   7.272   4.291   1.00 15.14 ? 41 ALA C CB  1 
ATOM 868  N N   . LEU C 3 42 ? 5.243   10.644  5.316   1.00 21.62 ? 42 LEU C N   1 
ATOM 869  C CA  . LEU C 3 42 ? 6.201   11.641  4.865   1.00 21.17 ? 42 LEU C CA  1 
ATOM 870  C C   . LEU C 3 42 ? 7.480   11.582  5.716   1.00 22.26 ? 42 LEU C C   1 
ATOM 871  O O   . LEU C 3 42 ? 8.592   11.599  5.194   1.00 23.17 ? 42 LEU C O   1 
ATOM 872  C CB  . LEU C 3 42 ? 5.555   13.033  4.896   1.00 23.10 ? 42 LEU C CB  1 
ATOM 873  C CG  . LEU C 3 42 ? 4.597   13.384  3.740   1.00 23.08 ? 42 LEU C CG  1 
ATOM 874  C CD1 . LEU C 3 42 ? 3.729   14.569  4.111   1.00 21.52 ? 42 LEU C CD1 1 
ATOM 875  C CD2 . LEU C 3 42 ? 5.385   13.687  2.471   1.00 19.08 ? 42 LEU C CD2 1 
ATOM 876  N N   . ARG C 3 43 ? 7.316   11.299  7.003   1.00 21.98 ? 43 ARG C N   1 
ATOM 877  C CA  . ARG C 3 43 ? 8.444   11.270  7.928   1.00 21.72 ? 43 ARG C CA  1 
ATOM 878  C C   . ARG C 3 43 ? 9.396   10.114  7.674   1.00 18.58 ? 43 ARG C C   1 
ATOM 879  O O   . ARG C 3 43 ? 10.564  10.174  8.039   1.00 19.34 ? 43 ARG C O   1 
ATOM 880  C CB  . ARG C 3 43 ? 7.946   11.222  9.376   1.00 27.78 ? 43 ARG C CB  1 
ATOM 881  C CG  . ARG C 3 43 ? 8.378   9.987   10.176  1.00 37.90 ? 43 ARG C CG  1 
ATOM 882  C CD  . ARG C 3 43 ? 9.655   10.238  10.981  1.00 44.57 ? 43 ARG C CD  1 
ATOM 883  N NE  . ARG C 3 43 ? 9.416   10.208  12.426  1.00 51.09 ? 43 ARG C NE  1 
ATOM 884  C CZ  . ARG C 3 43 ? 10.219  10.769  13.328  1.00 57.44 ? 43 ARG C CZ  1 
ATOM 885  N NH1 . ARG C 3 43 ? 11.354  11.347  12.945  1.00 58.78 ? 43 ARG C NH1 1 
ATOM 886  N NH2 . ARG C 3 43 ? 9.920   10.707  14.623  1.00 59.15 ? 43 ARG C NH2 1 
ATOM 887  N N   . CYS C 3 44 ? 8.900   9.034   7.099   1.00 16.30 ? 44 CYS C N   1 
ATOM 888  C CA  . CYS C 3 44 ? 9.786   7.931   6.785   1.00 15.73 ? 44 CYS C CA  1 
ATOM 889  C C   . CYS C 3 44 ? 10.913  8.367   5.875   1.00 16.69 ? 44 CYS C C   1 
ATOM 890  O O   . CYS C 3 44 ? 11.909  7.678   5.754   1.00 21.46 ? 44 CYS C O   1 
ATOM 891  C CB  . CYS C 3 44 ? 9.024   6.820   6.117   1.00 12.18 ? 44 CYS C CB  1 
ATOM 892  S SG  . CYS C 3 44 ? 7.765   6.219   7.242   1.00 6.78  ? 44 CYS C SG  1 
ATOM 893  N N   . GLN C 3 45 ? 10.767  9.499   5.210   1.00 14.08 ? 45 GLN C N   1 
ATOM 894  C CA  . GLN C 3 45 ? 11.817  9.906   4.310   1.00 15.89 ? 45 GLN C CA  1 
ATOM 895  C C   . GLN C 3 45 ? 13.055  10.316  5.116   1.00 16.46 ? 45 GLN C C   1 
ATOM 896  O O   . GLN C 3 45 ? 14.180  10.173  4.652   1.00 18.13 ? 45 GLN C O   1 
ATOM 897  C CB  . GLN C 3 45 ? 11.311  11.028  3.400   1.00 21.76 ? 45 GLN C CB  1 
ATOM 898  C CG  . GLN C 3 45 ? 10.917  10.531  2.001   1.00 34.42 ? 45 GLN C CG  1 
ATOM 899  C CD  . GLN C 3 45 ? 9.573   11.074  1.517   1.00 44.92 ? 45 GLN C CD  1 
ATOM 900  O OE1 . GLN C 3 45 ? 9.488   12.214  1.052   1.00 47.37 ? 45 GLN C OE1 1 
ATOM 901  N NE2 . GLN C 3 45 ? 8.524   10.240  1.579   1.00 46.26 ? 45 GLN C NE2 1 
ATOM 902  N N   . GLU C 3 46 ? 12.849  10.542  6.408   1.00 17.68 ? 46 GLU C N   1 
ATOM 903  C CA  . GLU C 3 46 ? 13.909  10.992  7.315   1.00 20.12 ? 46 GLU C CA  1 
ATOM 904  C C   . GLU C 3 46 ? 14.877  9.871   7.631   1.00 19.48 ? 46 GLU C C   1 
ATOM 905  O O   . GLU C 3 46 ? 16.047  10.095  7.902   1.00 20.44 ? 46 GLU C O   1 
ATOM 906  C CB  . GLU C 3 46 ? 13.291  11.507  8.620   1.00 19.85 ? 46 GLU C CB  1 
ATOM 907  C CG  . GLU C 3 46 ? 12.490  12.778  8.423   1.00 25.15 ? 46 GLU C CG  1 
ATOM 908  C CD  . GLU C 3 46 ? 11.746  13.228  9.661   1.00 32.88 ? 46 GLU C CD  1 
ATOM 909  O OE1 . GLU C 3 46 ? 11.864  12.560  10.715  1.00 33.50 ? 46 GLU C OE1 1 
ATOM 910  O OE2 . GLU C 3 46 ? 11.039  14.263  9.566   1.00 34.90 ? 46 GLU C OE2 1 
ATOM 911  N N   . GLU C 3 47 ? 14.347  8.661   7.631   1.00 19.06 ? 47 GLU C N   1 
ATOM 912  C CA  . GLU C 3 47 ? 15.110  7.451   7.849   1.00 21.53 ? 47 GLU C CA  1 
ATOM 913  C C   . GLU C 3 47 ? 16.293  7.384   6.902   1.00 24.04 ? 47 GLU C C   1 
ATOM 914  O O   . GLU C 3 47 ? 17.322  6.789   7.215   1.00 30.91 ? 47 GLU C O   1 
ATOM 915  C CB  . GLU C 3 47 ? 14.199  6.257   7.613   1.00 21.07 ? 47 GLU C CB  1 
ATOM 916  C CG  . GLU C 3 47 ? 14.716  4.950   8.118   1.00 23.11 ? 47 GLU C CG  1 
ATOM 917  C CD  . GLU C 3 47 ? 15.148  5.020   9.548   1.00 23.99 ? 47 GLU C CD  1 
ATOM 918  O OE1 . GLU C 3 47 ? 14.336  5.439   10.401  1.00 21.30 ? 47 GLU C OE1 1 
ATOM 919  O OE2 . GLU C 3 47 ? 16.319  4.675   9.802   1.00 26.78 ? 47 GLU C OE2 1 
ATOM 920  N N   . ASN C 3 48 ? 16.187  8.071   5.783   1.00 22.19 ? 48 ASN C N   1 
ATOM 921  C CA  . ASN C 3 48 ? 17.231  8.019   4.793   1.00 25.97 ? 48 ASN C CA  1 
ATOM 922  C C   . ASN C 3 48 ? 18.445  8.866   5.147   1.00 26.85 ? 48 ASN C C   1 
ATOM 923  O O   . ASN C 3 48 ? 19.374  8.956   4.357   1.00 32.76 ? 48 ASN C O   1 
ATOM 924  C CB  . ASN C 3 48 ? 16.680  8.457   3.439   1.00 29.69 ? 48 ASN C CB  1 
ATOM 925  C CG  . ASN C 3 48 ? 15.709  7.450   2.853   1.00 34.59 ? 48 ASN C CG  1 
ATOM 926  O OD1 . ASN C 3 48 ? 15.782  6.247   3.136   1.00 36.52 ? 48 ASN C OD1 1 
ATOM 927  N ND2 . ASN C 3 48 ? 14.780  7.936   2.051   1.00 31.40 ? 48 ASN C ND2 1 
ATOM 928  N N   . TYR C 3 49 ? 18.400  9.571   6.271   1.00 26.40 ? 49 TYR C N   1 
ATOM 929  C CA  . TYR C 3 49 ? 19.554  10.358  6.724   1.00 26.39 ? 49 TYR C CA  1 
ATOM 930  C C   . TYR C 3 49 ? 19.973  9.966   8.127   1.00 27.41 ? 49 TYR C C   1 
ATOM 931  O O   . TYR C 3 49 ? 20.615  10.739  8.847   1.00 31.47 ? 49 TYR C O   1 
ATOM 932  C CB  . TYR C 3 49 ? 19.248  11.843  6.688   1.00 26.56 ? 49 TYR C CB  1 
ATOM 933  C CG  . TYR C 3 49 ? 18.833  12.302  5.333   1.00 35.71 ? 49 TYR C CG  1 
ATOM 934  C CD1 . TYR C 3 49 ? 19.776  12.680  4.388   1.00 40.37 ? 49 TYR C CD1 1 
ATOM 935  C CD2 . TYR C 3 49 ? 17.501  12.223  4.942   1.00 41.57 ? 49 TYR C CD2 1 
ATOM 936  C CE1 . TYR C 3 49 ? 19.402  12.955  3.075   1.00 49.40 ? 49 TYR C CE1 1 
ATOM 937  C CE2 . TYR C 3 49 ? 17.114  12.490  3.644   1.00 46.22 ? 49 TYR C CE2 1 
ATOM 938  C CZ  . TYR C 3 49 ? 18.064  12.850  2.707   1.00 51.18 ? 49 TYR C CZ  1 
ATOM 939  O OH  . TYR C 3 49 ? 17.669  13.066  1.398   1.00 57.91 ? 49 TYR C OH  1 
ATOM 940  N N   . LEU C 3 50 ? 19.488  8.808   8.551   1.00 22.25 ? 50 LEU C N   1 
ATOM 941  C CA  . LEU C 3 50 ? 19.991  8.164   9.738   1.00 20.06 ? 50 LEU C CA  1 
ATOM 942  C C   . LEU C 3 50 ? 21.102  7.200   9.317   1.00 23.71 ? 50 LEU C C   1 
ATOM 943  O O   . LEU C 3 50 ? 20.944  6.430   8.363   1.00 28.70 ? 50 LEU C O   1 
ATOM 944  C CB  . LEU C 3 50 ? 18.848  7.413   10.423  1.00 15.90 ? 50 LEU C CB  1 
ATOM 945  C CG  . LEU C 3 50 ? 18.131  8.185   11.532  1.00 9.37  ? 50 LEU C CG  1 
ATOM 946  C CD1 . LEU C 3 50 ? 17.859  9.583   11.078  1.00 2.00  ? 50 LEU C CD1 1 
ATOM 947  C CD2 . LEU C 3 50 ? 16.854  7.473   11.908  1.00 4.65  ? 50 LEU C CD2 1 
ATOM 948  N N   . PRO C 3 51 ? 22.255  7.245   9.996   1.00 24.59 ? 51 PRO C N   1 
ATOM 949  C CA  . PRO C 3 51 ? 23.356  6.387   9.561   1.00 23.86 ? 51 PRO C CA  1 
ATOM 950  C C   . PRO C 3 51 ? 23.060  4.931   9.877   1.00 23.94 ? 51 PRO C C   1 
ATOM 951  O O   . PRO C 3 51 ? 23.356  4.058   9.073   1.00 29.40 ? 51 PRO C O   1 
ATOM 952  C CB  . PRO C 3 51 ? 24.552  6.900   10.361  1.00 24.96 ? 51 PRO C CB  1 
ATOM 953  C CG  . PRO C 3 51 ? 24.056  8.108   11.120  1.00 27.42 ? 51 PRO C CG  1 
ATOM 954  C CD  . PRO C 3 51 ? 22.582  7.925   11.254  1.00 27.16 ? 51 PRO C CD  1 
ATOM 955  N N   . SER C 3 52 ? 22.410  4.682   11.009  1.00 21.43 ? 52 SER C N   1 
ATOM 956  C CA  . SER C 3 52 ? 22.127  3.318   11.468  1.00 24.40 ? 52 SER C CA  1 
ATOM 957  C C   . SER C 3 52 ? 21.158  2.609   10.555  1.00 26.25 ? 52 SER C C   1 
ATOM 958  O O   . SER C 3 52 ? 20.130  3.168   10.167  1.00 32.90 ? 52 SER C O   1 
ATOM 959  C CB  . SER C 3 52 ? 21.542  3.342   12.875  1.00 27.00 ? 52 SER C CB  1 
ATOM 960  O OG  . SER C 3 52 ? 21.016  4.631   13.170  1.00 37.52 ? 52 SER C OG  1 
ATOM 961  N N   . PRO C 3 53 ? 21.452  1.364   10.197  1.00 25.83 ? 53 PRO C N   1 
ATOM 962  C CA  . PRO C 3 53 ? 20.469  0.612   9.426   1.00 27.51 ? 53 PRO C CA  1 
ATOM 963  C C   . PRO C 3 53 ? 19.343  0.123   10.340  1.00 30.60 ? 53 PRO C C   1 
ATOM 964  O O   . PRO C 3 53 ? 19.568  -0.233  11.514  1.00 31.05 ? 53 PRO C O   1 
ATOM 965  C CB  . PRO C 3 53 ? 21.278  -0.544  8.893   1.00 23.64 ? 53 PRO C CB  1 
ATOM 966  C CG  . PRO C 3 53 ? 22.168  -0.852  10.043  1.00 26.79 ? 53 PRO C CG  1 
ATOM 967  C CD  . PRO C 3 53 ? 22.461  0.464   10.761  1.00 24.32 ? 53 PRO C CD  1 
ATOM 968  N N   . CYS C 3 54 ? 18.127  0.168   9.800   1.00 32.62 ? 54 CYS C N   1 
ATOM 969  C CA  . CYS C 3 54 ? 16.925  -0.308  10.476  1.00 32.49 ? 54 CYS C CA  1 
ATOM 970  C C   . CYS C 3 54 ? 16.171  -1.266  9.569   1.00 33.92 ? 54 CYS C C   1 
ATOM 971  O O   . CYS C 3 54 ? 16.434  -1.342  8.363   1.00 34.92 ? 54 CYS C O   1 
ATOM 972  C CB  . CYS C 3 54 ? 16.008  0.865   10.808  1.00 32.42 ? 54 CYS C CB  1 
ATOM 973  S SG  . CYS C 3 54 ? 15.350  1.699   9.325   1.00 32.66 ? 54 CYS C SG  1 
ATOM 974  N N   . GLN C 3 55 ? 15.143  -1.887  10.134  1.00 36.39 ? 55 GLN C N   1 
ATOM 975  C CA  . GLN C 3 55 ? 14.271  -2.812  9.416   1.00 36.05 ? 55 GLN C CA  1 
ATOM 976  C C   . GLN C 3 55 ? 13.065  -3.111  10.309  1.00 34.05 ? 55 GLN C C   1 
ATOM 977  O O   . GLN C 3 55 ? 13.228  -3.496  11.461  1.00 34.96 ? 55 GLN C O   1 
ATOM 978  C CB  . GLN C 3 55 ? 15.049  -4.086  9.079   1.00 38.26 ? 55 GLN C CB  1 
ATOM 979  C CG  . GLN C 3 55 ? 14.243  -5.363  9.046   1.00 45.18 ? 55 GLN C CG  1 
ATOM 980  C CD  . GLN C 3 55 ? 14.335  -6.065  7.704   1.00 48.79 ? 55 GLN C CD  1 
ATOM 981  O OE1 . GLN C 3 55 ? 15.074  -7.042  7.540   1.00 52.64 ? 55 GLN C OE1 1 
ATOM 982  N NE2 . GLN C 3 55 ? 13.586  -5.565  6.731   1.00 51.68 ? 55 GLN C NE2 1 
ATOM 983  N N   . SER C 3 56 ? 11.879  -2.726  9.853   1.00 33.24 ? 56 SER C N   1 
ATOM 984  C CA  . SER C 3 56 ? 10.672  -2.898  10.655  1.00 34.37 ? 56 SER C CA  1 
ATOM 985  C C   . SER C 3 56 ? 9.969   -4.235  10.438  1.00 36.73 ? 56 SER C C   1 
ATOM 986  O O   . SER C 3 56 ? 10.100  -4.861  9.385   1.00 35.68 ? 56 SER C O   1 
ATOM 987  C CB  . SER C 3 56 ? 9.700   -1.762  10.378  1.00 36.01 ? 56 SER C CB  1 
ATOM 988  O OG  . SER C 3 56 ? 10.287  -0.520  10.722  1.00 39.58 ? 56 SER C OG  1 
ATOM 989  N N   . GLY C 3 57 ? 9.200   -4.664  11.430  1.00 40.25 ? 57 GLY C N   1 
ATOM 990  C CA  . GLY C 3 57 ? 8.569   -5.969  11.357  1.00 43.59 ? 57 GLY C CA  1 
ATOM 991  C C   . GLY C 3 57 ? 9.375   -7.084  11.998  1.00 45.57 ? 57 GLY C C   1 
ATOM 992  O O   . GLY C 3 57 ? 10.470  -6.863  12.513  1.00 46.27 ? 57 GLY C O   1 
ATOM 993  N N   . GLN C 3 58 ? 8.777   -8.268  12.057  1.00 48.26 ? 58 GLN C N   1 
ATOM 994  C CA  . GLN C 3 58 ? 9.439   -9.441  12.624  1.00 49.63 ? 58 GLN C CA  1 
ATOM 995  C C   . GLN C 3 58 ? 9.199   -10.687 11.775  1.00 50.43 ? 58 GLN C C   1 
ATOM 996  O O   . GLN C 3 58 ? 10.136  -11.397 11.412  1.00 51.95 ? 58 GLN C O   1 
ATOM 997  C CB  . GLN C 3 58 ? 8.941   -9.682  14.048  1.00 48.42 ? 58 GLN C CB  1 
ATOM 998  C CG  . GLN C 3 58 ? 9.384   -8.610  15.020  1.00 55.59 ? 58 GLN C CG  1 
ATOM 999  C CD  . GLN C 3 58 ? 8.302   -8.230  16.014  1.00 63.68 ? 58 GLN C CD  1 
ATOM 1000 O OE1 . GLN C 3 58 ? 7.902   -7.061  16.099  1.00 64.98 ? 58 GLN C OE1 1 
ATOM 1001 N NE2 . GLN C 3 58 ? 7.835   -9.209  16.789  1.00 64.29 ? 58 GLN C NE2 1 
ATOM 1002 N N   . LYS C 3 59 ? 7.939   -10.895 11.407  1.00 49.98 ? 59 LYS C N   1 
ATOM 1003 C CA  . LYS C 3 59 ? 7.508   -12.074 10.660  1.00 48.01 ? 59 LYS C CA  1 
ATOM 1004 C C   . LYS C 3 59 ? 7.766   -11.875 9.163   1.00 46.55 ? 59 LYS C C   1 
ATOM 1005 O O   . LYS C 3 59 ? 7.040   -11.145 8.499   1.00 48.49 ? 59 LYS C O   1 
ATOM 1006 C CB  . LYS C 3 59 ? 6.011   -12.291 10.910  1.00 48.09 ? 59 LYS C CB  1 
ATOM 1007 C CG  . LYS C 3 59 ? 5.569   -13.731 11.037  1.00 48.05 ? 59 LYS C CG  1 
ATOM 1008 C CD  . LYS C 3 59 ? 4.760   -14.167 9.823   1.00 48.50 ? 59 LYS C CD  1 
ATOM 1009 C CE  . LYS C 3 59 ? 3.771   -15.259 10.187  1.00 49.46 ? 59 LYS C CE  1 
ATOM 1010 N NZ  . LYS C 3 59 ? 2.857   -14.817 11.279  1.00 51.64 ? 59 LYS C NZ  1 
ATOM 1011 N N   . PRO C 3 60 ? 8.877   -12.410 8.645   1.00 45.95 ? 60 PRO C N   1 
ATOM 1012 C CA  . PRO C 3 60 ? 9.180   -12.164 7.232   1.00 45.52 ? 60 PRO C CA  1 
ATOM 1013 C C   . PRO C 3 60 ? 8.139   -12.773 6.297   1.00 45.82 ? 60 PRO C C   1 
ATOM 1014 O O   . PRO C 3 60 ? 7.409   -13.702 6.665   1.00 46.80 ? 60 PRO C O   1 
ATOM 1015 C CB  . PRO C 3 60 ? 10.556  -12.808 7.034   1.00 44.85 ? 60 PRO C CB  1 
ATOM 1016 C CG  . PRO C 3 60 ? 11.071  -13.077 8.425   1.00 46.85 ? 60 PRO C CG  1 
ATOM 1017 C CD  . PRO C 3 60 ? 9.855   -13.317 9.258   1.00 46.66 ? 60 PRO C CD  1 
ATOM 1018 N N   . CYS C 3 61 ? 8.168   -12.323 5.048   1.00 45.40 ? 61 CYS C N   1 
ATOM 1019 C CA  . CYS C 3 61 ? 7.187   -12.720 4.044   1.00 43.30 ? 61 CYS C CA  1 
ATOM 1020 C C   . CYS C 3 61 ? 7.539   -12.106 2.682   1.00 43.50 ? 61 CYS C C   1 
ATOM 1021 O O   . CYS C 3 61 ? 8.241   -11.097 2.596   1.00 42.07 ? 61 CYS C O   1 
ATOM 1022 C CB  . CYS C 3 61 ? 5.795   -12.258 4.480   1.00 39.13 ? 61 CYS C CB  1 
ATOM 1023 S SG  . CYS C 3 61 ? 5.778   -10.536 5.064   1.00 33.80 ? 61 CYS C SG  1 
ATOM 1024 N N   . GLY C 3 62 ? 7.143   -12.779 1.613   1.00 44.18 ? 62 GLY C N   1 
ATOM 1025 C CA  . GLY C 3 62 ? 7.269   -12.187 0.297   1.00 46.91 ? 62 GLY C CA  1 
ATOM 1026 C C   . GLY C 3 62 ? 8.693   -12.108 -0.204  1.00 48.27 ? 62 GLY C C   1 
ATOM 1027 O O   . GLY C 3 62 ? 9.373   -13.127 -0.307  1.00 51.72 ? 62 GLY C O   1 
ATOM 1028 N N   . SER C 3 63 ? 9.133   -10.901 -0.549  1.00 49.50 ? 63 SER C N   1 
ATOM 1029 C CA  . SER C 3 63 ? 10.484  -10.689 -1.080  1.00 49.18 ? 63 SER C CA  1 
ATOM 1030 C C   . SER C 3 63 ? 11.317  -9.846  -0.130  1.00 46.78 ? 63 SER C C   1 
ATOM 1031 O O   . SER C 3 63 ? 11.431  -8.631  -0.290  1.00 45.35 ? 63 SER C O   1 
ATOM 1032 C CB  . SER C 3 63 ? 10.429  -10.006 -2.448  1.00 50.30 ? 63 SER C CB  1 
ATOM 1033 O OG  . SER C 3 63 ? 9.705   -10.795 -3.378  1.00 60.15 ? 63 SER C OG  1 
ATOM 1034 N N   . GLY C 3 64 ? 11.856  -10.493 0.893   1.00 45.11 ? 64 GLY C N   1 
ATOM 1035 C CA  . GLY C 3 64 ? 12.534  -9.761  1.941   1.00 44.69 ? 64 GLY C CA  1 
ATOM 1036 C C   . GLY C 3 64 ? 11.623  -8.714  2.545   1.00 43.48 ? 64 GLY C C   1 
ATOM 1037 O O   . GLY C 3 64 ? 12.018  -7.560  2.716   1.00 45.18 ? 64 GLY C O   1 
ATOM 1038 N N   . GLY C 3 65 ? 10.349  -9.068  2.658   1.00 42.38 ? 65 GLY C N   1 
ATOM 1039 C CA  . GLY C 3 65 ? 9.413   -8.236  3.382   1.00 41.29 ? 65 GLY C CA  1 
ATOM 1040 C C   . GLY C 3 65 ? 9.159   -8.812  4.757   1.00 41.12 ? 65 GLY C C   1 
ATOM 1041 O O   . GLY C 3 65 ? 9.488   -9.962  5.028   1.00 44.36 ? 65 GLY C O   1 
ATOM 1042 N N   . ARG C 3 66 ? 8.719   -7.967  5.670   1.00 39.97 ? 66 ARG C N   1 
ATOM 1043 C CA  . ARG C 3 66 ? 8.219   -8.444  6.944   1.00 38.44 ? 66 ARG C CA  1 
ATOM 1044 C C   . ARG C 3 66 ? 6.706   -8.286  6.907   1.00 37.66 ? 66 ARG C C   1 
ATOM 1045 O O   . ARG C 3 66 ? 6.147   -7.867  5.900   1.00 39.61 ? 66 ARG C O   1 
ATOM 1046 C CB  . ARG C 3 66 ? 8.817   -7.617  8.079   1.00 40.75 ? 66 ARG C CB  1 
ATOM 1047 C CG  . ARG C 3 66 ? 10.316  -7.396  7.944   1.00 44.10 ? 66 ARG C CG  1 
ATOM 1048 C CD  . ARG C 3 66 ? 11.113  -8.640  8.325   1.00 48.41 ? 66 ARG C CD  1 
ATOM 1049 N NE  . ARG C 3 66 ? 11.339  -8.716  9.771   1.00 53.00 ? 66 ARG C NE  1 
ATOM 1050 C CZ  . ARG C 3 66 ? 12.540  -8.715  10.348  1.00 55.31 ? 66 ARG C CZ  1 
ATOM 1051 N NH1 . ARG C 3 66 ? 13.646  -8.704  9.607   1.00 56.32 ? 66 ARG C NH1 1 
ATOM 1052 N NH2 . ARG C 3 66 ? 12.640  -8.745  11.673  1.00 56.90 ? 66 ARG C NH2 1 
ATOM 1053 N N   . CYS C 3 67 ? 6.031   -8.644  7.984   1.00 36.15 ? 67 CYS C N   1 
ATOM 1054 C CA  . CYS C 3 67 ? 4.616   -8.353  8.078   1.00 34.73 ? 67 CYS C CA  1 
ATOM 1055 C C   . CYS C 3 67 ? 4.417   -6.962  8.637   1.00 33.86 ? 67 CYS C C   1 
ATOM 1056 O O   . CYS C 3 67 ? 4.734   -6.696  9.794   1.00 36.38 ? 67 CYS C O   1 
ATOM 1057 C CB  . CYS C 3 67 ? 3.913   -9.367  8.962   1.00 36.16 ? 67 CYS C CB  1 
ATOM 1058 S SG  . CYS C 3 67 ? 3.944   -11.048 8.291   1.00 36.47 ? 67 CYS C SG  1 
ATOM 1059 N N   . ALA C 3 68 ? 3.913   -6.074  7.793   1.00 33.51 ? 68 ALA C N   1 
ATOM 1060 C CA  . ALA C 3 68 ? 3.712   -4.680  8.158   1.00 30.44 ? 68 ALA C CA  1 
ATOM 1061 C C   . ALA C 3 68 ? 2.516   -4.527  9.060   1.00 27.54 ? 68 ALA C C   1 
ATOM 1062 O O   . ALA C 3 68 ? 2.572   -3.837  10.071  1.00 25.88 ? 68 ALA C O   1 
ATOM 1063 C CB  . ALA C 3 68 ? 3.524   -3.849  6.915   1.00 31.83 ? 68 ALA C CB  1 
ATOM 1064 N N   . ALA C 3 69 ? 1.423   -5.160  8.662   1.00 29.15 ? 69 ALA C N   1 
ATOM 1065 C CA  . ALA C 3 69 ? 0.164   -5.068  9.389   1.00 30.59 ? 69 ALA C CA  1 
ATOM 1066 C C   . ALA C 3 69 ? -0.731  -6.220  8.977   1.00 30.04 ? 69 ALA C C   1 
ATOM 1067 O O   . ALA C 3 69 ? -0.485  -6.863  7.956   1.00 30.76 ? 69 ALA C O   1 
ATOM 1068 C CB  . ALA C 3 69 ? -0.518  -3.743  9.086   1.00 34.37 ? 69 ALA C CB  1 
ATOM 1069 N N   . ALA C 3 70 ? -1.820  -6.403  9.715   1.00 29.66 ? 70 ALA C N   1 
ATOM 1070 C CA  . ALA C 3 70 ? -2.700  -7.565  9.579   1.00 26.45 ? 70 ALA C CA  1 
ATOM 1071 C C   . ALA C 3 70 ? -3.013  -7.985  8.144   1.00 26.62 ? 70 ALA C C   1 
ATOM 1072 O O   . ALA C 3 70 ? -3.778  -7.334  7.443   1.00 27.91 ? 70 ALA C O   1 
ATOM 1073 C CB  . ALA C 3 70 ? -3.980  -7.310  10.327  1.00 28.49 ? 70 ALA C CB  1 
ATOM 1074 N N   . GLY C 3 71 ? -2.324  -9.017  7.677   1.00 26.78 ? 71 GLY C N   1 
ATOM 1075 C CA  . GLY C 3 71 ? -2.585  -9.529  6.343   1.00 24.92 ? 71 GLY C CA  1 
ATOM 1076 C C   . GLY C 3 71 ? -1.798  -8.843  5.255   1.00 24.16 ? 71 GLY C C   1 
ATOM 1077 O O   . GLY C 3 71 ? -1.843  -9.265  4.106   1.00 24.53 ? 71 GLY C O   1 
ATOM 1078 N N   . ILE C 3 72 ? -1.133  -7.748  5.606   1.00 25.56 ? 72 ILE C N   1 
ATOM 1079 C CA  . ILE C 3 72 ? -0.251  -7.034  4.681   1.00 26.92 ? 72 ILE C CA  1 
ATOM 1080 C C   . ILE C 3 72 ? 1.227   -7.301  4.965   1.00 25.53 ? 72 ILE C C   1 
ATOM 1081 O O   . ILE C 3 72 ? 1.706   -7.115  6.087   1.00 22.30 ? 72 ILE C O   1 
ATOM 1082 C CB  . ILE C 3 72 ? -0.481  -5.491  4.729   1.00 26.76 ? 72 ILE C CB  1 
ATOM 1083 C CG1 . ILE C 3 72 ? -1.964  -5.178  4.634   1.00 24.51 ? 72 ILE C CG1 1 
ATOM 1084 C CG2 . ILE C 3 72 ? 0.232   -4.802  3.576   1.00 24.00 ? 72 ILE C CG2 1 
ATOM 1085 C CD1 . ILE C 3 72 ? -2.571  -4.916  5.970   1.00 30.41 ? 72 ILE C CD1 1 
ATOM 1086 N N   . CYS C 3 73 ? 1.939   -7.696  3.914   1.00 25.33 ? 73 CYS C N   1 
ATOM 1087 C CA  . CYS C 3 73 ? 3.395   -7.836  3.915   1.00 28.05 ? 73 CYS C CA  1 
ATOM 1088 C C   . CYS C 3 73 ? 4.079   -6.717  3.129   1.00 28.83 ? 73 CYS C C   1 
ATOM 1089 O O   . CYS C 3 73 ? 3.885   -6.593  1.918   1.00 29.86 ? 73 CYS C O   1 
ATOM 1090 C CB  . CYS C 3 73 ? 3.791   -9.170  3.291   1.00 29.80 ? 73 CYS C CB  1 
ATOM 1091 S SG  . CYS C 3 73 ? 5.574   -9.505  3.338   1.00 29.20 ? 73 CYS C SG  1 
ATOM 1092 N N   . CYS C 3 74 ? 4.915   -5.935  3.804   1.00 28.46 ? 74 CYS C N   1 
ATOM 1093 C CA  . CYS C 3 74 ? 5.591   -4.816  3.154   1.00 27.38 ? 74 CYS C CA  1 
ATOM 1094 C C   . CYS C 3 74 ? 7.102   -4.989  3.161   1.00 27.50 ? 74 CYS C C   1 
ATOM 1095 O O   . CYS C 3 74 ? 7.681   -5.477  4.127   1.00 30.81 ? 74 CYS C O   1 
ATOM 1096 C CB  . CYS C 3 74 ? 5.244   -3.502  3.847   1.00 23.29 ? 74 CYS C CB  1 
ATOM 1097 S SG  . CYS C 3 74 ? 3.468   -3.121  3.955   1.00 21.27 ? 74 CYS C SG  1 
ATOM 1098 N N   . ASN C 3 75 ? 7.738   -4.609  2.070   1.00 25.43 ? 75 ASN C N   1 
ATOM 1099 C CA  . ASN C 3 75 ? 9.167   -4.387  2.088   1.00 24.39 ? 75 ASN C CA  1 
ATOM 1100 C C   . ASN C 3 75 ? 9.413   -2.915  1.786   1.00 26.57 ? 75 ASN C C   1 
ATOM 1101 O O   . ASN C 3 75 ? 8.466   -2.180  1.558   1.00 29.56 ? 75 ASN C O   1 
ATOM 1102 C CB  . ASN C 3 75 ? 9.841   -5.278  1.056   1.00 23.80 ? 75 ASN C CB  1 
ATOM 1103 C CG  . ASN C 3 75 ? 9.407   -4.977  -0.350  1.00 25.00 ? 75 ASN C CG  1 
ATOM 1104 O OD1 . ASN C 3 75 ? 9.028   -3.853  -0.676  1.00 29.42 ? 75 ASN C OD1 1 
ATOM 1105 N ND2 . ASN C 3 75 ? 9.556   -5.952  -1.222  1.00 27.17 ? 75 ASN C ND2 1 
ATOM 1106 N N   . ASP C 3 76 ? 10.661  -2.527  1.567   1.00 28.61 ? 76 ASP C N   1 
ATOM 1107 C CA  . ASP C 3 76 ? 10.981  -1.112  1.464   1.00 26.70 ? 76 ASP C CA  1 
ATOM 1108 C C   . ASP C 3 76 ? 10.320  -0.397  0.294   1.00 26.40 ? 76 ASP C C   1 
ATOM 1109 O O   . ASP C 3 76 ? 10.234  0.821   0.316   1.00 28.63 ? 76 ASP C O   1 
ATOM 1110 C CB  . ASP C 3 76 ? 12.509  -0.905  1.465   1.00 32.54 ? 76 ASP C CB  1 
ATOM 1111 C CG  . ASP C 3 76 ? 13.090  -0.658  0.077   1.00 37.59 ? 76 ASP C CG  1 
ATOM 1112 O OD1 . ASP C 3 76 ? 13.210  -1.630  -0.700  1.00 40.55 ? 76 ASP C OD1 1 
ATOM 1113 O OD2 . ASP C 3 76 ? 13.505  0.493   -0.205  1.00 41.30 ? 76 ASP C OD2 1 
ATOM 1114 N N   . GLU C 3 77 ? 9.763   -1.140  -0.668  1.00 26.91 ? 77 GLU C N   1 
ATOM 1115 C CA  . GLU C 3 77 ? 9.128   -0.507  -1.836  1.00 28.89 ? 77 GLU C CA  1 
ATOM 1116 C C   . GLU C 3 77 ? 7.746   -1.019  -2.287  1.00 25.31 ? 77 GLU C C   1 
ATOM 1117 O O   . GLU C 3 77 ? 7.248   -0.620  -3.336  1.00 24.13 ? 77 GLU C O   1 
ATOM 1118 C CB  . GLU C 3 77 ? 10.094  -0.506  -3.037  1.00 34.95 ? 77 GLU C CB  1 
ATOM 1119 C CG  . GLU C 3 77 ? 10.335  -1.886  -3.701  1.00 49.71 ? 77 GLU C CG  1 
ATOM 1120 C CD  . GLU C 3 77 ? 10.752  -1.797  -5.185  1.00 55.99 ? 77 GLU C CD  1 
ATOM 1121 O OE1 . GLU C 3 77 ? 11.429  -0.805  -5.564  1.00 57.67 ? 77 GLU C OE1 1 
ATOM 1122 O OE2 . GLU C 3 77 ? 10.396  -2.720  -5.969  1.00 57.36 ? 77 GLU C OE2 1 
ATOM 1123 N N   . SER C 3 78 ? 7.060   -1.768  -1.436  1.00 24.31 ? 78 SER C N   1 
ATOM 1124 C CA  . SER C 3 78 ? 5.777   -2.341  -1.828  1.00 25.30 ? 78 SER C CA  1 
ATOM 1125 C C   . SER C 3 78 ? 5.049   -3.025  -0.678  1.00 27.88 ? 78 SER C C   1 
ATOM 1126 O O   . SER C 3 78 ? 5.676   -3.768  0.093   1.00 29.60 ? 78 SER C O   1 
ATOM 1127 C CB  . SER C 3 78 ? 6.010   -3.382  -2.895  1.00 24.64 ? 78 SER C CB  1 
ATOM 1128 O OG  . SER C 3 78 ? 6.617   -4.519  -2.311  1.00 30.11 ? 78 SER C OG  1 
ATOM 1129 N N   . CYS C 3 79 ? 3.718   -2.909  -0.643  1.00 25.70 ? 79 CYS C N   1 
ATOM 1130 C CA  . CYS C 3 79 ? 2.922   -3.778  0.237   1.00 25.16 ? 79 CYS C CA  1 
ATOM 1131 C C   . CYS C 3 79 ? 1.988   -4.714  -0.507  1.00 24.94 ? 79 CYS C C   1 
ATOM 1132 O O   . CYS C 3 79 ? 1.424   -4.355  -1.540  1.00 25.82 ? 79 CYS C O   1 
ATOM 1133 C CB  . CYS C 3 79 ? 2.115   -2.980  1.238   1.00 19.11 ? 79 CYS C CB  1 
ATOM 1134 S SG  . CYS C 3 79 ? 3.143   -1.976  2.335   1.00 16.85 ? 79 CYS C SG  1 
ATOM 1135 N N   . VAL C 3 80 ? 1.883   -5.937  -0.006  1.00 24.01 ? 80 VAL C N   1 
ATOM 1136 C CA  . VAL C 3 80 ? 1.089   -6.967  -0.651  1.00 28.04 ? 80 VAL C CA  1 
ATOM 1137 C C   . VAL C 3 80 ? 0.242   -7.655  0.374   1.00 28.70 ? 80 VAL C C   1 
ATOM 1138 O O   . VAL C 3 80 ? 0.651   -7.857  1.514   1.00 28.96 ? 80 VAL C O   1 
ATOM 1139 C CB  . VAL C 3 80 ? 1.956   -8.060  -1.329  1.00 31.84 ? 80 VAL C CB  1 
ATOM 1140 C CG1 . VAL C 3 80 ? 2.741   -8.837  -0.287  1.00 32.46 ? 80 VAL C CG1 1 
ATOM 1141 C CG2 . VAL C 3 80 ? 1.064   -9.029  -2.119  1.00 36.15 ? 80 VAL C CG2 1 
ATOM 1142 N N   . THR C 3 81 ? -0.943  -8.050  -0.042  1.00 29.64 ? 81 THR C N   1 
ATOM 1143 C CA  . THR C 3 81 ? -1.776  -8.856  0.811   1.00 32.04 ? 81 THR C CA  1 
ATOM 1144 C C   . THR C 3 81 ? -1.026  -10.160 0.953   1.00 31.86 ? 81 THR C C   1 
ATOM 1145 O O   . THR C 3 81 ? -0.370  -10.585 0.002   1.00 33.28 ? 81 THR C O   1 
ATOM 1146 C CB  . THR C 3 81 ? -3.156  -9.077  0.170   1.00 33.67 ? 81 THR C CB  1 
ATOM 1147 O OG1 . THR C 3 81 ? -3.083  -8.757  -1.224  1.00 36.36 ? 81 THR C OG1 1 
ATOM 1148 C CG2 . THR C 3 81 ? -4.206  -8.175  0.821   1.00 34.77 ? 81 THR C CG2 1 
ATOM 1149 N N   . GLU C 3 82 ? -0.785  -10.525 2.202   1.00 33.27 ? 82 GLU C N   1 
ATOM 1150 C CA  . GLU C 3 82 ? -0.233  -11.827 2.540   1.00 37.78 ? 82 GLU C CA  1 
ATOM 1151 C C   . GLU C 3 82 ? -0.949  -12.374 3.751   1.00 42.31 ? 82 GLU C C   1 
ATOM 1152 O O   . GLU C 3 82 ? -0.898  -11.791 4.836   1.00 40.11 ? 82 GLU C O   1 
ATOM 1153 C CB  . GLU C 3 82 ? 1.262   -11.738 2.837   1.00 37.45 ? 82 GLU C CB  1 
ATOM 1154 C CG  . GLU C 3 82 ? 2.137   -12.291 1.726   1.00 42.71 ? 82 GLU C CG  1 
ATOM 1155 C CD  . GLU C 3 82 ? 2.513   -13.743 1.938   1.00 45.33 ? 82 GLU C CD  1 
ATOM 1156 O OE1 . GLU C 3 82 ? 1.635   -14.619 1.792   1.00 48.09 ? 82 GLU C OE1 1 
ATOM 1157 O OE2 . GLU C 3 82 ? 3.682   -14.015 2.289   1.00 47.85 ? 82 GLU C OE2 1 
ATOM 1158 N N   . PRO C 3 83 ? -1.618  -13.527 3.583   1.00 48.03 ? 83 PRO C N   1 
ATOM 1159 C CA  . PRO C 3 83 ? -2.635  -13.969 4.545   1.00 49.83 ? 83 PRO C CA  1 
ATOM 1160 C C   . PRO C 3 83 ? -1.969  -14.469 5.814   1.00 50.97 ? 83 PRO C C   1 
ATOM 1161 O O   . PRO C 3 83 ? -2.297  -14.029 6.920   1.00 54.60 ? 83 PRO C O   1 
ATOM 1162 C CB  . PRO C 3 83 ? -3.363  -15.091 3.800   1.00 48.74 ? 83 PRO C CB  1 
ATOM 1163 C CG  . PRO C 3 83 ? -3.027  -14.854 2.340   1.00 49.25 ? 83 PRO C CG  1 
ATOM 1164 C CD  . PRO C 3 83 ? -1.613  -14.379 2.385   1.00 48.65 ? 83 PRO C CD  1 
ATOM 1165 N N   . GLU C 3 84 ? -0.884  -15.205 5.624   1.00 48.73 ? 84 GLU C N   1 
ATOM 1166 C CA  . GLU C 3 84 ? -0.094  -15.696 6.743   1.00 48.33 ? 84 GLU C CA  1 
ATOM 1167 C C   . GLU C 3 84 ? 0.756   -14.583 7.369   1.00 44.56 ? 84 GLU C C   1 
ATOM 1168 O O   . GLU C 3 84 ? 1.885   -14.824 7.783   1.00 44.15 ? 84 GLU C O   1 
ATOM 1169 C CB  . GLU C 3 84 ? 0.794   -16.863 6.279   1.00 51.90 ? 84 GLU C CB  1 
ATOM 1170 C CG  . GLU C 3 84 ? 1.374   -16.686 4.886   1.00 53.35 ? 84 GLU C CG  1 
ATOM 1171 C CD  . GLU C 3 84 ? 2.006   -15.328 4.711   1.00 54.85 ? 84 GLU C CD  1 
ATOM 1172 O OE1 . GLU C 3 84 ? 1.264   -14.358 4.442   1.00 50.80 ? 84 GLU C OE1 1 
ATOM 1173 O OE2 . GLU C 3 84 ? 3.225   -15.208 4.957   1.00 56.23 ? 84 GLU C OE2 1 
ATOM 1174 N N   . CYS C 3 85 ? 0.283   -13.349 7.261   1.00 41.50 ? 85 CYS C N   1 
ATOM 1175 C CA  . CYS C 3 85 ? 0.928   -12.222 7.921   1.00 42.00 ? 85 CYS C CA  1 
ATOM 1176 C C   . CYS C 3 85 ? 0.047   -11.657 9.036   1.00 42.45 ? 85 CYS C C   1 
ATOM 1177 O O   . CYS C 3 85 ? -0.981  -12.244 9.387   1.00 43.46 ? 85 CYS C O   1 
ATOM 1178 C CB  . CYS C 3 85 ? 1.242   -11.121 6.909   1.00 41.24 ? 85 CYS C CB  1 
ATOM 1179 S SG  . CYS C 3 85 ? 3.004   -10.946 6.490   1.00 39.47 ? 85 CYS C SG  1 
ATOM 1180 N N   . CYS D 2 1  ? 18.809  4.301   8.008   1.00 11.83 ? 1  CYS D N   1 
ATOM 1181 C CA  . CYS D 2 1  ? 18.404  3.987   6.603   1.00 16.22 ? 1  CYS D CA  1 
ATOM 1182 C C   . CYS D 2 1  ? 17.749  2.626   6.481   1.00 14.34 ? 1  CYS D C   1 
ATOM 1183 O O   . CYS D 2 1  ? 17.835  1.802   7.374   1.00 14.32 ? 1  CYS D O   1 
ATOM 1184 C CB  . CYS D 2 1  ? 19.607  4.026   5.665   1.00 23.15 ? 1  CYS D CB  1 
ATOM 1185 S SG  . CYS D 2 1  ? 21.101  3.221   6.334   1.00 31.25 ? 1  CYS D SG  1 
ATOM 1186 N N   . TYR D 2 2  ? 17.140  2.373   5.341   1.00 15.45 ? 2  TYR D N   1 
ATOM 1187 C CA  . TYR D 2 2  ? 16.494  1.095   5.129   1.00 22.18 ? 2  TYR D CA  1 
ATOM 1188 C C   . TYR D 2 2  ? 17.555  0.064   4.783   1.00 27.47 ? 2  TYR D C   1 
ATOM 1189 O O   . TYR D 2 2  ? 18.393  0.302   3.907   1.00 31.95 ? 2  TYR D O   1 
ATOM 1190 C CB  . TYR D 2 2  ? 15.444  1.238   4.017   1.00 18.36 ? 2  TYR D CB  1 
ATOM 1191 C CG  . TYR D 2 2  ? 14.355  2.194   4.427   1.00 14.96 ? 2  TYR D CG  1 
ATOM 1192 C CD1 . TYR D 2 2  ? 13.559  1.913   5.539   1.00 16.37 ? 2  TYR D CD1 1 
ATOM 1193 C CD2 . TYR D 2 2  ? 14.260  3.460   3.867   1.00 17.19 ? 2  TYR D CD2 1 
ATOM 1194 C CE1 . TYR D 2 2  ? 12.719  2.865   6.090   1.00 11.77 ? 2  TYR D CE1 1 
ATOM 1195 C CE2 . TYR D 2 2  ? 13.404  4.431   4.416   1.00 14.26 ? 2  TYR D CE2 1 
ATOM 1196 C CZ  . TYR D 2 2  ? 12.644  4.118   5.529   1.00 12.65 ? 2  TYR D CZ  1 
ATOM 1197 O OH  . TYR D 2 2  ? 11.815  5.045   6.110   1.00 12.75 ? 2  TYR D OH  1 
ATOM 1198 N N   . ILE D 2 3  ? 17.623  -1.005  5.571   1.00 31.83 ? 3  ILE D N   1 
ATOM 1199 C CA  . ILE D 2 3  ? 18.650  -2.033  5.382   1.00 38.13 ? 3  ILE D CA  1 
ATOM 1200 C C   . ILE D 2 3  ? 18.940  -2.304  3.894   1.00 39.44 ? 3  ILE D C   1 
ATOM 1201 O O   . ILE D 2 3  ? 20.045  -2.040  3.419   1.00 41.75 ? 3  ILE D O   1 
ATOM 1202 C CB  . ILE D 2 3  ? 18.256  -3.348  6.140   1.00 42.59 ? 3  ILE D CB  1 
ATOM 1203 C CG1 . ILE D 2 3  ? 19.453  -4.291  6.236   1.00 46.51 ? 3  ILE D CG1 1 
ATOM 1204 C CG2 . ILE D 2 3  ? 17.087  -4.042  5.469   1.00 45.89 ? 3  ILE D CG2 1 
ATOM 1205 C CD1 . ILE D 2 3  ? 20.548  -3.793  7.164   1.00 49.40 ? 3  ILE D CD1 1 
ATOM 1206 N N   . GLN D 2 4  ? 17.852  -2.389  3.141   1.00 41.47 ? 4  GLN D N   1 
ATOM 1207 C CA  . GLN D 2 4  ? 17.869  -2.639  1.705   1.00 44.42 ? 4  GLN D CA  1 
ATOM 1208 C C   . GLN D 2 4  ? 18.595  -1.576  0.880   1.00 44.44 ? 4  GLN D C   1 
ATOM 1209 O O   . GLN D 2 4  ? 19.130  -1.872  -0.184  1.00 44.56 ? 4  GLN D O   1 
ATOM 1210 C CB  . GLN D 2 4  ? 16.426  -2.764  1.196   1.00 47.70 ? 4  GLN D CB  1 
ATOM 1211 C CG  . GLN D 2 4  ? 15.583  -3.843  1.906   1.00 53.61 ? 4  GLN D CG  1 
ATOM 1212 C CD  . GLN D 2 4  ? 14.681  -3.298  3.021   1.00 54.24 ? 4  GLN D CD  1 
ATOM 1213 O OE1 . GLN D 2 4  ? 14.863  -2.176  3.510   1.00 53.07 ? 4  GLN D OE1 1 
ATOM 1214 N NE2 . GLN D 2 4  ? 13.728  -4.119  3.454   1.00 51.70 ? 4  GLN D NE2 1 
ATOM 1215 N N   . ASN D 2 5  ? 18.471  -0.318  1.282   1.00 46.04 ? 5  ASN D N   1 
ATOM 1216 C CA  . ASN D 2 5  ? 19.029  0.766   0.482   1.00 50.53 ? 5  ASN D CA  1 
ATOM 1217 C C   . ASN D 2 5  ? 19.985  1.687   1.232   1.00 49.17 ? 5  ASN D C   1 
ATOM 1218 O O   . ASN D 2 5  ? 20.239  2.812   0.785   1.00 51.60 ? 5  ASN D O   1 
ATOM 1219 C CB  . ASN D 2 5  ? 17.908  1.587   -0.213  1.00 55.72 ? 5  ASN D CB  1 
ATOM 1220 C CG  . ASN D 2 5  ? 16.884  2.214   0.772   1.00 61.34 ? 5  ASN D CG  1 
ATOM 1221 O OD1 . ASN D 2 5  ? 17.251  2.848   1.769   1.00 65.17 ? 5  ASN D OD1 1 
ATOM 1222 N ND2 . ASN D 2 5  ? 15.600  2.133   0.415   1.00 59.95 ? 5  ASN D ND2 1 
ATOM 1223 N N   . CYS D 2 6  ? 20.621  1.152   2.278   1.00 48.95 ? 6  CYS D N   1 
ATOM 1224 C CA  . CYS D 2 6  ? 21.543  1.929   3.114   1.00 47.80 ? 6  CYS D CA  1 
ATOM 1225 C C   . CYS D 2 6  ? 22.797  2.451   2.353   1.00 52.78 ? 6  CYS D C   1 
ATOM 1226 O O   . CYS D 2 6  ? 22.675  3.038   1.278   1.00 58.49 ? 6  CYS D O   1 
ATOM 1227 C CB  . CYS D 2 6  ? 21.954  1.092   4.320   1.00 36.94 ? 6  CYS D CB  1 
ATOM 1228 S SG  . CYS D 2 6  ? 20.930  1.268   5.803   1.00 31.85 ? 6  CYS D SG  1 
ATOM 1229 N N   . PRO D 2 7  ? 23.993  2.363   2.955   1.00 55.49 ? 7  PRO D N   1 
ATOM 1230 C CA  . PRO D 2 7  ? 25.072  1.616   2.279   1.00 56.86 ? 7  PRO D CA  1 
ATOM 1231 C C   . PRO D 2 7  ? 25.198  0.133   2.716   1.00 59.87 ? 7  PRO D C   1 
ATOM 1232 O O   . PRO D 2 7  ? 26.239  -0.505  2.510   1.00 60.23 ? 7  PRO D O   1 
ATOM 1233 C CB  . PRO D 2 7  ? 26.322  2.432   2.608   1.00 53.33 ? 7  PRO D CB  1 
ATOM 1234 C CG  . PRO D 2 7  ? 25.784  3.815   2.873   1.00 52.16 ? 7  PRO D CG  1 
ATOM 1235 C CD  . PRO D 2 7  ? 24.538  3.546   3.650   1.00 52.62 ? 7  PRO D CD  1 
ATOM 1236 N N   . LEU D 2 8  ? 24.226  -0.296  3.522   1.00 62.40 ? 8  LEU D N   1 
ATOM 1237 C CA  . LEU D 2 8  ? 23.930  -1.701  3.840   1.00 62.24 ? 8  LEU D CA  1 
ATOM 1238 C C   . LEU D 2 8  ? 24.892  -2.325  4.871   1.00 64.92 ? 8  LEU D C   1 
ATOM 1239 O O   . LEU D 2 8  ? 24.637  -2.252  6.089   1.00 64.74 ? 8  LEU D O   1 
ATOM 1240 C CB  . LEU D 2 8  ? 23.870  -2.550  2.557   1.00 58.68 ? 8  LEU D CB  1 
ATOM 1241 C CG  . LEU D 2 8  ? 22.638  -2.359  1.661   1.00 56.64 ? 8  LEU D CG  1 
ATOM 1242 C CD1 . LEU D 2 8  ? 22.892  -1.223  0.672   1.00 51.60 ? 8  LEU D CD1 1 
ATOM 1243 C CD2 . LEU D 2 8  ? 22.316  -3.664  0.922   1.00 52.42 ? 8  LEU D CD2 1 
ATOM 1244 N N   . GLY D 2 9  ? 26.060  -2.773  4.393   1.00 66.23 ? 9  GLY D N   1 
ATOM 1245 C CA  . GLY D 2 9  ? 26.982  -3.548  5.221   1.00 66.69 ? 9  GLY D CA  1 
ATOM 1246 C C   . GLY D 2 9  ? 27.589  -2.836  6.427   1.00 66.89 ? 9  GLY D C   1 
ATOM 1247 O O   . GLY D 2 9  ? 27.891  -3.458  7.455   1.00 66.52 ? 9  GLY D O   1 
# 
